data_2ZKI
#
_entry.id   2ZKI
#
_cell.length_a   105.624
_cell.length_b   194.995
_cell.length_c   100.851
_cell.angle_alpha   90.00
_cell.angle_beta   90.00
_cell.angle_gamma   90.00
#
_symmetry.space_group_name_H-M   'P 21 21 2'
#
loop_
_entity.id
_entity.type
_entity.pdbx_description
1 polymer '199aa long hypothetical Trp repressor binding protein'
2 non-polymer 'SULFATE ION'
3 water water
#
_entity_poly.entity_id   1
_entity_poly.type   'polypeptide(L)'
_entity_poly.pdbx_seq_one_letter_code
;MSCKPNILVLFYGYGSIVELAKEIGKGAEEAGAEVKIRRVRETLPPEFQSRIPFDKVKDIPEVTLDDMRWADGFAIGSPT
RYGNMAGGLKTFLDTTAILWKDNVLYGKPVTFFTEASTVHGGHETTILTMSTYAYHFGMIIVPIGYGIPELFQTTTGGGP
YGATHLGSKEELDEMERKIARFQGKRITEVAKAIKCCNK
;
_entity_poly.pdbx_strand_id   A,B,C,D,E,F,G,H
#
# COMPACT_ATOMS: atom_id res chain seq x y z
N CYS A 3 5.48 41.08 -12.82
CA CYS A 3 4.70 40.23 -11.87
C CYS A 3 5.44 38.94 -11.53
N LYS A 4 5.62 38.69 -10.23
CA LYS A 4 6.39 37.54 -9.75
C LYS A 4 5.71 36.97 -8.50
N PRO A 5 5.45 35.64 -8.50
CA PRO A 5 4.73 35.01 -7.39
C PRO A 5 5.62 34.64 -6.20
N ASN A 6 5.07 34.80 -5.01
CA ASN A 6 5.77 34.39 -3.78
C ASN A 6 5.39 32.97 -3.39
N ILE A 7 6.38 32.12 -3.23
CA ILE A 7 6.17 30.73 -2.89
C ILE A 7 6.69 30.43 -1.49
N LEU A 8 5.78 30.00 -0.60
CA LEU A 8 6.16 29.59 0.74
C LEU A 8 6.25 28.07 0.83
N VAL A 9 7.43 27.58 1.18
CA VAL A 9 7.61 26.16 1.44
C VAL A 9 7.55 25.94 2.95
N LEU A 10 6.43 25.38 3.39
CA LEU A 10 6.16 25.15 4.80
C LEU A 10 6.25 23.66 5.11
N PHE A 11 6.92 23.32 6.21
CA PHE A 11 7.11 21.92 6.57
C PHE A 11 7.33 21.67 8.06
N TYR A 12 6.93 20.49 8.52
CA TYR A 12 7.37 19.96 9.80
C TYR A 12 8.47 18.94 9.52
N GLY A 13 9.44 18.83 10.44
CA GLY A 13 10.41 17.74 10.36
C GLY A 13 11.88 18.11 10.49
N TYR A 14 12.72 17.08 10.55
CA TYR A 14 14.13 17.23 10.83
C TYR A 14 15.01 16.34 9.94
N GLY A 15 14.37 15.46 9.18
CA GLY A 15 15.08 14.47 8.36
C GLY A 15 15.07 14.73 6.86
N SER A 16 14.65 13.72 6.11
CA SER A 16 14.61 13.78 4.64
C SER A 16 13.55 14.72 4.08
N ILE A 17 12.58 15.09 4.93
CA ILE A 17 11.53 16.05 4.56
C ILE A 17 12.12 17.44 4.33
N VAL A 18 13.19 17.75 5.06
CA VAL A 18 13.91 19.02 4.92
C VAL A 18 14.54 19.15 3.54
N GLU A 19 15.22 18.09 3.09
CA GLU A 19 15.83 18.07 1.77
C GLU A 19 14.78 18.15 0.66
N LEU A 20 13.63 17.52 0.90
CA LEU A 20 12.49 17.63 -0.01
C LEU A 20 12.00 19.08 -0.14
N ALA A 21 12.00 19.80 0.98
CA ALA A 21 11.59 21.20 1.04
C ALA A 21 12.53 22.13 0.28
N LYS A 22 13.83 21.86 0.36
CA LYS A 22 14.86 22.63 -0.35
C LYS A 22 14.77 22.47 -1.87
N GLU A 23 14.49 21.24 -2.30
CA GLU A 23 14.38 20.92 -3.73
C GLU A 23 13.15 21.54 -4.37
N ILE A 24 12.03 21.52 -3.66
CA ILE A 24 10.81 22.20 -4.11
C ILE A 24 11.06 23.71 -4.19
N GLY A 25 11.83 24.23 -3.24
CA GLY A 25 12.25 25.63 -3.26
C GLY A 25 13.11 25.95 -4.47
N LYS A 26 14.06 25.07 -4.76
CA LYS A 26 14.98 25.23 -5.89
C LYS A 26 14.22 25.22 -7.22
N GLY A 27 13.31 24.26 -7.38
CA GLY A 27 12.50 24.14 -8.58
C GLY A 27 11.60 25.34 -8.81
N ALA A 28 11.11 25.94 -7.73
CA ALA A 28 10.29 27.14 -7.80
C ALA A 28 11.13 28.37 -8.17
N GLU A 29 12.36 28.42 -7.68
CA GLU A 29 13.30 29.49 -8.03
C GLU A 29 13.72 29.42 -9.49
N GLU A 30 13.91 28.20 -10.00
CA GLU A 30 14.22 27.97 -11.40
C GLU A 30 13.03 28.28 -12.31
N ALA A 31 11.83 28.25 -11.73
CA ALA A 31 10.61 28.66 -12.41
C ALA A 31 10.42 30.18 -12.39
N GLY A 32 11.11 30.85 -11.47
CA GLY A 32 11.11 32.32 -11.39
C GLY A 32 10.20 32.87 -10.30
N ALA A 33 10.53 32.54 -9.06
CA ALA A 33 9.72 32.97 -7.92
C ALA A 33 10.57 33.20 -6.68
N GLU A 34 10.12 34.11 -5.81
CA GLU A 34 10.77 34.33 -4.53
C GLU A 34 10.33 33.23 -3.57
N VAL A 35 11.31 32.55 -2.97
CA VAL A 35 11.03 31.39 -2.12
C VAL A 35 11.48 31.58 -0.67
N LYS A 36 10.51 31.51 0.24
CA LYS A 36 10.79 31.46 1.67
C LYS A 36 10.54 30.04 2.20
N ILE A 37 11.59 29.42 2.71
CA ILE A 37 11.49 28.09 3.33
C ILE A 37 11.36 28.27 4.85
N ARG A 38 10.24 27.81 5.39
CA ARG A 38 9.94 27.97 6.81
C ARG A 38 9.52 26.64 7.43
N ARG A 39 9.86 26.45 8.70
CA ARG A 39 9.41 25.28 9.47
C ARG A 39 8.46 25.69 10.60
N VAL A 40 7.77 24.71 11.18
CA VAL A 40 6.82 24.98 12.27
C VAL A 40 7.41 24.65 13.65
N ARG A 41 6.80 25.24 14.67
CA ARG A 41 7.16 25.01 16.07
C ARG A 41 6.88 23.57 16.48
N GLU A 42 7.72 23.02 17.35
CA GLU A 42 7.52 21.67 17.88
C GLU A 42 6.47 21.67 18.99
N THR A 43 5.60 20.66 18.98
CA THR A 43 4.51 20.53 19.94
C THR A 43 4.63 19.30 20.84
N LEU A 44 5.48 18.35 20.43
CA LEU A 44 5.72 17.14 21.21
C LEU A 44 6.25 17.47 22.60
N PRO A 45 5.77 16.75 23.63
CA PRO A 45 6.27 16.93 25.01
C PRO A 45 7.76 16.56 25.13
N PRO A 46 8.47 17.18 26.09
CA PRO A 46 9.92 16.99 26.32
C PRO A 46 10.39 15.52 26.28
N GLU A 47 9.58 14.60 26.82
CA GLU A 47 9.93 13.17 26.87
C GLU A 47 10.30 12.62 25.49
N PHE A 48 9.51 12.98 24.48
CA PHE A 48 9.67 12.44 23.14
C PHE A 48 10.54 13.33 22.23
N GLN A 49 11.40 14.13 22.87
CA GLN A 49 12.36 14.98 22.16
C GLN A 49 13.80 14.56 22.49
N SER A 50 13.98 13.28 22.84
CA SER A 50 15.28 12.73 23.21
C SER A 50 16.23 12.60 22.01
N ARG A 51 15.68 12.14 20.88
CA ARG A 51 16.49 11.87 19.70
C ARG A 51 16.03 12.72 18.51
N ILE A 52 16.15 14.04 18.65
CA ILE A 52 15.79 14.98 17.58
C ILE A 52 16.96 15.90 17.24
N PRO A 53 17.41 15.89 15.97
CA PRO A 53 18.50 16.75 15.53
C PRO A 53 17.99 18.13 15.10
N PHE A 54 17.88 19.04 16.06
CA PHE A 54 17.45 20.42 15.81
C PHE A 54 18.46 21.17 14.95
N ASP A 55 19.73 20.78 15.08
CA ASP A 55 20.86 21.39 14.36
C ASP A 55 20.77 21.27 12.84
N LYS A 56 19.97 20.31 12.38
CA LYS A 56 19.71 20.13 10.94
C LYS A 56 18.77 21.21 10.39
N VAL A 57 18.01 21.84 11.28
CA VAL A 57 16.97 22.80 10.90
C VAL A 57 17.21 24.21 11.48
N LYS A 58 18.36 24.39 12.13
CA LYS A 58 18.65 25.68 12.80
C LYS A 58 18.94 26.84 11.84
N ASP A 59 19.25 26.51 10.59
CA ASP A 59 19.41 27.53 9.55
C ASP A 59 18.07 28.01 8.99
N ILE A 60 17.05 27.17 9.12
CA ILE A 60 15.70 27.49 8.62
C ILE A 60 14.85 28.15 9.73
N PRO A 61 14.44 29.40 9.51
CA PRO A 61 13.65 30.16 10.48
C PRO A 61 12.24 29.58 10.68
N GLU A 62 11.64 29.89 11.82
CA GLU A 62 10.26 29.47 12.10
C GLU A 62 9.27 30.31 11.31
N VAL A 63 8.16 29.68 10.92
CA VAL A 63 7.11 30.35 10.17
C VAL A 63 6.32 31.31 11.05
N THR A 64 5.93 32.44 10.48
CA THR A 64 5.05 33.39 11.14
C THR A 64 3.76 33.53 10.33
N LEU A 65 2.74 34.14 10.93
CA LEU A 65 1.47 34.37 10.22
C LEU A 65 1.60 35.42 9.12
N ASP A 66 2.67 36.21 9.15
CA ASP A 66 2.99 37.15 8.08
C ASP A 66 3.43 36.43 6.82
N ASP A 67 4.12 35.29 7.00
CA ASP A 67 4.58 34.45 5.90
C ASP A 67 3.43 33.91 5.04
N MET A 68 2.29 33.66 5.68
CA MET A 68 1.10 33.18 4.99
C MET A 68 0.45 34.30 4.17
N ARG A 69 0.50 35.52 4.69
CA ARG A 69 -0.03 36.70 3.99
C ARG A 69 0.86 37.07 2.80
N TRP A 70 2.17 36.92 2.99
CA TRP A 70 3.18 37.23 2.00
C TRP A 70 3.03 36.39 0.74
N ALA A 71 2.82 35.09 0.94
CA ALA A 71 2.83 34.10 -0.14
C ALA A 71 1.65 34.22 -1.10
N ASP A 72 1.92 33.89 -2.36
CA ASP A 72 0.88 33.78 -3.39
C ASP A 72 0.62 32.30 -3.72
N GLY A 73 1.46 31.42 -3.18
CA GLY A 73 1.37 29.97 -3.38
C GLY A 73 2.09 29.21 -2.29
N PHE A 74 1.62 27.99 -2.03
CA PHE A 74 2.08 27.21 -0.87
C PHE A 74 2.54 25.80 -1.20
N ALA A 75 3.67 25.41 -0.61
CA ALA A 75 4.14 24.02 -0.65
C ALA A 75 4.21 23.50 0.78
N ILE A 76 3.11 22.90 1.23
CA ILE A 76 2.97 22.45 2.62
C ILE A 76 3.27 20.95 2.75
N GLY A 77 4.22 20.62 3.63
CA GLY A 77 4.66 19.25 3.78
C GLY A 77 4.89 18.79 5.22
N SER A 78 4.94 17.48 5.39
CA SER A 78 5.15 16.83 6.69
C SER A 78 5.39 15.35 6.50
N PRO A 79 6.31 14.75 7.29
CA PRO A 79 6.46 13.30 7.25
C PRO A 79 5.19 12.63 7.77
N THR A 80 4.83 11.50 7.18
CA THR A 80 3.59 10.82 7.54
C THR A 80 3.55 10.47 9.03
N ARG A 81 2.41 10.74 9.66
CA ARG A 81 2.17 10.31 11.03
C ARG A 81 0.87 9.53 11.09
N TYR A 82 0.96 8.28 10.61
CA TYR A 82 -0.17 7.33 10.58
C TYR A 82 -1.29 7.83 9.64
N GLY A 83 -0.89 8.26 8.46
CA GLY A 83 -1.82 8.67 7.41
C GLY A 83 -2.19 10.15 7.45
N ASN A 84 -1.78 10.82 8.51
CA ASN A 84 -2.03 12.24 8.68
C ASN A 84 -0.73 13.01 8.82
N MET A 85 -0.82 14.33 8.84
CA MET A 85 0.33 15.21 9.09
C MET A 85 0.74 15.12 10.56
N ALA A 86 1.95 15.62 10.87
CA ALA A 86 2.44 15.65 12.24
C ALA A 86 1.69 16.65 13.11
N GLY A 87 1.73 16.42 14.42
CA GLY A 87 1.05 17.28 15.39
C GLY A 87 1.52 18.72 15.39
N GLY A 88 2.81 18.91 15.09
CA GLY A 88 3.41 20.24 14.99
C GLY A 88 2.84 21.11 13.88
N LEU A 89 2.65 20.51 12.71
CA LEU A 89 2.07 21.21 11.57
C LEU A 89 0.58 21.43 11.77
N LYS A 90 -0.09 20.42 12.35
CA LYS A 90 -1.53 20.50 12.61
C LYS A 90 -1.86 21.61 13.61
N THR A 91 -1.00 21.79 14.62
CA THR A 91 -1.20 22.85 15.61
C THR A 91 -1.02 24.24 14.99
N PHE A 92 0.01 24.43 14.17
CA PHE A 92 0.21 25.70 13.49
C PHE A 92 -0.94 26.04 12.55
N LEU A 93 -1.45 25.04 11.85
CA LEU A 93 -2.58 25.24 10.94
C LEU A 93 -3.86 25.59 11.70
N ASP A 94 -3.94 25.15 12.95
CA ASP A 94 -5.06 25.49 13.81
C ASP A 94 -5.00 26.95 14.25
N THR A 95 -3.79 27.51 14.33
CA THR A 95 -3.60 28.92 14.70
C THR A 95 -3.94 29.89 13.57
N THR A 96 -4.10 29.37 12.35
CA THR A 96 -4.43 30.20 11.18
C THR A 96 -5.93 30.54 11.08
N ALA A 97 -6.63 30.47 12.21
CA ALA A 97 -8.06 30.74 12.26
C ALA A 97 -8.44 32.16 11.87
N ILE A 98 -7.55 33.12 12.14
CA ILE A 98 -7.79 34.51 11.76
C ILE A 98 -7.64 34.72 10.25
N LEU A 99 -6.73 33.98 9.63
CA LEU A 99 -6.54 34.02 8.19
C LEU A 99 -7.75 33.42 7.47
N TRP A 100 -8.40 32.47 8.15
CA TRP A 100 -9.60 31.83 7.63
C TRP A 100 -10.80 32.79 7.63
N LYS A 101 -10.93 33.54 8.72
CA LYS A 101 -12.06 34.48 8.88
C LYS A 101 -11.90 35.73 8.03
N ASP A 102 -10.67 36.04 7.65
CA ASP A 102 -10.36 37.20 6.81
C ASP A 102 -10.23 36.88 5.31
N ASN A 103 -10.38 35.60 4.96
CA ASN A 103 -10.28 35.11 3.57
C ASN A 103 -8.96 35.46 2.88
N VAL A 104 -7.88 35.45 3.64
CA VAL A 104 -6.54 35.84 3.15
C VAL A 104 -6.02 34.85 2.12
N LEU A 105 -6.21 33.56 2.38
CA LEU A 105 -5.67 32.50 1.52
C LEU A 105 -6.67 32.05 0.44
N TYR A 106 -7.87 32.62 0.44
CA TYR A 106 -8.90 32.22 -0.51
C TYR A 106 -8.47 32.36 -1.96
N GLY A 107 -8.53 31.27 -2.70
CA GLY A 107 -8.19 31.25 -4.12
C GLY A 107 -6.74 30.94 -4.42
N LYS A 108 -5.90 30.90 -3.39
CA LYS A 108 -4.47 30.65 -3.55
C LYS A 108 -4.20 29.15 -3.78
N PRO A 109 -3.23 28.84 -4.65
CA PRO A 109 -2.84 27.45 -4.90
C PRO A 109 -1.99 26.82 -3.78
N VAL A 110 -2.21 25.54 -3.53
CA VAL A 110 -1.46 24.78 -2.53
C VAL A 110 -1.09 23.40 -3.05
N THR A 111 0.15 22.99 -2.78
CA THR A 111 0.62 21.65 -3.14
C THR A 111 1.18 20.94 -1.90
N PHE A 112 1.07 19.62 -1.88
CA PHE A 112 1.45 18.85 -0.70
C PHE A 112 2.54 17.83 -0.98
N PHE A 113 3.41 17.63 0.00
CA PHE A 113 4.47 16.64 -0.05
C PHE A 113 4.68 15.94 1.30
N THR A 114 5.15 14.71 1.25
CA THR A 114 5.26 13.88 2.45
C THR A 114 6.43 12.89 2.36
N GLU A 115 6.56 12.05 3.37
CA GLU A 115 7.65 11.07 3.46
C GLU A 115 7.18 9.91 4.34
N ALA A 116 7.54 8.68 3.94
CA ALA A 116 7.23 7.49 4.72
C ALA A 116 8.38 6.48 4.64
N SER A 117 8.57 5.73 5.73
CA SER A 117 9.63 4.73 5.79
C SER A 117 9.33 3.48 4.96
N THR A 118 8.08 2.99 5.03
CA THR A 118 7.66 1.81 4.28
C THR A 118 7.04 2.17 2.92
N VAL A 119 7.08 1.23 1.99
CA VAL A 119 6.68 1.45 0.59
C VAL A 119 5.24 1.98 0.40
N HIS A 120 4.30 1.49 1.22
CA HIS A 120 2.93 2.00 1.18
C HIS A 120 2.45 2.37 2.59
N GLY A 121 3.29 3.09 3.33
CA GLY A 121 2.99 3.49 4.70
C GLY A 121 2.63 4.94 4.89
N GLY A 122 1.97 5.53 3.89
CA GLY A 122 1.45 6.89 3.99
C GLY A 122 2.00 7.86 2.97
N HIS A 123 2.41 7.34 1.80
CA HIS A 123 2.95 8.17 0.73
C HIS A 123 1.89 8.97 -0.02
N GLU A 124 0.65 8.49 0.04
CA GLU A 124 -0.43 9.08 -0.74
C GLU A 124 -1.66 9.49 0.08
N THR A 125 -1.93 8.77 1.17
CA THR A 125 -3.05 9.09 2.06
C THR A 125 -2.80 10.37 2.87
N THR A 126 -1.56 10.57 3.29
CA THR A 126 -1.16 11.76 4.03
C THR A 126 -1.51 13.03 3.26
N ILE A 127 -1.26 13.00 1.95
CA ILE A 127 -1.58 14.13 1.08
C ILE A 127 -3.10 14.32 0.93
N LEU A 128 -3.84 13.21 0.82
CA LEU A 128 -5.29 13.27 0.71
C LEU A 128 -5.94 13.80 1.99
N THR A 129 -5.38 13.44 3.14
CA THR A 129 -5.89 13.91 4.43
C THR A 129 -5.56 15.38 4.65
N MET A 130 -4.31 15.76 4.34
CA MET A 130 -3.87 17.15 4.45
C MET A 130 -4.69 18.12 3.61
N SER A 131 -5.24 17.62 2.51
CA SER A 131 -5.90 18.48 1.52
C SER A 131 -7.22 19.05 1.99
N THR A 132 -7.81 18.45 3.04
CA THR A 132 -9.08 18.94 3.58
C THR A 132 -8.99 20.39 4.05
N TYR A 133 -7.79 20.79 4.47
CA TYR A 133 -7.49 22.17 4.83
C TYR A 133 -7.85 23.13 3.70
N ALA A 134 -7.46 22.78 2.48
CA ALA A 134 -7.67 23.62 1.30
C ALA A 134 -9.14 23.86 0.98
N TYR A 135 -9.99 22.89 1.30
CA TYR A 135 -11.42 23.01 1.05
C TYR A 135 -12.08 24.05 1.96
N HIS A 136 -11.69 24.04 3.24
CA HIS A 136 -12.27 24.95 4.22
C HIS A 136 -11.81 26.39 4.02
N PHE A 137 -10.58 26.56 3.53
CA PHE A 137 -10.01 27.88 3.27
C PHE A 137 -10.32 28.38 1.86
N GLY A 138 -10.89 27.51 1.03
CA GLY A 138 -11.16 27.84 -0.37
C GLY A 138 -9.93 27.86 -1.25
N MET A 139 -8.84 27.29 -0.74
CA MET A 139 -7.57 27.20 -1.49
C MET A 139 -7.64 26.12 -2.56
N ILE A 140 -7.03 26.38 -3.71
CA ILE A 140 -7.02 25.41 -4.81
C ILE A 140 -5.83 24.45 -4.75
N ILE A 141 -6.11 23.15 -4.89
CA ILE A 141 -5.10 22.10 -4.75
C ILE A 141 -4.35 21.85 -6.07
N VAL A 142 -3.03 21.82 -5.99
CA VAL A 142 -2.18 21.54 -7.16
C VAL A 142 -1.45 20.20 -7.01
N PRO A 143 -1.98 19.15 -7.65
CA PRO A 143 -1.26 17.88 -7.74
C PRO A 143 -0.18 17.96 -8.82
N ILE A 144 0.78 17.05 -8.80
CA ILE A 144 1.79 16.99 -9.85
C ILE A 144 1.44 15.99 -10.95
N GLY A 145 0.64 14.98 -10.60
CA GLY A 145 0.15 13.99 -11.56
C GLY A 145 1.29 13.22 -12.19
N TYR A 146 1.34 13.23 -13.52
CA TYR A 146 2.41 12.58 -14.26
C TYR A 146 2.95 13.52 -15.33
N GLY A 147 3.35 14.71 -14.91
CA GLY A 147 3.90 15.74 -15.79
C GLY A 147 5.23 15.35 -16.41
N ILE A 148 6.18 14.95 -15.56
CA ILE A 148 7.50 14.50 -16.03
C ILE A 148 7.58 12.97 -16.11
N PRO A 149 8.39 12.44 -17.07
CA PRO A 149 8.51 11.00 -17.25
C PRO A 149 9.06 10.23 -16.04
N GLU A 150 9.72 10.95 -15.13
CA GLU A 150 10.27 10.36 -13.90
C GLU A 150 9.18 9.85 -12.95
N LEU A 151 7.97 10.43 -13.06
CA LEU A 151 6.84 10.04 -12.21
C LEU A 151 6.28 8.67 -12.58
N PHE A 152 6.43 8.29 -13.84
CA PHE A 152 6.13 6.93 -14.28
C PHE A 152 7.24 5.98 -13.81
N GLN A 153 8.49 6.45 -13.91
CA GLN A 153 9.68 5.62 -13.72
C GLN A 153 10.02 5.28 -12.27
N THR A 154 9.79 6.24 -11.37
CA THR A 154 10.23 6.11 -9.97
C THR A 154 9.77 4.82 -9.31
N THR A 155 10.68 4.16 -8.61
CA THR A 155 10.40 2.95 -7.85
C THR A 155 10.57 3.22 -6.36
N THR A 156 11.05 4.42 -6.04
CA THR A 156 11.32 4.82 -4.66
C THR A 156 10.25 5.77 -4.13
N GLY A 157 10.50 7.07 -4.22
CA GLY A 157 9.57 8.08 -3.75
C GLY A 157 8.98 8.91 -4.88
N GLY A 158 7.84 9.54 -4.62
CA GLY A 158 7.17 10.37 -5.62
C GLY A 158 5.95 9.70 -6.22
N GLY A 159 4.99 10.53 -6.62
CA GLY A 159 3.74 10.04 -7.20
C GLY A 159 2.83 11.17 -7.60
N PRO A 160 1.62 10.85 -8.11
CA PRO A 160 0.69 11.87 -8.59
C PRO A 160 0.16 12.81 -7.50
N TYR A 161 0.08 12.30 -6.28
CA TYR A 161 -0.43 13.07 -5.14
C TYR A 161 0.57 14.13 -4.67
N GLY A 162 1.87 13.81 -4.77
CA GLY A 162 2.93 14.75 -4.42
C GLY A 162 4.30 14.10 -4.35
N ALA A 163 5.32 14.93 -4.16
CA ALA A 163 6.69 14.45 -3.99
C ALA A 163 6.88 13.76 -2.64
N THR A 164 7.55 12.62 -2.66
CA THR A 164 7.80 11.87 -1.43
C THR A 164 9.23 11.32 -1.39
N HIS A 165 9.62 10.82 -0.22
CA HIS A 165 10.85 10.06 -0.06
C HIS A 165 10.54 8.71 0.58
N LEU A 166 11.20 7.66 0.08
CA LEU A 166 11.04 6.32 0.61
C LEU A 166 12.23 5.92 1.49
N GLY A 167 11.92 5.39 2.67
CA GLY A 167 12.94 4.93 3.61
C GLY A 167 13.20 5.91 4.74
N SER A 168 13.97 5.45 5.73
CA SER A 168 14.35 6.28 6.89
C SER A 168 15.66 7.05 6.66
N LYS A 169 16.24 6.89 5.48
CA LYS A 169 17.43 7.64 5.07
C LYS A 169 17.13 9.12 4.95
N GLU A 170 18.17 9.95 4.97
CA GLU A 170 18.01 11.39 4.82
C GLU A 170 18.26 11.87 3.38
N GLU A 171 19.20 11.22 2.69
CA GLU A 171 19.58 11.61 1.34
C GLU A 171 18.57 11.14 0.30
N LEU A 172 18.12 12.09 -0.53
CA LEU A 172 17.19 11.79 -1.63
C LEU A 172 17.95 11.28 -2.84
N ASP A 173 17.36 10.30 -3.54
CA ASP A 173 17.93 9.81 -4.81
C ASP A 173 17.57 10.72 -5.98
N GLU A 174 18.19 10.48 -7.14
CA GLU A 174 18.03 11.32 -8.33
C GLU A 174 16.57 11.52 -8.75
N MET A 175 15.81 10.43 -8.80
CA MET A 175 14.40 10.44 -9.17
C MET A 175 13.59 11.39 -8.30
N GLU A 176 13.84 11.36 -7.00
CA GLU A 176 13.08 12.13 -6.01
C GLU A 176 13.33 13.63 -6.11
N ARG A 177 14.59 14.01 -6.34
CA ARG A 177 14.97 15.43 -6.49
C ARG A 177 14.34 16.04 -7.74
N LYS A 178 14.32 15.25 -8.83
CA LYS A 178 13.70 15.66 -10.09
C LYS A 178 12.21 15.90 -9.90
N ILE A 179 11.57 15.03 -9.12
CA ILE A 179 10.14 15.10 -8.86
C ILE A 179 9.79 16.26 -7.91
N ALA A 180 10.64 16.48 -6.92
CA ALA A 180 10.45 17.58 -5.96
C ALA A 180 10.61 18.94 -6.62
N ARG A 181 11.67 19.09 -7.42
CA ARG A 181 11.90 20.32 -8.19
C ARG A 181 10.74 20.59 -9.15
N PHE A 182 10.17 19.53 -9.71
CA PHE A 182 9.01 19.65 -10.59
C PHE A 182 7.78 20.18 -9.86
N GLN A 183 7.59 19.73 -8.62
CA GLN A 183 6.47 20.20 -7.80
C GLN A 183 6.56 21.70 -7.54
N GLY A 184 7.77 22.17 -7.27
CA GLY A 184 8.04 23.59 -7.11
C GLY A 184 7.77 24.38 -8.38
N LYS A 185 8.09 23.76 -9.52
CA LYS A 185 7.81 24.36 -10.82
C LYS A 185 6.31 24.40 -11.06
N ARG A 186 5.63 23.32 -10.66
CA ARG A 186 4.19 23.17 -10.87
C ARG A 186 3.35 24.15 -10.04
N ILE A 187 3.76 24.39 -8.80
CA ILE A 187 3.04 25.33 -7.91
C ILE A 187 3.24 26.78 -8.32
N THR A 188 4.43 27.10 -8.82
CA THR A 188 4.76 28.45 -9.28
C THR A 188 3.92 28.84 -10.48
N GLU A 189 3.74 27.91 -11.41
CA GLU A 189 2.96 28.15 -12.63
C GLU A 189 1.51 28.51 -12.33
N VAL A 190 0.91 27.83 -11.36
CA VAL A 190 -0.47 28.09 -10.95
C VAL A 190 -0.54 29.39 -10.16
N ALA A 191 0.50 29.67 -9.37
CA ALA A 191 0.57 30.86 -8.54
C ALA A 191 0.55 32.15 -9.35
N LYS A 192 1.31 32.19 -10.43
CA LYS A 192 1.37 33.38 -11.28
C LYS A 192 0.16 33.47 -12.22
N ALA A 193 -0.52 32.36 -12.44
CA ALA A 193 -1.74 32.35 -13.26
C ALA A 193 -2.91 32.99 -12.54
N ILE A 194 -2.99 32.77 -11.22
CA ILE A 194 -4.06 33.34 -10.40
C ILE A 194 -3.78 34.81 -10.10
N LYS A 195 -2.54 35.13 -9.76
CA LYS A 195 -2.15 36.48 -9.37
C LYS A 195 -2.07 37.45 -10.56
N CYS A 196 -1.23 37.12 -11.54
CA CYS A 196 -0.88 38.03 -12.64
C CYS A 196 -1.94 38.15 -13.73
N CYS A 197 -2.42 37.00 -14.20
CA CYS A 197 -3.35 36.94 -15.34
C CYS A 197 -4.59 37.83 -15.20
N ASN A 198 -5.18 37.86 -14.00
CA ASN A 198 -6.32 38.72 -13.71
C ASN A 198 -6.13 39.54 -12.43
N CYS B 3 -10.97 36.21 -24.78
CA CYS B 3 -10.54 34.96 -24.09
C CYS B 3 -11.59 34.52 -23.05
N LYS B 4 -12.42 33.55 -23.44
CA LYS B 4 -13.37 32.95 -22.51
C LYS B 4 -13.20 31.42 -22.42
N PRO B 5 -13.28 30.86 -21.20
CA PRO B 5 -13.08 29.42 -21.02
C PRO B 5 -14.33 28.60 -21.32
N ASN B 6 -14.10 27.33 -21.66
CA ASN B 6 -15.19 26.37 -21.81
C ASN B 6 -15.36 25.60 -20.52
N ILE B 7 -16.60 25.54 -20.03
CA ILE B 7 -16.90 24.79 -18.81
C ILE B 7 -17.85 23.64 -19.10
N LEU B 8 -17.39 22.43 -18.80
CA LEU B 8 -18.21 21.24 -18.91
C LEU B 8 -18.81 20.90 -17.55
N VAL B 9 -20.13 20.83 -17.49
CA VAL B 9 -20.82 20.33 -16.30
C VAL B 9 -21.22 18.89 -16.57
N LEU B 10 -20.49 17.97 -15.94
CA LEU B 10 -20.66 16.54 -16.15
C LEU B 10 -21.25 15.90 -14.90
N PHE B 11 -22.31 15.12 -15.06
CA PHE B 11 -23.00 14.51 -13.93
C PHE B 11 -23.65 13.17 -14.23
N TYR B 12 -23.82 12.36 -13.18
CA TYR B 12 -24.69 11.20 -13.21
C TYR B 12 -25.96 11.54 -12.45
N GLY B 13 -27.08 10.95 -12.84
CA GLY B 13 -28.30 11.05 -12.04
C GLY B 13 -29.53 11.59 -12.74
N TYR B 14 -30.63 11.64 -12.00
CA TYR B 14 -31.94 11.95 -12.56
C TYR B 14 -32.77 12.86 -11.64
N GLY B 15 -32.46 12.84 -10.35
CA GLY B 15 -33.20 13.61 -9.35
C GLY B 15 -32.72 15.05 -9.23
N SER B 16 -32.51 15.49 -7.99
CA SER B 16 -32.09 16.85 -7.68
C SER B 16 -30.74 17.26 -8.26
N ILE B 17 -29.92 16.25 -8.59
CA ILE B 17 -28.58 16.47 -9.15
C ILE B 17 -28.59 17.21 -10.50
N VAL B 18 -29.67 17.02 -11.26
CA VAL B 18 -29.85 17.68 -12.56
C VAL B 18 -30.04 19.19 -12.38
N GLU B 19 -30.87 19.55 -11.41
CA GLU B 19 -31.13 20.96 -11.08
C GLU B 19 -29.86 21.67 -10.61
N LEU B 20 -29.07 20.99 -9.78
CA LEU B 20 -27.77 21.48 -9.33
C LEU B 20 -26.81 21.71 -10.50
N ALA B 21 -26.84 20.79 -11.47
CA ALA B 21 -26.02 20.89 -12.67
C ALA B 21 -26.37 22.13 -13.48
N LYS B 22 -27.68 22.37 -13.62
CA LYS B 22 -28.19 23.53 -14.37
C LYS B 22 -27.87 24.85 -13.69
N GLU B 23 -27.89 24.85 -12.36
CA GLU B 23 -27.56 26.05 -11.57
C GLU B 23 -26.06 26.36 -11.60
N ILE B 24 -25.24 25.32 -11.71
CA ILE B 24 -23.79 25.48 -11.88
C ILE B 24 -23.52 26.01 -13.28
N GLY B 25 -24.29 25.52 -14.25
CA GLY B 25 -24.20 25.99 -15.63
C GLY B 25 -24.60 27.45 -15.76
N LYS B 26 -25.72 27.82 -15.12
CA LYS B 26 -26.23 29.18 -15.16
C LYS B 26 -25.25 30.16 -14.52
N GLY B 27 -24.72 29.79 -13.35
CA GLY B 27 -23.73 30.60 -12.64
C GLY B 27 -22.45 30.82 -13.43
N ALA B 28 -22.13 29.86 -14.31
CA ALA B 28 -20.94 29.94 -15.16
C ALA B 28 -21.16 30.83 -16.40
N GLU B 29 -22.40 30.87 -16.87
CA GLU B 29 -22.79 31.76 -17.97
C GLU B 29 -22.81 33.22 -17.51
N GLU B 30 -23.24 33.44 -16.26
CA GLU B 30 -23.24 34.76 -15.66
C GLU B 30 -21.82 35.29 -15.47
N ALA B 31 -20.88 34.36 -15.29
CA ALA B 31 -19.46 34.69 -15.15
C ALA B 31 -18.77 34.79 -16.51
N GLY B 32 -19.49 34.41 -17.57
CA GLY B 32 -19.03 34.58 -18.95
C GLY B 32 -18.24 33.42 -19.52
N ALA B 33 -18.87 32.25 -19.60
CA ALA B 33 -18.21 31.05 -20.10
C ALA B 33 -19.12 30.27 -21.05
N GLU B 34 -18.49 29.53 -21.96
CA GLU B 34 -19.22 28.62 -22.84
C GLU B 34 -19.52 27.34 -22.07
N VAL B 35 -20.80 27.04 -21.90
CA VAL B 35 -21.24 25.96 -21.01
C VAL B 35 -21.94 24.84 -21.75
N LYS B 36 -21.49 23.61 -21.49
CA LYS B 36 -22.17 22.41 -21.96
C LYS B 36 -22.48 21.49 -20.79
N ILE B 37 -23.77 21.16 -20.64
CA ILE B 37 -24.21 20.23 -19.60
C ILE B 37 -24.43 18.85 -20.21
N ARG B 38 -23.56 17.92 -19.86
CA ARG B 38 -23.62 16.55 -20.37
C ARG B 38 -23.80 15.54 -19.23
N ARG B 39 -24.38 14.39 -19.54
CA ARG B 39 -24.55 13.32 -18.57
C ARG B 39 -23.84 12.04 -19.01
N VAL B 40 -23.80 11.03 -18.14
CA VAL B 40 -23.09 9.79 -18.43
C VAL B 40 -24.03 8.63 -18.77
N ARG B 41 -23.45 7.60 -19.40
CA ARG B 41 -24.15 6.37 -19.74
C ARG B 41 -24.54 5.61 -18.47
N GLU B 42 -25.80 5.18 -18.39
CA GLU B 42 -26.29 4.37 -17.29
C GLU B 42 -25.68 2.97 -17.36
N THR B 43 -25.27 2.45 -16.21
CA THR B 43 -24.52 1.20 -16.16
C THR B 43 -25.15 0.13 -15.27
N LEU B 44 -26.14 0.52 -14.46
CA LEU B 44 -26.85 -0.41 -13.59
C LEU B 44 -27.52 -1.52 -14.40
N PRO B 45 -27.62 -2.74 -13.82
CA PRO B 45 -28.39 -3.80 -14.45
C PRO B 45 -29.83 -3.36 -14.68
N PRO B 46 -30.42 -3.73 -15.83
CA PRO B 46 -31.78 -3.28 -16.21
C PRO B 46 -32.86 -3.64 -15.19
N GLU B 47 -32.57 -4.63 -14.35
CA GLU B 47 -33.48 -5.06 -13.28
C GLU B 47 -33.50 -4.12 -12.07
N PHE B 48 -32.64 -3.10 -12.08
CA PHE B 48 -32.56 -2.14 -10.98
C PHE B 48 -33.02 -0.73 -11.36
N GLN B 49 -33.40 -0.57 -12.63
CA GLN B 49 -34.01 0.67 -13.11
C GLN B 49 -35.52 0.44 -13.18
N SER B 50 -36.29 1.13 -12.33
CA SER B 50 -37.71 0.79 -12.22
C SER B 50 -38.80 1.88 -12.42
N ARG B 51 -38.92 2.96 -11.63
CA ARG B 51 -38.02 3.54 -10.59
C ARG B 51 -36.63 4.05 -11.01
N ILE B 52 -36.53 4.45 -12.28
CA ILE B 52 -35.52 5.38 -12.77
C ILE B 52 -36.12 6.17 -13.95
N PRO B 53 -36.35 7.49 -13.75
CA PRO B 53 -36.97 8.29 -14.79
C PRO B 53 -35.96 8.87 -15.78
N PHE B 54 -36.03 8.40 -17.03
CA PHE B 54 -35.17 8.90 -18.10
C PHE B 54 -35.75 10.15 -18.75
N ASP B 55 -36.92 10.59 -18.28
CA ASP B 55 -37.63 11.73 -18.83
C ASP B 55 -37.04 13.06 -18.38
N LYS B 56 -36.45 13.06 -17.18
CA LYS B 56 -35.84 14.26 -16.62
C LYS B 56 -34.50 14.58 -17.29
N VAL B 57 -34.00 13.64 -18.10
CA VAL B 57 -32.72 13.78 -18.79
C VAL B 57 -32.84 13.67 -20.31
N LYS B 58 -34.02 14.01 -20.84
CA LYS B 58 -34.29 13.96 -22.28
C LYS B 58 -33.56 15.06 -23.05
N ASP B 59 -33.53 16.26 -22.48
CA ASP B 59 -32.87 17.41 -23.10
C ASP B 59 -31.36 17.41 -22.90
N ILE B 60 -30.88 16.62 -21.93
CA ILE B 60 -29.46 16.54 -21.62
C ILE B 60 -28.82 15.35 -22.37
N PRO B 61 -27.97 15.64 -23.37
CA PRO B 61 -27.33 14.60 -24.17
C PRO B 61 -26.17 13.93 -23.43
N GLU B 62 -25.85 12.70 -23.82
CA GLU B 62 -24.74 11.95 -23.24
C GLU B 62 -23.39 12.62 -23.53
N VAL B 63 -22.44 12.44 -22.61
CA VAL B 63 -21.11 13.01 -22.76
C VAL B 63 -20.26 12.20 -23.74
N THR B 64 -19.37 12.89 -24.43
CA THR B 64 -18.36 12.25 -25.27
C THR B 64 -16.96 12.60 -24.78
N LEU B 65 -15.94 11.90 -25.28
CA LEU B 65 -14.56 12.16 -24.88
C LEU B 65 -13.98 13.44 -25.48
N ASP B 66 -14.59 13.94 -26.56
CA ASP B 66 -14.17 15.22 -27.14
C ASP B 66 -14.66 16.42 -26.34
N ASP B 67 -15.73 16.21 -25.56
CA ASP B 67 -16.22 17.21 -24.60
C ASP B 67 -15.18 17.49 -23.52
N MET B 68 -14.33 16.49 -23.25
CA MET B 68 -13.27 16.60 -22.24
C MET B 68 -12.11 17.49 -22.69
N ARG B 69 -11.68 17.35 -23.95
CA ARG B 69 -10.63 18.20 -24.49
C ARG B 69 -11.16 19.58 -24.89
N TRP B 70 -12.45 19.66 -25.16
CA TRP B 70 -13.14 20.92 -25.43
C TRP B 70 -13.11 21.82 -24.20
N ALA B 71 -13.41 21.23 -23.04
CA ALA B 71 -13.47 21.96 -21.77
C ALA B 71 -12.12 22.51 -21.35
N ASP B 72 -12.16 23.67 -20.69
CA ASP B 72 -10.99 24.28 -20.07
C ASP B 72 -11.12 24.17 -18.56
N GLY B 73 -12.33 23.85 -18.10
CA GLY B 73 -12.64 23.58 -16.70
C GLY B 73 -13.76 22.57 -16.57
N PHE B 74 -13.87 21.94 -15.40
CA PHE B 74 -14.84 20.86 -15.18
C PHE B 74 -15.68 21.03 -13.91
N ALA B 75 -16.94 20.61 -14.01
CA ALA B 75 -17.81 20.48 -12.84
C ALA B 75 -18.39 19.07 -12.82
N ILE B 76 -17.59 18.14 -12.31
CA ILE B 76 -17.97 16.74 -12.24
C ILE B 76 -18.81 16.47 -10.99
N GLY B 77 -19.99 15.89 -11.19
CA GLY B 77 -20.92 15.64 -10.10
C GLY B 77 -21.63 14.31 -10.15
N SER B 78 -22.11 13.87 -8.98
CA SER B 78 -22.87 12.65 -8.83
C SER B 78 -23.56 12.66 -7.46
N PRO B 79 -24.80 12.12 -7.39
CA PRO B 79 -25.41 11.89 -6.09
C PRO B 79 -24.57 10.86 -5.34
N THR B 80 -24.62 10.90 -4.01
CA THR B 80 -23.80 9.99 -3.21
C THR B 80 -24.28 8.55 -3.34
N ARG B 81 -23.32 7.64 -3.45
CA ARG B 81 -23.58 6.21 -3.35
C ARG B 81 -22.69 5.66 -2.26
N TYR B 82 -23.08 5.93 -1.01
CA TYR B 82 -22.36 5.48 0.19
C TYR B 82 -20.94 6.05 0.30
N GLY B 83 -20.84 7.37 0.16
CA GLY B 83 -19.57 8.08 0.32
C GLY B 83 -18.73 8.17 -0.95
N ASN B 84 -19.16 7.48 -1.99
CA ASN B 84 -18.48 7.51 -3.28
C ASN B 84 -19.41 7.98 -4.39
N MET B 85 -18.82 8.25 -5.56
CA MET B 85 -19.59 8.52 -6.78
C MET B 85 -20.32 7.25 -7.23
N ALA B 86 -21.33 7.41 -8.07
CA ALA B 86 -22.11 6.29 -8.59
C ALA B 86 -21.33 5.45 -9.59
N GLY B 87 -21.80 4.23 -9.81
CA GLY B 87 -21.21 3.31 -10.78
C GLY B 87 -21.14 3.91 -12.17
N GLY B 88 -22.20 4.64 -12.55
CA GLY B 88 -22.30 5.30 -13.85
C GLY B 88 -21.19 6.28 -14.16
N LEU B 89 -20.91 7.16 -13.20
CA LEU B 89 -19.83 8.14 -13.35
C LEU B 89 -18.46 7.46 -13.25
N LYS B 90 -18.33 6.52 -12.32
CA LYS B 90 -17.07 5.81 -12.12
C LYS B 90 -16.65 5.05 -13.38
N THR B 91 -17.62 4.40 -14.03
CA THR B 91 -17.35 3.63 -15.25
C THR B 91 -16.92 4.55 -16.39
N PHE B 92 -17.53 5.73 -16.50
CA PHE B 92 -17.11 6.71 -17.50
C PHE B 92 -15.70 7.24 -17.24
N LEU B 93 -15.39 7.56 -15.99
CA LEU B 93 -14.05 8.04 -15.62
C LEU B 93 -12.99 6.96 -15.85
N ASP B 94 -13.40 5.71 -15.91
CA ASP B 94 -12.51 4.61 -16.28
C ASP B 94 -12.21 4.63 -17.78
N THR B 95 -13.16 5.08 -18.58
CA THR B 95 -12.99 5.17 -20.04
C THR B 95 -12.10 6.35 -20.46
N THR B 96 -11.71 7.18 -19.49
CA THR B 96 -10.84 8.31 -19.78
C THR B 96 -9.36 7.91 -19.69
N ALA B 97 -9.10 6.60 -19.75
CA ALA B 97 -7.74 6.06 -19.78
C ALA B 97 -7.04 6.40 -21.10
N ILE B 98 -7.84 6.69 -22.13
CA ILE B 98 -7.35 7.15 -23.42
C ILE B 98 -6.72 8.54 -23.28
N LEU B 99 -7.35 9.38 -22.47
CA LEU B 99 -6.90 10.76 -22.25
C LEU B 99 -5.75 10.86 -21.23
N TRP B 100 -5.54 9.77 -20.49
CA TRP B 100 -4.61 9.78 -19.35
C TRP B 100 -3.14 9.86 -19.76
N LYS B 101 -2.70 8.89 -20.56
CA LYS B 101 -1.27 8.75 -20.88
C LYS B 101 -0.69 9.98 -21.56
N ASP B 102 -1.48 10.59 -22.46
CA ASP B 102 -1.02 11.75 -23.24
C ASP B 102 -1.36 13.10 -22.58
N ASN B 103 -1.78 13.05 -21.32
CA ASN B 103 -2.01 14.26 -20.50
C ASN B 103 -2.93 15.32 -21.12
N VAL B 104 -4.05 14.88 -21.68
CA VAL B 104 -5.04 15.79 -22.26
C VAL B 104 -5.62 16.74 -21.20
N LEU B 105 -6.01 16.18 -20.06
CA LEU B 105 -6.68 16.94 -19.01
C LEU B 105 -5.71 17.62 -18.02
N TYR B 106 -4.41 17.46 -18.25
CA TYR B 106 -3.40 17.97 -17.34
C TYR B 106 -3.52 19.48 -17.12
N GLY B 107 -3.50 19.89 -15.85
CA GLY B 107 -3.49 21.30 -15.48
C GLY B 107 -4.84 22.01 -15.53
N LYS B 108 -5.87 21.30 -15.98
CA LYS B 108 -7.20 21.90 -16.10
C LYS B 108 -8.00 21.76 -14.81
N PRO B 109 -8.62 22.88 -14.36
CA PRO B 109 -9.40 22.94 -13.11
C PRO B 109 -10.59 22.00 -13.06
N VAL B 110 -10.92 21.54 -11.87
CA VAL B 110 -12.11 20.71 -11.64
C VAL B 110 -12.77 21.07 -10.30
N THR B 111 -14.10 21.06 -10.29
CA THR B 111 -14.88 21.27 -9.07
C THR B 111 -15.94 20.17 -8.93
N PHE B 112 -16.22 19.77 -7.71
CA PHE B 112 -17.08 18.62 -7.48
C PHE B 112 -18.34 18.99 -6.71
N PHE B 113 -19.44 18.32 -7.04
CA PHE B 113 -20.72 18.50 -6.34
C PHE B 113 -21.48 17.19 -6.20
N THR B 114 -22.27 17.08 -5.13
CA THR B 114 -23.05 15.86 -4.85
C THR B 114 -24.42 16.18 -4.24
N GLU B 115 -25.11 15.15 -3.73
CA GLU B 115 -26.34 15.32 -2.95
C GLU B 115 -26.61 14.08 -2.09
N ALA B 116 -27.23 14.29 -0.92
CA ALA B 116 -27.57 13.21 -0.01
C ALA B 116 -28.93 13.44 0.66
N SER B 117 -29.68 12.35 0.84
CA SER B 117 -31.03 12.43 1.40
C SER B 117 -31.02 12.72 2.90
N THR B 118 -29.91 12.40 3.57
CA THR B 118 -29.76 12.64 5.00
C THR B 118 -28.69 13.70 5.29
N VAL B 119 -28.77 14.32 6.47
CA VAL B 119 -27.93 15.50 6.80
C VAL B 119 -26.41 15.27 6.74
N HIS B 120 -25.94 14.11 7.19
CA HIS B 120 -24.50 13.82 7.16
C HIS B 120 -24.20 12.47 6.49
N GLY B 121 -24.87 12.21 5.37
CA GLY B 121 -24.72 10.93 4.67
C GLY B 121 -24.11 11.04 3.29
N GLY B 122 -22.99 11.75 3.19
CA GLY B 122 -22.22 11.81 1.94
C GLY B 122 -22.01 13.19 1.36
N HIS B 123 -22.37 14.23 2.12
CA HIS B 123 -22.25 15.61 1.66
C HIS B 123 -20.81 16.07 1.52
N GLU B 124 -19.91 15.47 2.31
CA GLU B 124 -18.50 15.87 2.33
C GLU B 124 -17.59 14.79 1.72
N THR B 125 -17.70 13.57 2.25
CA THR B 125 -16.81 12.47 1.88
C THR B 125 -16.85 12.09 0.41
N THR B 126 -18.04 12.18 -0.22
CA THR B 126 -18.20 11.88 -1.63
C THR B 126 -17.27 12.76 -2.48
N ILE B 127 -17.14 14.02 -2.08
CA ILE B 127 -16.29 14.96 -2.81
C ILE B 127 -14.81 14.66 -2.60
N LEU B 128 -14.44 14.25 -1.40
CA LEU B 128 -13.04 13.91 -1.10
C LEU B 128 -12.60 12.65 -1.83
N THR B 129 -13.52 11.68 -1.95
CA THR B 129 -13.24 10.45 -2.68
C THR B 129 -13.26 10.65 -4.20
N MET B 130 -14.04 11.63 -4.65
CA MET B 130 -14.07 12.02 -6.07
C MET B 130 -12.80 12.75 -6.46
N SER B 131 -12.15 13.40 -5.50
CA SER B 131 -11.01 14.27 -5.78
C SER B 131 -9.75 13.51 -6.20
N THR B 132 -9.71 12.21 -5.91
CA THR B 132 -8.53 11.39 -6.22
C THR B 132 -8.24 11.37 -7.72
N TYR B 133 -9.30 11.29 -8.52
CA TYR B 133 -9.22 11.34 -9.98
C TYR B 133 -8.35 12.51 -10.46
N ALA B 134 -8.59 13.69 -9.89
CA ALA B 134 -7.85 14.89 -10.24
C ALA B 134 -6.35 14.75 -10.00
N TYR B 135 -5.97 14.05 -8.94
CA TYR B 135 -4.57 13.85 -8.59
C TYR B 135 -3.81 13.05 -9.65
N HIS B 136 -4.43 11.95 -10.11
CA HIS B 136 -3.81 11.06 -11.08
C HIS B 136 -3.72 11.69 -12.46
N PHE B 137 -4.65 12.59 -12.77
CA PHE B 137 -4.68 13.27 -14.07
C PHE B 137 -3.94 14.61 -14.06
N GLY B 138 -3.54 15.07 -12.88
CA GLY B 138 -2.83 16.33 -12.74
C GLY B 138 -3.73 17.55 -12.86
N MET B 139 -5.02 17.35 -12.55
CA MET B 139 -6.01 18.42 -12.59
C MET B 139 -6.05 19.12 -11.25
N ILE B 140 -6.12 20.46 -11.29
CA ILE B 140 -6.17 21.24 -10.05
C ILE B 140 -7.58 21.30 -9.48
N ILE B 141 -7.70 21.01 -8.18
CA ILE B 141 -8.99 20.95 -7.51
C ILE B 141 -9.42 22.34 -7.01
N VAL B 142 -10.65 22.72 -7.34
CA VAL B 142 -11.22 24.01 -6.96
C VAL B 142 -12.39 23.84 -5.98
N PRO B 143 -12.14 24.05 -4.67
CA PRO B 143 -13.22 24.04 -3.69
C PRO B 143 -13.99 25.35 -3.65
N ILE B 144 -15.18 25.31 -3.08
CA ILE B 144 -16.00 26.50 -2.88
C ILE B 144 -15.46 27.32 -1.71
N GLY B 145 -15.18 26.65 -0.60
CA GLY B 145 -14.76 27.32 0.62
C GLY B 145 -15.91 28.05 1.26
N TYR B 146 -15.63 29.24 1.79
CA TYR B 146 -16.66 30.10 2.37
C TYR B 146 -16.67 31.47 1.71
N GLY B 147 -16.86 31.47 0.39
CA GLY B 147 -16.85 32.69 -0.42
C GLY B 147 -18.04 33.59 -0.14
N ILE B 148 -19.24 33.14 -0.51
CA ILE B 148 -20.46 33.89 -0.22
C ILE B 148 -20.98 33.63 1.20
N PRO B 149 -21.62 34.65 1.82
CA PRO B 149 -22.15 34.52 3.18
C PRO B 149 -23.18 33.41 3.33
N GLU B 150 -23.78 32.99 2.22
CA GLU B 150 -24.76 31.90 2.19
C GLU B 150 -24.18 30.56 2.64
N LEU B 151 -22.86 30.42 2.56
CA LEU B 151 -22.16 29.20 2.96
C LEU B 151 -22.08 29.01 4.47
N PHE B 152 -22.12 30.12 5.21
CA PHE B 152 -22.26 30.08 6.65
C PHE B 152 -23.73 29.94 7.02
N GLN B 153 -24.59 30.63 6.28
CA GLN B 153 -26.02 30.68 6.56
C GLN B 153 -26.75 29.37 6.24
N THR B 154 -26.23 28.59 5.29
CA THR B 154 -26.91 27.37 4.83
C THR B 154 -27.08 26.35 5.95
N THR B 155 -28.30 25.88 6.11
CA THR B 155 -28.65 24.92 7.14
C THR B 155 -29.07 23.60 6.52
N THR B 156 -29.28 23.63 5.20
CA THR B 156 -29.82 22.49 4.46
C THR B 156 -28.75 21.80 3.59
N GLY B 157 -28.45 22.38 2.43
CA GLY B 157 -27.47 21.82 1.51
C GLY B 157 -26.41 22.83 1.09
N GLY B 158 -25.18 22.35 0.89
CA GLY B 158 -24.07 23.19 0.49
C GLY B 158 -22.98 23.30 1.55
N GLY B 159 -21.73 23.40 1.11
CA GLY B 159 -20.59 23.48 2.02
C GLY B 159 -19.29 23.86 1.35
N PRO B 160 -18.20 23.95 2.13
CA PRO B 160 -16.87 24.32 1.62
C PRO B 160 -16.31 23.33 0.59
N TYR B 161 -16.76 22.08 0.65
CA TYR B 161 -16.28 21.04 -0.26
C TYR B 161 -16.90 21.14 -1.65
N GLY B 162 -18.16 21.57 -1.70
CA GLY B 162 -18.91 21.67 -2.96
C GLY B 162 -20.40 21.80 -2.75
N ALA B 163 -21.13 22.08 -3.82
CA ALA B 163 -22.57 22.30 -3.75
C ALA B 163 -23.33 20.98 -3.57
N THR B 164 -24.19 20.94 -2.56
CA THR B 164 -25.02 19.77 -2.29
C THR B 164 -26.49 20.13 -2.17
N HIS B 165 -27.34 19.10 -2.17
CA HIS B 165 -28.76 19.24 -1.88
C HIS B 165 -29.15 18.28 -0.76
N LEU B 166 -29.88 18.78 0.23
CA LEU B 166 -30.41 17.94 1.30
C LEU B 166 -31.83 17.49 0.98
N GLY B 167 -32.09 16.21 1.20
CA GLY B 167 -33.42 15.64 0.99
C GLY B 167 -33.47 14.65 -0.15
N SER B 168 -34.55 13.87 -0.19
CA SER B 168 -34.75 12.88 -1.26
C SER B 168 -35.62 13.44 -2.38
N LYS B 169 -36.07 14.68 -2.21
CA LYS B 169 -36.92 15.35 -3.20
C LYS B 169 -36.12 15.87 -4.39
N GLU B 170 -36.83 16.39 -5.40
CA GLU B 170 -36.21 16.91 -6.61
C GLU B 170 -35.90 18.41 -6.50
N GLU B 171 -36.86 19.18 -5.99
CA GLU B 171 -36.74 20.64 -5.93
C GLU B 171 -35.72 21.09 -4.88
N LEU B 172 -34.91 22.08 -5.26
CA LEU B 172 -33.86 22.61 -4.41
C LEU B 172 -34.15 24.05 -3.96
N ASP B 173 -33.83 24.36 -2.72
CA ASP B 173 -34.20 25.64 -2.11
C ASP B 173 -33.30 26.83 -2.48
N GLU B 174 -33.65 28.01 -1.94
CA GLU B 174 -33.04 29.29 -2.32
C GLU B 174 -31.53 29.34 -2.08
N MET B 175 -31.12 28.98 -0.87
CA MET B 175 -29.70 29.00 -0.50
C MET B 175 -28.91 27.93 -1.25
N GLU B 176 -29.54 26.78 -1.50
CA GLU B 176 -28.93 25.69 -2.28
C GLU B 176 -28.64 26.14 -3.71
N ARG B 177 -29.56 26.93 -4.29
CA ARG B 177 -29.42 27.43 -5.65
C ARG B 177 -28.29 28.45 -5.80
N LYS B 178 -28.16 29.33 -4.82
CA LYS B 178 -27.14 30.38 -4.84
C LYS B 178 -25.73 29.80 -4.74
N ILE B 179 -25.56 28.79 -3.87
CA ILE B 179 -24.27 28.12 -3.69
C ILE B 179 -23.81 27.44 -4.99
N ALA B 180 -24.75 26.81 -5.69
CA ALA B 180 -24.47 26.15 -6.96
C ALA B 180 -23.98 27.13 -8.04
N ARG B 181 -24.59 28.32 -8.10
CA ARG B 181 -24.18 29.37 -9.02
C ARG B 181 -22.76 29.85 -8.72
N PHE B 182 -22.46 29.97 -7.43
CA PHE B 182 -21.15 30.40 -6.97
C PHE B 182 -20.06 29.40 -7.32
N GLN B 183 -20.40 28.11 -7.31
CA GLN B 183 -19.48 27.06 -7.72
C GLN B 183 -19.19 27.15 -9.22
N GLY B 184 -20.23 27.46 -10.00
CA GLY B 184 -20.10 27.69 -11.44
C GLY B 184 -19.27 28.93 -11.75
N LYS B 185 -19.43 29.94 -10.89
CA LYS B 185 -18.62 31.16 -10.98
C LYS B 185 -17.16 30.84 -10.68
N ARG B 186 -16.92 30.13 -9.58
CA ARG B 186 -15.58 29.79 -9.12
C ARG B 186 -14.76 29.02 -10.15
N ILE B 187 -15.37 27.99 -10.74
CA ILE B 187 -14.71 27.18 -11.76
C ILE B 187 -14.40 27.97 -13.04
N THR B 188 -15.28 28.90 -13.39
CA THR B 188 -15.06 29.80 -14.53
C THR B 188 -13.86 30.72 -14.29
N GLU B 189 -13.81 31.33 -13.10
CA GLU B 189 -12.73 32.25 -12.73
C GLU B 189 -11.36 31.58 -12.77
N VAL B 190 -11.28 30.35 -12.27
CA VAL B 190 -10.02 29.61 -12.22
C VAL B 190 -9.61 29.08 -13.59
N ALA B 191 -10.58 28.56 -14.35
CA ALA B 191 -10.32 28.07 -15.71
C ALA B 191 -9.84 29.18 -16.65
N LYS B 192 -10.40 30.38 -16.48
CA LYS B 192 -9.99 31.56 -17.25
C LYS B 192 -8.56 31.97 -16.90
N ALA B 193 -8.20 31.86 -15.63
CA ALA B 193 -6.85 32.19 -15.17
C ALA B 193 -5.77 31.29 -15.77
N ILE B 194 -6.08 29.99 -15.89
CA ILE B 194 -5.14 29.02 -16.46
C ILE B 194 -5.05 29.12 -17.98
N LYS B 195 -6.19 29.32 -18.64
CA LYS B 195 -6.27 29.40 -20.10
C LYS B 195 -5.65 30.68 -20.66
N CYS B 196 -6.08 31.83 -20.15
CA CYS B 196 -5.70 33.13 -20.71
C CYS B 196 -4.29 33.61 -20.31
N CYS B 197 -3.54 32.76 -19.60
CA CYS B 197 -2.21 33.10 -19.10
C CYS B 197 -1.14 32.99 -20.18
N CYS C 3 -17.12 -11.25 32.15
CA CYS C 3 -16.14 -10.18 31.78
C CYS C 3 -16.81 -9.01 31.05
N LYS C 4 -16.29 -7.81 31.31
CA LYS C 4 -16.74 -6.59 30.64
C LYS C 4 -15.53 -5.84 30.07
N PRO C 5 -15.69 -5.24 28.87
CA PRO C 5 -14.57 -4.56 28.22
C PRO C 5 -14.27 -3.19 28.80
N ASN C 6 -12.99 -2.80 28.73
CA ASN C 6 -12.57 -1.45 29.08
C ASN C 6 -12.73 -0.53 27.88
N ILE C 7 -13.43 0.58 28.08
CA ILE C 7 -13.68 1.56 27.01
C ILE C 7 -13.12 2.93 27.38
N LEU C 8 -12.15 3.40 26.60
CA LEU C 8 -11.58 4.72 26.79
C LEU C 8 -12.21 5.74 25.85
N VAL C 9 -12.84 6.76 26.44
CA VAL C 9 -13.37 7.88 25.67
C VAL C 9 -12.35 9.02 25.72
N LEU C 10 -11.58 9.13 24.64
CA LEU C 10 -10.50 10.10 24.51
C LEU C 10 -10.91 11.23 23.58
N PHE C 11 -10.68 12.47 24.00
CA PHE C 11 -11.09 13.62 23.20
C PHE C 11 -10.21 14.85 23.42
N TYR C 12 -10.09 15.65 22.37
CA TYR C 12 -9.63 17.03 22.49
C TYR C 12 -10.87 17.91 22.52
N GLY C 13 -10.80 19.01 23.25
CA GLY C 13 -11.86 20.01 23.21
C GLY C 13 -12.33 20.54 24.55
N TYR C 14 -13.23 21.53 24.46
CA TYR C 14 -13.70 22.27 25.64
C TYR C 14 -15.20 22.59 25.49
N GLY C 15 -15.69 22.54 24.26
CA GLY C 15 -17.08 22.87 23.95
C GLY C 15 -18.03 21.70 24.06
N SER C 16 -18.83 21.48 23.03
CA SER C 16 -19.86 20.45 23.01
C SER C 16 -19.31 19.04 22.80
N ILE C 17 -18.02 18.96 22.46
CA ILE C 17 -17.33 17.67 22.33
C ILE C 17 -17.20 16.98 23.69
N VAL C 18 -17.25 17.77 24.76
CA VAL C 18 -17.22 17.26 26.13
C VAL C 18 -18.52 16.51 26.46
N GLU C 19 -19.65 17.13 26.13
CA GLU C 19 -20.97 16.52 26.34
C GLU C 19 -21.15 15.28 25.49
N LEU C 20 -20.59 15.29 24.27
CA LEU C 20 -20.60 14.12 23.40
C LEU C 20 -19.77 12.99 23.99
N ALA C 21 -18.62 13.33 24.56
CA ALA C 21 -17.74 12.37 25.21
C ALA C 21 -18.42 11.68 26.39
N LYS C 22 -19.13 12.47 27.19
CA LYS C 22 -19.85 11.96 28.36
C LYS C 22 -21.03 11.07 27.97
N GLU C 23 -21.76 11.47 26.94
CA GLU C 23 -22.91 10.71 26.45
C GLU C 23 -22.51 9.37 25.83
N ILE C 24 -21.34 9.33 25.21
CA ILE C 24 -20.78 8.07 24.69
C ILE C 24 -20.41 7.15 25.85
N GLY C 25 -19.75 7.72 26.85
CA GLY C 25 -19.41 7.00 28.08
C GLY C 25 -20.63 6.48 28.83
N LYS C 26 -21.69 7.30 28.86
CA LYS C 26 -22.95 6.91 29.49
C LYS C 26 -23.57 5.71 28.77
N GLY C 27 -23.55 5.74 27.44
CA GLY C 27 -24.08 4.65 26.62
C GLY C 27 -23.24 3.38 26.67
N ALA C 28 -21.94 3.55 26.84
CA ALA C 28 -21.02 2.41 26.91
C ALA C 28 -21.21 1.61 28.18
N GLU C 29 -21.37 2.30 29.32
CA GLU C 29 -21.55 1.63 30.60
C GLU C 29 -22.94 1.00 30.76
N GLU C 30 -23.93 1.56 30.07
CA GLU C 30 -25.26 0.96 30.01
C GLU C 30 -25.23 -0.37 29.25
N ALA C 31 -24.33 -0.46 28.27
CA ALA C 31 -24.10 -1.68 27.52
C ALA C 31 -23.26 -2.66 28.34
N GLY C 32 -22.71 -2.18 29.45
CA GLY C 32 -21.97 -3.01 30.39
C GLY C 32 -20.47 -2.94 30.22
N ALA C 33 -19.91 -1.74 30.29
CA ALA C 33 -18.47 -1.54 30.14
C ALA C 33 -17.88 -0.73 31.29
N GLU C 34 -16.57 -0.91 31.51
CA GLU C 34 -15.80 -0.09 32.42
C GLU C 34 -15.26 1.09 31.62
N VAL C 35 -15.68 2.30 32.00
CA VAL C 35 -15.40 3.50 31.20
C VAL C 35 -14.48 4.49 31.92
N LYS C 36 -13.50 4.99 31.18
CA LYS C 36 -12.65 6.09 31.63
C LYS C 36 -12.68 7.19 30.57
N ILE C 37 -13.06 8.40 30.98
CA ILE C 37 -13.05 9.56 30.08
C ILE C 37 -11.81 10.40 30.35
N ARG C 38 -11.01 10.62 29.31
CA ARG C 38 -9.79 11.41 29.41
C ARG C 38 -9.72 12.49 28.33
N ARG C 39 -8.92 13.54 28.57
CA ARG C 39 -8.65 14.56 27.58
C ARG C 39 -7.15 14.61 27.25
N VAL C 40 -6.79 15.25 26.14
CA VAL C 40 -5.37 15.40 25.75
C VAL C 40 -4.79 16.75 26.18
N ARG C 41 -3.47 16.82 26.25
CA ARG C 41 -2.76 18.06 26.57
C ARG C 41 -2.84 19.06 25.42
N GLU C 42 -3.01 20.33 25.76
CA GLU C 42 -3.06 21.41 24.79
C GLU C 42 -1.69 21.66 24.14
N THR C 43 -1.70 21.95 22.84
CA THR C 43 -0.48 22.16 22.07
C THR C 43 -0.37 23.55 21.47
N LEU C 44 -1.49 24.28 21.48
CA LEU C 44 -1.54 25.64 20.96
C LEU C 44 -0.59 26.56 21.73
N PRO C 45 0.09 27.47 21.01
CA PRO C 45 0.91 28.50 21.67
C PRO C 45 0.06 29.38 22.59
N PRO C 46 0.63 29.86 23.71
CA PRO C 46 -0.12 30.53 24.79
C PRO C 46 -1.04 31.69 24.36
N GLU C 47 -0.63 32.44 23.34
CA GLU C 47 -1.42 33.59 22.88
C GLU C 47 -2.67 33.21 22.09
N PHE C 48 -2.84 31.91 21.83
CA PHE C 48 -4.05 31.39 21.20
C PHE C 48 -4.93 30.60 22.18
N GLN C 49 -4.50 30.58 23.44
CA GLN C 49 -5.24 29.91 24.51
C GLN C 49 -6.13 30.89 25.28
N SER C 50 -6.29 32.09 24.72
CA SER C 50 -7.01 33.19 25.36
C SER C 50 -8.51 32.91 25.55
N ARG C 51 -9.17 32.49 24.48
CA ARG C 51 -10.61 32.28 24.49
C ARG C 51 -11.00 30.85 24.88
N ILE C 52 -10.02 30.08 25.34
CA ILE C 52 -10.23 28.69 25.77
C ILE C 52 -10.66 28.63 27.25
N PRO C 53 -11.83 28.03 27.51
CA PRO C 53 -12.34 27.90 28.87
C PRO C 53 -11.92 26.60 29.55
N PHE C 54 -10.77 26.64 30.23
CA PHE C 54 -10.29 25.52 31.04
C PHE C 54 -11.17 25.28 32.27
N ASP C 55 -12.04 26.25 32.56
CA ASP C 55 -12.95 26.20 33.71
C ASP C 55 -14.05 25.13 33.56
N LYS C 56 -14.08 24.47 32.40
CA LYS C 56 -15.12 23.49 32.10
C LYS C 56 -14.62 22.06 31.94
N VAL C 57 -13.29 21.90 31.83
CA VAL C 57 -12.69 20.57 31.67
C VAL C 57 -11.66 20.30 32.78
N LYS C 58 -11.95 20.79 33.98
CA LYS C 58 -11.03 20.64 35.11
C LYS C 58 -11.20 19.33 35.87
N ASP C 59 -12.34 18.67 35.69
CA ASP C 59 -12.62 17.40 36.35
C ASP C 59 -12.28 16.17 35.49
N ILE C 60 -11.92 16.42 34.23
CA ILE C 60 -11.52 15.35 33.33
C ILE C 60 -10.00 15.27 33.25
N PRO C 61 -9.41 14.16 33.74
CA PRO C 61 -7.95 13.98 33.82
C PRO C 61 -7.29 13.82 32.47
N GLU C 62 -6.01 14.18 32.39
CA GLU C 62 -5.21 13.98 31.19
C GLU C 62 -5.00 12.50 30.91
N VAL C 63 -4.88 12.16 29.63
CA VAL C 63 -4.66 10.77 29.22
C VAL C 63 -3.20 10.36 29.40
N THR C 64 -2.99 9.14 29.89
CA THR C 64 -1.65 8.55 29.96
C THR C 64 -1.52 7.45 28.92
N LEU C 65 -0.28 7.03 28.66
CA LEU C 65 -0.03 5.96 27.69
C LEU C 65 -0.47 4.59 28.17
N ASP C 66 -0.56 4.41 29.48
CA ASP C 66 -1.06 3.14 30.03
C ASP C 66 -2.59 3.09 30.07
N ASP C 67 -3.24 4.24 29.91
CA ASP C 67 -4.69 4.29 29.66
C ASP C 67 -5.02 3.64 28.31
N MET C 68 -4.14 3.84 27.34
CA MET C 68 -4.24 3.20 26.03
C MET C 68 -4.06 1.70 26.17
N ARG C 69 -3.11 1.29 27.02
CA ARG C 69 -2.85 -0.12 27.32
C ARG C 69 -3.99 -0.75 28.13
N TRP C 70 -4.64 0.06 28.95
CA TRP C 70 -5.75 -0.37 29.80
C TRP C 70 -6.99 -0.76 28.97
N ALA C 71 -7.22 -0.03 27.88
CA ALA C 71 -8.46 -0.11 27.12
C ALA C 71 -8.56 -1.34 26.23
N ASP C 72 -9.77 -1.90 26.15
CA ASP C 72 -10.09 -2.96 25.20
C ASP C 72 -10.74 -2.34 23.96
N GLY C 73 -11.25 -1.12 24.11
CA GLY C 73 -11.90 -0.39 23.02
C GLY C 73 -11.77 1.11 23.18
N PHE C 74 -11.92 1.84 22.07
CA PHE C 74 -11.68 3.29 22.07
C PHE C 74 -12.81 4.11 21.44
N ALA C 75 -13.04 5.28 22.03
CA ALA C 75 -13.87 6.31 21.42
C ALA C 75 -13.04 7.59 21.31
N ILE C 76 -12.36 7.75 20.18
CA ILE C 76 -11.51 8.93 19.93
C ILE C 76 -12.31 10.03 19.23
N GLY C 77 -12.21 11.24 19.76
CA GLY C 77 -12.98 12.37 19.23
C GLY C 77 -12.25 13.69 19.27
N SER C 78 -12.68 14.61 18.43
CA SER C 78 -12.13 15.96 18.34
C SER C 78 -13.11 16.85 17.60
N PRO C 79 -13.19 18.14 17.98
CA PRO C 79 -13.91 19.07 17.11
C PRO C 79 -13.16 19.16 15.79
N THR C 80 -13.89 19.42 14.70
CA THR C 80 -13.24 19.54 13.40
C THR C 80 -12.29 20.73 13.37
N ARG C 81 -11.12 20.52 12.78
CA ARG C 81 -10.17 21.61 12.52
C ARG C 81 -9.80 21.57 11.04
N TYR C 82 -10.71 22.06 10.22
CA TYR C 82 -10.57 22.14 8.76
C TYR C 82 -10.45 20.76 8.11
N GLY C 83 -11.29 19.83 8.57
CA GLY C 83 -11.38 18.50 7.99
C GLY C 83 -10.53 17.47 8.71
N ASN C 84 -9.57 17.95 9.50
CA ASN C 84 -8.71 17.07 10.30
C ASN C 84 -8.99 17.23 11.79
N MET C 85 -8.36 16.38 12.60
CA MET C 85 -8.43 16.51 14.05
C MET C 85 -7.65 17.74 14.51
N ALA C 86 -7.86 18.15 15.76
CA ALA C 86 -7.11 19.25 16.35
C ALA C 86 -5.65 18.89 16.59
N GLY C 87 -4.79 19.91 16.65
CA GLY C 87 -3.36 19.74 16.87
C GLY C 87 -3.01 19.01 18.16
N GLY C 88 -3.81 19.23 19.20
CA GLY C 88 -3.63 18.59 20.51
C GLY C 88 -3.78 17.08 20.47
N LEU C 89 -4.88 16.62 19.87
CA LEU C 89 -5.12 15.19 19.70
C LEU C 89 -4.09 14.54 18.78
N LYS C 90 -3.74 15.24 17.71
CA LYS C 90 -2.76 14.74 16.74
C LYS C 90 -1.38 14.58 17.35
N THR C 91 -0.98 15.53 18.20
CA THR C 91 0.32 15.46 18.88
C THR C 91 0.35 14.31 19.88
N PHE C 92 -0.75 14.07 20.58
CA PHE C 92 -0.83 12.92 21.47
C PHE C 92 -0.67 11.60 20.71
N LEU C 93 -1.34 11.47 19.57
CA LEU C 93 -1.27 10.25 18.77
C LEU C 93 0.13 10.03 18.20
N ASP C 94 0.91 11.11 18.09
CA ASP C 94 2.29 11.02 17.66
C ASP C 94 3.18 10.43 18.74
N THR C 95 2.78 10.63 20.01
CA THR C 95 3.53 10.07 21.15
C THR C 95 3.31 8.57 21.30
N THR C 96 2.24 8.06 20.66
CA THR C 96 1.91 6.63 20.73
C THR C 96 2.77 5.77 19.79
N ALA C 97 3.95 6.28 19.42
CA ALA C 97 4.89 5.59 18.55
C ALA C 97 5.44 4.29 19.15
N ILE C 98 5.69 4.30 20.45
CA ILE C 98 6.15 3.10 21.17
C ILE C 98 5.09 2.01 21.18
N LEU C 99 3.83 2.40 21.31
CA LEU C 99 2.71 1.47 21.30
C LEU C 99 2.52 0.85 19.91
N TRP C 100 2.87 1.60 18.88
CA TRP C 100 2.85 1.11 17.50
C TRP C 100 3.94 0.07 17.29
N LYS C 101 5.13 0.39 17.77
CA LYS C 101 6.31 -0.45 17.60
C LYS C 101 6.13 -1.83 18.25
N ASP C 102 5.41 -1.86 19.37
CA ASP C 102 5.20 -3.08 20.13
C ASP C 102 3.85 -3.75 19.87
N ASN C 103 3.08 -3.17 18.94
CA ASN C 103 1.76 -3.69 18.57
C ASN C 103 0.82 -3.91 19.76
N VAL C 104 0.72 -2.91 20.62
CA VAL C 104 -0.07 -2.99 21.84
C VAL C 104 -1.57 -2.87 21.53
N LEU C 105 -1.90 -1.95 20.63
CA LEU C 105 -3.29 -1.66 20.29
C LEU C 105 -3.80 -2.50 19.14
N TYR C 106 -2.95 -3.39 18.62
CA TYR C 106 -3.30 -4.22 17.47
C TYR C 106 -4.57 -5.04 17.70
N GLY C 107 -5.54 -4.88 16.81
CA GLY C 107 -6.80 -5.60 16.87
C GLY C 107 -7.93 -4.93 17.64
N LYS C 108 -7.59 -3.92 18.43
CA LYS C 108 -8.57 -3.23 19.28
C LYS C 108 -9.53 -2.38 18.43
N PRO C 109 -10.84 -2.47 18.70
CA PRO C 109 -11.84 -1.66 18.00
C PRO C 109 -11.75 -0.16 18.32
N VAL C 110 -12.10 0.68 17.35
CA VAL C 110 -12.08 2.13 17.54
C VAL C 110 -13.23 2.81 16.80
N THR C 111 -13.92 3.71 17.52
CA THR C 111 -15.01 4.50 16.94
C THR C 111 -14.67 5.99 17.02
N PHE C 112 -15.06 6.74 16.00
CA PHE C 112 -14.68 8.16 15.91
C PHE C 112 -15.89 9.10 15.97
N PHE C 113 -15.70 10.22 16.63
CA PHE C 113 -16.75 11.26 16.72
C PHE C 113 -16.17 12.67 16.63
N THR C 114 -17.00 13.62 16.22
CA THR C 114 -16.55 15.00 16.00
C THR C 114 -17.70 16.00 16.18
N GLU C 115 -17.45 17.26 15.83
CA GLU C 115 -18.48 18.30 15.78
C GLU C 115 -18.06 19.41 14.81
N ALA C 116 -19.05 20.14 14.30
CA ALA C 116 -18.82 21.29 13.44
C ALA C 116 -19.94 22.31 13.59
N SER C 117 -19.58 23.59 13.54
CA SER C 117 -20.53 24.68 13.74
C SER C 117 -21.47 24.84 12.54
N THR C 118 -21.00 24.47 11.36
CA THR C 118 -21.75 24.59 10.11
C THR C 118 -22.17 23.22 9.56
N VAL C 119 -23.30 23.20 8.85
CA VAL C 119 -24.00 21.96 8.47
C VAL C 119 -23.15 20.89 7.74
N HIS C 120 -22.28 21.31 6.81
CA HIS C 120 -21.41 20.38 6.11
C HIS C 120 -19.97 20.84 6.18
N GLY C 121 -19.51 21.18 7.39
CA GLY C 121 -18.18 21.71 7.61
C GLY C 121 -17.23 20.80 8.35
N GLY C 122 -17.31 19.49 8.08
CA GLY C 122 -16.40 18.51 8.65
C GLY C 122 -17.04 17.47 9.55
N HIS C 123 -18.32 17.18 9.30
CA HIS C 123 -19.04 16.16 10.06
C HIS C 123 -18.72 14.75 9.57
N GLU C 124 -18.29 14.66 8.31
CA GLU C 124 -18.01 13.38 7.67
C GLU C 124 -16.52 13.17 7.45
N THR C 125 -15.88 14.16 6.82
CA THR C 125 -14.49 14.07 6.41
C THR C 125 -13.49 13.94 7.56
N THR C 126 -13.81 14.59 8.70
CA THR C 126 -12.94 14.59 9.88
C THR C 126 -12.75 13.17 10.41
N ILE C 127 -13.86 12.43 10.47
CA ILE C 127 -13.84 11.03 10.89
C ILE C 127 -13.02 10.18 9.92
N LEU C 128 -13.21 10.41 8.62
CA LEU C 128 -12.49 9.68 7.59
C LEU C 128 -10.98 9.88 7.68
N THR C 129 -10.55 11.11 7.96
CA THR C 129 -9.11 11.39 8.09
C THR C 129 -8.54 10.89 9.42
N MET C 130 -9.38 10.88 10.46
CA MET C 130 -8.99 10.31 11.76
C MET C 130 -8.77 8.82 11.66
N SER C 131 -9.49 8.17 10.76
CA SER C 131 -9.47 6.70 10.66
C SER C 131 -8.16 6.12 10.17
N THR C 132 -7.36 6.90 9.44
CA THR C 132 -6.07 6.44 8.92
C THR C 132 -5.18 5.90 10.03
N TYR C 133 -5.23 6.56 11.19
CA TYR C 133 -4.52 6.10 12.39
C TYR C 133 -4.75 4.61 12.65
N ALA C 134 -6.00 4.17 12.52
CA ALA C 134 -6.39 2.79 12.80
C ALA C 134 -5.78 1.78 11.84
N TYR C 135 -5.58 2.18 10.59
CA TYR C 135 -4.97 1.31 9.58
C TYR C 135 -3.52 0.98 9.93
N HIS C 136 -2.78 1.99 10.40
CA HIS C 136 -1.37 1.82 10.70
C HIS C 136 -1.14 1.02 11.98
N PHE C 137 -2.12 1.05 12.87
CA PHE C 137 -2.06 0.34 14.16
C PHE C 137 -2.75 -1.03 14.11
N GLY C 138 -3.44 -1.30 13.01
CA GLY C 138 -4.18 -2.56 12.84
C GLY C 138 -5.43 -2.62 13.70
N MET C 139 -5.95 -1.45 14.03
CA MET C 139 -7.16 -1.34 14.85
C MET C 139 -8.39 -1.41 13.96
N ILE C 140 -9.35 -2.26 14.34
CA ILE C 140 -10.60 -2.37 13.59
C ILE C 140 -11.49 -1.16 13.83
N ILE C 141 -12.01 -0.58 12.75
CA ILE C 141 -12.78 0.66 12.83
C ILE C 141 -14.27 0.35 12.96
N VAL C 142 -14.92 0.97 13.93
CA VAL C 142 -16.34 0.73 14.19
C VAL C 142 -17.19 1.96 13.85
N PRO C 143 -17.88 1.92 12.69
CA PRO C 143 -18.86 2.94 12.33
C PRO C 143 -20.18 2.65 13.01
N ILE C 144 -21.10 3.61 12.97
CA ILE C 144 -22.43 3.41 13.56
C ILE C 144 -23.54 3.20 12.52
N GLY C 145 -23.27 3.65 11.29
CA GLY C 145 -24.21 3.50 10.18
C GLY C 145 -25.58 4.06 10.50
N TYR C 146 -26.59 3.21 10.35
CA TYR C 146 -27.97 3.60 10.60
C TYR C 146 -28.68 2.56 11.48
N GLY C 147 -28.12 2.34 12.67
CA GLY C 147 -28.66 1.37 13.62
C GLY C 147 -29.99 1.83 14.20
N ILE C 148 -29.93 2.80 15.11
CA ILE C 148 -31.14 3.42 15.66
C ILE C 148 -31.81 4.33 14.62
N PRO C 149 -33.16 4.34 14.59
CA PRO C 149 -33.91 5.19 13.65
C PRO C 149 -33.66 6.69 13.80
N GLU C 150 -32.98 7.10 14.86
CA GLU C 150 -32.59 8.50 15.09
C GLU C 150 -31.63 9.02 14.01
N LEU C 151 -30.84 8.11 13.44
CA LEU C 151 -29.86 8.47 12.43
C LEU C 151 -30.47 8.86 11.07
N PHE C 152 -31.65 8.29 10.77
CA PHE C 152 -32.43 8.73 9.61
C PHE C 152 -33.14 10.05 9.89
N GLN C 153 -33.67 10.17 11.12
CA GLN C 153 -34.55 11.28 11.49
C GLN C 153 -33.83 12.60 11.79
N THR C 154 -32.55 12.52 12.17
CA THR C 154 -31.79 13.70 12.56
C THR C 154 -31.52 14.67 11.40
N THR C 155 -31.68 15.96 11.68
CA THR C 155 -31.42 17.00 10.69
C THR C 155 -30.39 17.99 11.21
N THR C 156 -29.89 17.72 12.42
CA THR C 156 -28.94 18.60 13.08
C THR C 156 -27.54 17.97 13.16
N GLY C 157 -27.33 17.08 14.15
CA GLY C 157 -26.03 16.44 14.35
C GLY C 157 -26.11 14.92 14.34
N GLY C 158 -24.98 14.27 14.06
CA GLY C 158 -24.90 12.81 14.03
C GLY C 158 -25.17 12.22 12.66
N GLY C 159 -24.42 11.16 12.32
CA GLY C 159 -24.56 10.48 11.05
C GLY C 159 -23.87 9.12 11.07
N PRO C 160 -23.84 8.44 9.91
CA PRO C 160 -23.27 7.09 9.79
C PRO C 160 -21.79 6.98 10.15
N TYR C 161 -21.03 8.05 9.93
CA TYR C 161 -19.59 8.06 10.20
C TYR C 161 -19.28 8.14 11.70
N GLY C 162 -20.19 8.77 12.44
CA GLY C 162 -20.04 8.93 13.88
C GLY C 162 -20.99 9.98 14.42
N ALA C 163 -21.08 10.05 15.75
CA ALA C 163 -21.94 11.04 16.41
C ALA C 163 -21.31 12.43 16.36
N THR C 164 -22.09 13.42 15.96
CA THR C 164 -21.61 14.80 15.87
C THR C 164 -22.60 15.80 16.49
N HIS C 165 -22.12 17.04 16.65
CA HIS C 165 -22.98 18.15 17.09
C HIS C 165 -22.93 19.29 16.09
N LEU C 166 -24.11 19.83 15.78
CA LEU C 166 -24.22 21.02 14.93
C LEU C 166 -24.39 22.27 15.78
N GLY C 167 -23.61 23.30 15.48
CA GLY C 167 -23.65 24.56 16.20
C GLY C 167 -22.40 24.83 17.00
N SER C 168 -22.39 25.98 17.68
CA SER C 168 -21.24 26.43 18.49
C SER C 168 -21.47 26.20 19.98
N LYS C 169 -22.73 26.23 20.38
CA LYS C 169 -23.13 26.04 21.79
C LYS C 169 -22.80 24.64 22.33
N GLU C 170 -22.80 24.52 23.65
CA GLU C 170 -22.46 23.26 24.31
C GLU C 170 -23.62 22.26 24.38
N GLU C 171 -24.85 22.77 24.52
CA GLU C 171 -26.02 21.94 24.73
C GLU C 171 -26.33 21.04 23.52
N LEU C 172 -26.35 19.73 23.75
CA LEU C 172 -26.74 18.76 22.73
C LEU C 172 -28.25 18.57 22.76
N ASP C 173 -28.85 18.31 21.60
CA ASP C 173 -30.28 18.02 21.54
C ASP C 173 -30.57 16.53 21.68
N GLU C 174 -31.85 16.19 21.79
CA GLU C 174 -32.30 14.82 22.08
C GLU C 174 -31.79 13.79 21.08
N MET C 175 -31.82 14.13 19.79
CA MET C 175 -31.33 13.26 18.73
C MET C 175 -29.83 12.98 18.90
N GLU C 176 -29.06 14.04 19.11
CA GLU C 176 -27.61 13.96 19.26
C GLU C 176 -27.17 13.11 20.46
N ARG C 177 -27.90 13.22 21.56
CA ARG C 177 -27.63 12.47 22.79
C ARG C 177 -27.91 10.97 22.64
N LYS C 178 -28.97 10.64 21.91
CA LYS C 178 -29.33 9.25 21.64
C LYS C 178 -28.32 8.60 20.68
N ILE C 179 -27.85 9.37 19.70
CA ILE C 179 -26.89 8.88 18.73
C ILE C 179 -25.51 8.66 19.38
N ALA C 180 -25.12 9.58 20.25
CA ALA C 180 -23.88 9.46 21.01
C ALA C 180 -23.93 8.26 21.96
N ARG C 181 -25.08 8.07 22.62
CA ARG C 181 -25.30 6.90 23.48
C ARG C 181 -25.22 5.58 22.72
N PHE C 182 -25.69 5.60 21.46
CA PHE C 182 -25.67 4.40 20.60
C PHE C 182 -24.26 4.05 20.13
N GLN C 183 -23.43 5.07 19.91
CA GLN C 183 -22.04 4.89 19.53
C GLN C 183 -21.26 4.21 20.65
N GLY C 184 -21.57 4.59 21.89
CA GLY C 184 -21.00 3.95 23.08
C GLY C 184 -21.42 2.51 23.20
N LYS C 185 -22.68 2.23 22.88
CA LYS C 185 -23.20 0.87 22.88
C LYS C 185 -22.53 0.02 21.81
N ARG C 186 -22.31 0.60 20.63
CA ARG C 186 -21.69 -0.11 19.52
C ARG C 186 -20.23 -0.51 19.76
N ILE C 187 -19.41 0.46 20.21
CA ILE C 187 -18.01 0.19 20.53
C ILE C 187 -17.86 -0.86 21.64
N THR C 188 -18.79 -0.86 22.58
CA THR C 188 -18.79 -1.84 23.68
C THR C 188 -19.11 -3.25 23.18
N GLU C 189 -20.10 -3.35 22.30
CA GLU C 189 -20.49 -4.64 21.70
C GLU C 189 -19.33 -5.27 20.94
N VAL C 190 -18.59 -4.46 20.17
CA VAL C 190 -17.45 -4.93 19.39
C VAL C 190 -16.24 -5.26 20.27
N ALA C 191 -16.00 -4.43 21.28
CA ALA C 191 -14.90 -4.66 22.23
C ALA C 191 -15.11 -5.94 23.04
N LYS C 192 -16.36 -6.21 23.43
CA LYS C 192 -16.72 -7.43 24.13
C LYS C 192 -16.45 -8.67 23.27
N ALA C 193 -16.72 -8.54 21.97
CA ALA C 193 -16.53 -9.65 21.02
C ALA C 193 -15.06 -10.01 20.78
N ILE C 194 -14.19 -9.00 20.76
CA ILE C 194 -12.76 -9.23 20.52
C ILE C 194 -12.04 -9.72 21.78
N LYS C 195 -12.42 -9.17 22.92
CA LYS C 195 -11.79 -9.50 24.20
C LYS C 195 -12.19 -10.90 24.70
N CYS C 196 -13.49 -11.07 24.93
CA CYS C 196 -14.00 -12.25 25.62
C CYS C 196 -14.36 -13.40 24.68
N CYS C 197 -15.09 -13.09 23.61
CA CYS C 197 -15.60 -14.09 22.68
C CYS C 197 -14.51 -14.67 21.78
N CYS D 3 -18.62 -23.83 15.06
CA CYS D 3 -18.89 -22.45 14.57
C CYS D 3 -17.81 -22.00 13.59
N LYS D 4 -18.22 -21.79 12.34
CA LYS D 4 -17.31 -21.46 11.25
C LYS D 4 -17.85 -20.29 10.43
N PRO D 5 -17.04 -19.22 10.25
CA PRO D 5 -17.46 -18.03 9.50
C PRO D 5 -17.44 -18.22 7.99
N ASN D 6 -18.39 -17.58 7.30
CA ASN D 6 -18.41 -17.57 5.83
C ASN D 6 -17.75 -16.30 5.29
N ILE D 7 -16.57 -16.47 4.68
CA ILE D 7 -15.85 -15.34 4.10
C ILE D 7 -16.12 -15.25 2.60
N LEU D 8 -16.60 -14.08 2.17
CA LEU D 8 -16.80 -13.79 0.75
C LEU D 8 -15.68 -12.93 0.20
N VAL D 9 -14.88 -13.50 -0.68
CA VAL D 9 -13.84 -12.74 -1.38
C VAL D 9 -14.42 -12.22 -2.70
N LEU D 10 -14.71 -10.93 -2.72
CA LEU D 10 -15.34 -10.26 -3.86
C LEU D 10 -14.34 -9.35 -4.56
N PHE D 11 -14.30 -9.42 -5.89
CA PHE D 11 -13.33 -8.62 -6.66
C PHE D 11 -13.79 -8.27 -8.07
N TYR D 12 -13.35 -7.11 -8.54
CA TYR D 12 -13.37 -6.77 -9.95
C TYR D 12 -11.96 -6.98 -10.49
N GLY D 13 -11.84 -7.27 -11.77
CA GLY D 13 -10.54 -7.35 -12.43
C GLY D 13 -10.18 -8.72 -12.97
N TYR D 14 -9.11 -8.75 -13.77
CA TYR D 14 -8.73 -9.94 -14.52
C TYR D 14 -7.23 -10.25 -14.46
N GLY D 15 -6.46 -9.35 -13.83
CA GLY D 15 -5.01 -9.47 -13.78
C GLY D 15 -4.49 -10.10 -12.49
N SER D 16 -3.63 -9.36 -11.79
CA SER D 16 -3.00 -9.83 -10.57
C SER D 16 -3.93 -9.80 -9.36
N ILE D 17 -5.04 -9.08 -9.48
CA ILE D 17 -6.06 -9.00 -8.44
C ILE D 17 -6.73 -10.37 -8.23
N VAL D 18 -6.75 -11.19 -9.27
CA VAL D 18 -7.31 -12.53 -9.21
C VAL D 18 -6.46 -13.44 -8.30
N GLU D 19 -5.14 -13.38 -8.47
CA GLU D 19 -4.24 -14.16 -7.62
C GLU D 19 -4.24 -13.63 -6.17
N LEU D 20 -4.49 -12.33 -6.02
CA LEU D 20 -4.66 -11.72 -4.69
C LEU D 20 -5.90 -12.24 -3.99
N ALA D 21 -6.99 -12.38 -4.73
CA ALA D 21 -8.26 -12.88 -4.20
C ALA D 21 -8.14 -14.34 -3.78
N LYS D 22 -7.46 -15.14 -4.61
CA LYS D 22 -7.28 -16.55 -4.33
C LYS D 22 -6.35 -16.79 -3.13
N GLU D 23 -5.34 -15.94 -3.01
CA GLU D 23 -4.38 -16.02 -1.91
C GLU D 23 -5.02 -15.61 -0.58
N ILE D 24 -5.91 -14.62 -0.62
CA ILE D 24 -6.70 -14.22 0.57
C ILE D 24 -7.58 -15.37 1.03
N GLY D 25 -8.35 -15.93 0.09
CA GLY D 25 -9.21 -17.08 0.35
C GLY D 25 -8.46 -18.29 0.86
N LYS D 26 -7.23 -18.45 0.40
CA LYS D 26 -6.34 -19.52 0.88
C LYS D 26 -6.01 -19.31 2.35
N GLY D 27 -5.65 -18.08 2.71
CA GLY D 27 -5.36 -17.72 4.09
C GLY D 27 -6.57 -17.82 5.00
N ALA D 28 -7.74 -17.54 4.45
CA ALA D 28 -9.01 -17.62 5.17
C ALA D 28 -9.37 -19.08 5.47
N GLU D 29 -9.08 -19.96 4.50
CA GLU D 29 -9.31 -21.40 4.66
C GLU D 29 -8.39 -22.02 5.71
N GLU D 30 -7.12 -21.63 5.69
CA GLU D 30 -6.13 -22.12 6.64
C GLU D 30 -6.42 -21.65 8.06
N ALA D 31 -7.17 -20.56 8.18
CA ALA D 31 -7.64 -20.04 9.46
C ALA D 31 -8.96 -20.69 9.87
N GLY D 32 -9.59 -21.38 8.92
CA GLY D 32 -10.80 -22.16 9.20
C GLY D 32 -12.08 -21.44 8.86
N ALA D 33 -12.28 -21.16 7.58
CA ALA D 33 -13.47 -20.47 7.11
C ALA D 33 -13.99 -21.02 5.79
N GLU D 34 -15.31 -20.97 5.62
CA GLU D 34 -15.95 -21.27 4.34
C GLU D 34 -15.73 -20.10 3.39
N VAL D 35 -15.08 -20.36 2.26
CA VAL D 35 -14.71 -19.31 1.32
C VAL D 35 -15.45 -19.42 -0.01
N LYS D 36 -15.94 -18.28 -0.49
CA LYS D 36 -16.50 -18.17 -1.82
C LYS D 36 -15.87 -16.98 -2.54
N ILE D 37 -15.14 -17.27 -3.61
CA ILE D 37 -14.51 -16.23 -4.42
C ILE D 37 -15.44 -15.87 -5.58
N ARG D 38 -15.87 -14.60 -5.61
CA ARG D 38 -16.82 -14.14 -6.62
C ARG D 38 -16.34 -12.87 -7.31
N ARG D 39 -16.75 -12.70 -8.56
CA ARG D 39 -16.43 -11.50 -9.33
C ARG D 39 -17.70 -10.74 -9.72
N VAL D 40 -17.53 -9.48 -10.11
CA VAL D 40 -18.66 -8.64 -10.53
C VAL D 40 -18.79 -8.60 -12.05
N ARG D 41 -19.98 -8.21 -12.51
CA ARG D 41 -20.26 -8.03 -13.93
C ARG D 41 -19.46 -6.84 -14.47
N GLU D 42 -18.97 -6.97 -15.70
CA GLU D 42 -18.26 -5.88 -16.37
C GLU D 42 -19.23 -4.77 -16.79
N THR D 43 -18.79 -3.52 -16.67
CA THR D 43 -19.64 -2.36 -16.90
C THR D 43 -19.17 -1.44 -18.02
N LEU D 44 -17.91 -1.57 -18.43
CA LEU D 44 -17.36 -0.77 -19.53
C LEU D 44 -18.13 -1.03 -20.83
N PRO D 45 -18.30 0.01 -21.67
CA PRO D 45 -18.93 -0.12 -22.98
C PRO D 45 -18.32 -1.26 -23.82
N PRO D 46 -19.10 -1.80 -24.79
CA PRO D 46 -18.71 -2.98 -25.60
C PRO D 46 -17.31 -2.92 -26.21
N GLU D 47 -16.88 -1.73 -26.66
CA GLU D 47 -15.59 -1.54 -27.33
C GLU D 47 -14.39 -1.96 -26.47
N PHE D 48 -14.48 -1.72 -25.17
CA PHE D 48 -13.43 -2.08 -24.22
C PHE D 48 -13.39 -3.60 -23.95
N GLN D 49 -14.55 -4.24 -24.09
CA GLN D 49 -14.75 -5.62 -23.61
C GLN D 49 -14.15 -6.71 -24.50
N SER D 50 -13.73 -6.35 -25.71
CA SER D 50 -13.20 -7.33 -26.66
C SER D 50 -11.86 -7.95 -26.22
N ARG D 51 -11.01 -7.15 -25.58
CA ARG D 51 -9.67 -7.62 -25.17
C ARG D 51 -9.62 -8.26 -23.78
N ILE D 52 -10.72 -8.14 -23.02
CA ILE D 52 -10.80 -8.66 -21.66
C ILE D 52 -10.61 -10.18 -21.60
N PRO D 53 -9.58 -10.64 -20.86
CA PRO D 53 -9.28 -12.07 -20.76
C PRO D 53 -10.22 -12.80 -19.80
N PHE D 54 -11.37 -13.23 -20.30
CA PHE D 54 -12.34 -13.99 -19.52
C PHE D 54 -11.87 -15.41 -19.22
N ASP D 55 -10.87 -15.87 -19.95
CA ASP D 55 -10.34 -17.24 -19.86
C ASP D 55 -9.77 -17.59 -18.48
N LYS D 56 -9.18 -16.60 -17.82
CA LYS D 56 -8.56 -16.79 -16.52
C LYS D 56 -9.54 -16.55 -15.36
N VAL D 57 -10.78 -16.21 -15.70
CA VAL D 57 -11.82 -15.94 -14.71
C VAL D 57 -13.14 -16.64 -15.04
N LYS D 58 -13.13 -17.51 -16.06
CA LYS D 58 -14.33 -18.26 -16.47
C LYS D 58 -14.77 -19.27 -15.40
N ASP D 59 -13.81 -19.70 -14.58
CA ASP D 59 -14.04 -20.63 -13.48
C ASP D 59 -14.64 -19.94 -12.25
N ILE D 60 -14.43 -18.63 -12.14
CA ILE D 60 -14.95 -17.85 -11.01
C ILE D 60 -16.35 -17.27 -11.34
N PRO D 61 -17.38 -17.71 -10.60
CA PRO D 61 -18.77 -17.33 -10.87
C PRO D 61 -19.03 -15.85 -10.62
N GLU D 62 -20.08 -15.33 -11.25
CA GLU D 62 -20.50 -13.96 -10.98
C GLU D 62 -21.22 -13.88 -9.64
N VAL D 63 -21.01 -12.77 -8.94
CA VAL D 63 -21.57 -12.58 -7.61
C VAL D 63 -23.08 -12.31 -7.65
N THR D 64 -23.80 -12.96 -6.74
CA THR D 64 -25.22 -12.70 -6.54
C THR D 64 -25.41 -12.02 -5.19
N LEU D 65 -26.59 -11.43 -4.98
CA LEU D 65 -26.91 -10.81 -3.69
C LEU D 65 -27.02 -11.83 -2.56
N ASP D 66 -27.32 -13.08 -2.94
CA ASP D 66 -27.37 -14.20 -1.99
C ASP D 66 -26.00 -14.50 -1.37
N ASP D 67 -24.94 -14.19 -2.12
CA ASP D 67 -23.57 -14.37 -1.62
C ASP D 67 -23.23 -13.37 -0.52
N MET D 68 -23.84 -12.19 -0.60
CA MET D 68 -23.67 -11.14 0.42
C MET D 68 -24.36 -11.55 1.71
N ARG D 69 -25.54 -12.16 1.57
CA ARG D 69 -26.33 -12.62 2.71
C ARG D 69 -25.70 -13.85 3.36
N TRP D 70 -25.12 -14.71 2.52
CA TRP D 70 -24.44 -15.92 2.95
C TRP D 70 -23.21 -15.63 3.83
N ALA D 71 -22.56 -14.50 3.55
CA ALA D 71 -21.29 -14.14 4.19
C ALA D 71 -21.42 -13.63 5.62
N ASP D 72 -20.45 -14.02 6.45
CA ASP D 72 -20.28 -13.46 7.78
C ASP D 72 -19.12 -12.46 7.78
N GLY D 73 -18.27 -12.53 6.77
CA GLY D 73 -17.14 -11.63 6.59
C GLY D 73 -16.83 -11.40 5.11
N PHE D 74 -16.29 -10.23 4.81
CA PHE D 74 -16.03 -9.84 3.42
C PHE D 74 -14.58 -9.45 3.17
N ALA D 75 -14.10 -9.83 1.99
CA ALA D 75 -12.85 -9.30 1.45
C ALA D 75 -13.15 -8.71 0.08
N ILE D 76 -13.38 -7.39 0.05
CA ILE D 76 -13.73 -6.68 -1.18
C ILE D 76 -12.47 -6.07 -1.79
N GLY D 77 -12.32 -6.23 -3.10
CA GLY D 77 -11.14 -5.72 -3.80
C GLY D 77 -11.39 -5.24 -5.21
N SER D 78 -10.48 -4.38 -5.68
CA SER D 78 -10.48 -3.86 -7.05
C SER D 78 -9.14 -3.24 -7.36
N PRO D 79 -8.61 -3.47 -8.58
CA PRO D 79 -7.43 -2.74 -9.02
C PRO D 79 -7.77 -1.25 -9.07
N THR D 80 -6.83 -0.41 -8.63
CA THR D 80 -7.08 1.02 -8.54
C THR D 80 -7.43 1.64 -9.89
N ARG D 81 -8.43 2.52 -9.89
CA ARG D 81 -8.78 3.30 -11.06
C ARG D 81 -8.77 4.78 -10.68
N TYR D 82 -7.55 5.31 -10.58
CA TYR D 82 -7.29 6.71 -10.23
C TYR D 82 -7.72 7.04 -8.80
N GLY D 83 -7.28 6.19 -7.87
CA GLY D 83 -7.52 6.39 -6.44
C GLY D 83 -8.87 5.88 -5.95
N ASN D 84 -9.67 5.36 -6.88
CA ASN D 84 -10.97 4.79 -6.57
C ASN D 84 -11.06 3.35 -7.05
N MET D 85 -12.08 2.63 -6.58
CA MET D 85 -12.41 1.32 -7.10
C MET D 85 -12.88 1.44 -8.55
N ALA D 86 -12.87 0.33 -9.28
CA ALA D 86 -13.30 0.33 -10.68
C ALA D 86 -14.81 0.45 -10.83
N GLY D 87 -15.24 1.01 -11.96
CA GLY D 87 -16.66 1.22 -12.27
C GLY D 87 -17.48 -0.06 -12.16
N GLY D 88 -16.84 -1.19 -12.40
CA GLY D 88 -17.48 -2.50 -12.29
C GLY D 88 -17.96 -2.81 -10.87
N LEU D 89 -17.04 -2.70 -9.91
CA LEU D 89 -17.34 -2.98 -8.51
C LEU D 89 -18.29 -1.94 -7.91
N LYS D 90 -18.10 -0.68 -8.28
CA LYS D 90 -18.96 0.39 -7.77
C LYS D 90 -20.42 0.21 -8.19
N THR D 91 -20.62 -0.23 -9.42
CA THR D 91 -21.96 -0.53 -9.93
C THR D 91 -22.65 -1.60 -9.09
N PHE D 92 -21.96 -2.73 -8.87
CA PHE D 92 -22.50 -3.80 -8.04
C PHE D 92 -22.82 -3.34 -6.62
N LEU D 93 -21.95 -2.51 -6.06
CA LEU D 93 -22.16 -1.98 -4.71
C LEU D 93 -23.37 -1.04 -4.65
N ASP D 94 -23.70 -0.44 -5.80
CA ASP D 94 -24.91 0.39 -5.91
C ASP D 94 -26.19 -0.46 -5.94
N THR D 95 -26.07 -1.69 -6.43
CA THR D 95 -27.21 -2.62 -6.49
C THR D 95 -27.58 -3.20 -5.12
N THR D 96 -26.71 -3.02 -4.14
CA THR D 96 -26.92 -3.55 -2.78
C THR D 96 -27.80 -2.62 -1.93
N ALA D 97 -28.58 -1.76 -2.59
CA ALA D 97 -29.46 -0.79 -1.92
C ALA D 97 -30.58 -1.43 -1.11
N ILE D 98 -31.05 -2.60 -1.55
CA ILE D 98 -32.06 -3.35 -0.80
C ILE D 98 -31.48 -4.00 0.45
N LEU D 99 -30.20 -4.38 0.37
CA LEU D 99 -29.48 -4.92 1.52
C LEU D 99 -29.24 -3.83 2.57
N TRP D 100 -29.21 -2.59 2.11
CA TRP D 100 -28.98 -1.43 2.96
C TRP D 100 -30.23 -1.06 3.76
N LYS D 101 -31.37 -0.98 3.06
CA LYS D 101 -32.65 -0.62 3.68
C LYS D 101 -33.06 -1.59 4.79
N ASP D 102 -32.56 -2.81 4.71
CA ASP D 102 -32.91 -3.87 5.64
C ASP D 102 -31.81 -4.19 6.66
N ASN D 103 -30.71 -3.45 6.57
CA ASN D 103 -29.57 -3.60 7.49
C ASN D 103 -29.04 -5.03 7.59
N VAL D 104 -28.91 -5.69 6.44
CA VAL D 104 -28.48 -7.08 6.39
C VAL D 104 -27.01 -7.23 6.76
N LEU D 105 -26.18 -6.32 6.25
CA LEU D 105 -24.73 -6.40 6.40
C LEU D 105 -24.21 -5.71 7.66
N TYR D 106 -25.13 -5.13 8.44
CA TYR D 106 -24.79 -4.36 9.64
C TYR D 106 -23.98 -5.19 10.66
N GLY D 107 -22.83 -4.66 11.05
CA GLY D 107 -21.98 -5.32 12.03
C GLY D 107 -20.95 -6.26 11.45
N LYS D 108 -21.21 -6.78 10.25
CA LYS D 108 -20.30 -7.69 9.56
C LYS D 108 -18.98 -7.00 9.20
N PRO D 109 -17.83 -7.67 9.43
CA PRO D 109 -16.52 -7.11 9.11
C PRO D 109 -16.19 -7.07 7.62
N VAL D 110 -15.34 -6.13 7.24
CA VAL D 110 -14.89 -5.99 5.85
C VAL D 110 -13.41 -5.59 5.77
N THR D 111 -12.69 -6.23 4.86
CA THR D 111 -11.30 -5.86 4.59
C THR D 111 -11.15 -5.53 3.10
N PHE D 112 -10.20 -4.65 2.78
CA PHE D 112 -10.06 -4.17 1.41
C PHE D 112 -8.67 -4.45 0.82
N PHE D 113 -8.64 -4.79 -0.46
CA PHE D 113 -7.39 -5.03 -1.18
C PHE D 113 -7.38 -4.45 -2.59
N THR D 114 -6.22 -3.97 -3.03
CA THR D 114 -6.09 -3.33 -4.35
C THR D 114 -4.77 -3.69 -5.04
N GLU D 115 -4.45 -2.98 -6.12
CA GLU D 115 -3.14 -3.08 -6.79
C GLU D 115 -2.93 -1.90 -7.76
N ALA D 116 -1.68 -1.52 -7.97
CA ALA D 116 -1.34 -0.40 -8.83
C ALA D 116 -0.09 -0.66 -9.67
N SER D 117 -0.02 -0.03 -10.84
CA SER D 117 1.10 -0.23 -11.77
C SER D 117 2.39 0.44 -11.27
N THR D 118 2.25 1.66 -10.79
CA THR D 118 3.39 2.44 -10.31
C THR D 118 3.51 2.34 -8.78
N VAL D 119 4.60 2.86 -8.22
CA VAL D 119 4.91 2.68 -6.80
C VAL D 119 3.91 3.33 -5.82
N HIS D 120 3.42 4.51 -6.15
CA HIS D 120 2.47 5.21 -5.29
C HIS D 120 1.27 5.74 -6.08
N GLY D 121 0.60 4.84 -6.80
CA GLY D 121 -0.52 5.23 -7.66
C GLY D 121 -1.87 4.65 -7.27
N GLY D 122 -2.09 4.47 -5.97
CA GLY D 122 -3.38 3.99 -5.47
C GLY D 122 -3.31 2.72 -4.64
N HIS D 123 -2.25 2.59 -3.84
CA HIS D 123 -2.09 1.45 -2.93
C HIS D 123 -2.76 1.71 -1.59
N GLU D 124 -2.77 2.97 -1.16
CA GLU D 124 -3.32 3.38 0.13
C GLU D 124 -4.67 4.07 -0.03
N THR D 125 -4.71 5.11 -0.86
CA THR D 125 -5.90 5.95 -1.05
C THR D 125 -7.12 5.19 -1.57
N THR D 126 -6.89 4.23 -2.46
CA THR D 126 -7.98 3.41 -3.01
C THR D 126 -8.74 2.65 -1.92
N ILE D 127 -7.99 2.12 -0.95
CA ILE D 127 -8.59 1.40 0.18
C ILE D 127 -9.37 2.37 1.09
N LEU D 128 -8.81 3.54 1.32
CA LEU D 128 -9.44 4.56 2.15
C LEU D 128 -10.73 5.10 1.51
N THR D 129 -10.75 5.22 0.18
CA THR D 129 -11.95 5.69 -0.52
C THR D 129 -13.00 4.58 -0.60
N MET D 130 -12.55 3.33 -0.79
CA MET D 130 -13.43 2.16 -0.78
C MET D 130 -14.16 2.01 0.55
N SER D 131 -13.46 2.34 1.64
CA SER D 131 -13.95 2.12 2.99
C SER D 131 -15.15 2.97 3.42
N THR D 132 -15.48 3.99 2.63
CA THR D 132 -16.66 4.82 2.90
C THR D 132 -17.94 3.98 2.86
N TYR D 133 -17.95 2.98 1.97
CA TYR D 133 -19.04 2.03 1.85
C TYR D 133 -19.36 1.38 3.21
N ALA D 134 -18.31 1.04 3.96
CA ALA D 134 -18.45 0.38 5.26
C ALA D 134 -19.18 1.24 6.28
N TYR D 135 -18.92 2.54 6.26
CA TYR D 135 -19.55 3.46 7.21
C TYR D 135 -21.06 3.57 7.05
N HIS D 136 -21.53 3.54 5.80
CA HIS D 136 -22.95 3.67 5.51
C HIS D 136 -23.74 2.41 5.81
N PHE D 137 -23.07 1.26 5.73
CA PHE D 137 -23.70 -0.03 5.96
C PHE D 137 -23.53 -0.51 7.40
N GLY D 138 -22.75 0.24 8.18
CA GLY D 138 -22.45 -0.13 9.57
C GLY D 138 -21.53 -1.32 9.68
N MET D 139 -20.62 -1.45 8.72
CA MET D 139 -19.68 -2.55 8.67
C MET D 139 -18.34 -2.15 9.26
N ILE D 140 -17.78 -3.01 10.11
CA ILE D 140 -16.50 -2.72 10.76
C ILE D 140 -15.32 -2.99 9.81
N ILE D 141 -14.45 -1.99 9.64
CA ILE D 141 -13.31 -2.10 8.72
C ILE D 141 -12.13 -2.81 9.40
N VAL D 142 -11.61 -3.82 8.74
CA VAL D 142 -10.51 -4.62 9.28
C VAL D 142 -9.22 -4.39 8.47
N PRO D 143 -8.32 -3.54 9.01
CA PRO D 143 -7.01 -3.41 8.37
C PRO D 143 -6.06 -4.49 8.86
N ILE D 144 -4.98 -4.71 8.12
CA ILE D 144 -3.99 -5.71 8.50
C ILE D 144 -2.85 -5.11 9.33
N GLY D 145 -2.64 -3.80 9.19
CA GLY D 145 -1.63 -3.07 9.94
C GLY D 145 -0.23 -3.58 9.68
N TYR D 146 0.48 -3.89 10.77
CA TYR D 146 1.81 -4.45 10.69
C TYR D 146 1.89 -5.73 11.53
N GLY D 147 0.98 -6.65 11.24
CA GLY D 147 0.85 -7.90 11.99
C GLY D 147 1.99 -8.87 11.79
N ILE D 148 2.31 -9.16 10.53
CA ILE D 148 3.42 -10.04 10.18
C ILE D 148 4.67 -9.22 9.79
N PRO D 149 5.87 -9.74 10.09
CA PRO D 149 7.14 -9.06 9.75
C PRO D 149 7.27 -8.67 8.27
N GLU D 150 6.63 -9.43 7.39
CA GLU D 150 6.66 -9.18 5.94
C GLU D 150 6.13 -7.79 5.56
N LEU D 151 5.27 -7.23 6.39
CA LEU D 151 4.70 -5.90 6.15
C LEU D 151 5.70 -4.76 6.41
N PHE D 152 6.67 -4.99 7.30
CA PHE D 152 7.78 -4.07 7.49
C PHE D 152 8.77 -4.22 6.34
N GLN D 153 8.96 -5.46 5.88
CA GLN D 153 10.04 -5.82 4.97
C GLN D 153 9.72 -5.64 3.49
N THR D 154 8.43 -5.58 3.16
CA THR D 154 7.99 -5.50 1.76
C THR D 154 8.42 -4.21 1.07
N THR D 155 9.00 -4.35 -0.12
CA THR D 155 9.41 -3.21 -0.94
C THR D 155 8.57 -3.16 -2.22
N THR D 156 7.72 -4.16 -2.39
CA THR D 156 6.93 -4.32 -3.61
C THR D 156 5.45 -3.98 -3.44
N GLY D 157 4.66 -4.95 -2.96
CA GLY D 157 3.23 -4.76 -2.71
C GLY D 157 2.84 -5.07 -1.28
N GLY D 158 1.77 -4.43 -0.82
CA GLY D 158 1.23 -4.67 0.52
C GLY D 158 1.61 -3.59 1.52
N GLY D 159 0.64 -3.17 2.32
CA GLY D 159 0.86 -2.17 3.36
C GLY D 159 -0.10 -2.33 4.51
N PRO D 160 -0.07 -1.39 5.47
CA PRO D 160 -0.99 -1.43 6.62
C PRO D 160 -2.46 -1.37 6.22
N TYR D 161 -2.76 -0.67 5.13
CA TYR D 161 -4.12 -0.50 4.65
C TYR D 161 -4.72 -1.79 4.11
N GLY D 162 -3.86 -2.63 3.52
CA GLY D 162 -4.28 -3.89 2.91
C GLY D 162 -3.28 -4.41 1.91
N ALA D 163 -3.48 -5.65 1.47
CA ALA D 163 -2.59 -6.30 0.51
C ALA D 163 -2.72 -5.68 -0.87
N THR D 164 -1.60 -5.51 -1.55
CA THR D 164 -1.57 -4.96 -2.90
C THR D 164 -0.59 -5.71 -3.80
N HIS D 165 -0.51 -5.28 -5.06
CA HIS D 165 0.49 -5.78 -5.99
C HIS D 165 1.12 -4.61 -6.75
N LEU D 166 2.44 -4.67 -6.91
CA LEU D 166 3.19 -3.66 -7.65
C LEU D 166 3.46 -4.12 -9.07
N GLY D 167 3.20 -3.24 -10.03
CA GLY D 167 3.41 -3.52 -11.45
C GLY D 167 2.14 -3.93 -12.18
N SER D 168 2.28 -4.18 -13.48
CA SER D 168 1.14 -4.52 -14.34
C SER D 168 0.94 -6.03 -14.55
N LYS D 169 2.04 -6.79 -14.53
CA LYS D 169 1.97 -8.25 -14.69
C LYS D 169 1.14 -8.90 -13.59
N GLU D 170 0.68 -10.13 -13.84
CA GLU D 170 -0.23 -10.82 -12.93
C GLU D 170 0.45 -11.73 -11.90
N GLU D 171 1.78 -11.74 -11.90
CA GLU D 171 2.56 -12.64 -11.03
C GLU D 171 2.91 -12.02 -9.68
N LEU D 172 2.40 -12.61 -8.60
CA LEU D 172 2.71 -12.16 -7.25
C LEU D 172 4.00 -12.80 -6.75
N ASP D 173 4.84 -11.99 -6.10
CA ASP D 173 6.07 -12.48 -5.48
C ASP D 173 5.80 -13.04 -4.07
N GLU D 174 6.86 -13.53 -3.41
CA GLU D 174 6.74 -14.17 -2.11
C GLU D 174 6.14 -13.26 -1.04
N MET D 175 6.64 -12.03 -0.98
CA MET D 175 6.18 -11.04 0.00
C MET D 175 4.69 -10.78 -0.11
N GLU D 176 4.24 -10.56 -1.35
CA GLU D 176 2.84 -10.24 -1.63
C GLU D 176 1.89 -11.38 -1.29
N ARG D 177 2.36 -12.61 -1.45
CA ARG D 177 1.57 -13.80 -1.14
C ARG D 177 1.38 -14.00 0.35
N LYS D 178 2.45 -13.82 1.12
CA LYS D 178 2.42 -13.93 2.58
C LYS D 178 1.45 -12.92 3.20
N ILE D 179 1.53 -11.68 2.69
CA ILE D 179 0.69 -10.57 3.14
C ILE D 179 -0.79 -10.81 2.81
N ALA D 180 -1.05 -11.31 1.60
CA ALA D 180 -2.41 -11.58 1.14
C ALA D 180 -3.10 -12.67 1.96
N ARG D 181 -2.36 -13.74 2.25
CA ARG D 181 -2.86 -14.84 3.08
C ARG D 181 -3.16 -14.37 4.51
N PHE D 182 -2.33 -13.47 5.02
CA PHE D 182 -2.53 -12.88 6.33
C PHE D 182 -3.83 -12.08 6.42
N GLN D 183 -4.17 -11.39 5.33
CA GLN D 183 -5.43 -10.65 5.25
C GLN D 183 -6.62 -11.61 5.35
N GLY D 184 -6.47 -12.79 4.76
CA GLY D 184 -7.46 -13.85 4.87
C GLY D 184 -7.63 -14.30 6.31
N LYS D 185 -6.50 -14.42 7.02
CA LYS D 185 -6.51 -14.83 8.42
C LYS D 185 -7.19 -13.78 9.31
N ARG D 186 -6.73 -12.54 9.20
CA ARG D 186 -7.22 -11.43 10.01
C ARG D 186 -8.73 -11.20 9.89
N ILE D 187 -9.24 -11.29 8.67
CA ILE D 187 -10.67 -11.09 8.44
C ILE D 187 -11.49 -12.27 8.97
N THR D 188 -10.92 -13.46 8.93
CA THR D 188 -11.55 -14.66 9.49
C THR D 188 -11.68 -14.54 11.02
N GLU D 189 -10.59 -14.15 11.67
CA GLU D 189 -10.53 -14.00 13.13
C GLU D 189 -11.57 -13.02 13.66
N VAL D 190 -11.77 -11.91 12.95
CA VAL D 190 -12.76 -10.90 13.33
C VAL D 190 -14.17 -11.40 13.01
N ALA D 191 -14.32 -12.01 11.83
CA ALA D 191 -15.61 -12.59 11.43
C ALA D 191 -16.06 -13.70 12.37
N LYS D 192 -15.12 -14.46 12.92
CA LYS D 192 -15.42 -15.49 13.90
C LYS D 192 -15.84 -14.87 15.23
N ALA D 193 -15.20 -13.74 15.59
CA ALA D 193 -15.49 -13.06 16.84
C ALA D 193 -16.90 -12.49 16.88
N ILE D 194 -17.33 -11.88 15.78
CA ILE D 194 -18.66 -11.25 15.69
C ILE D 194 -19.75 -12.31 15.55
N LYS D 195 -19.45 -13.38 14.81
CA LYS D 195 -20.39 -14.47 14.58
C LYS D 195 -20.56 -15.34 15.82
N CYS D 196 -19.47 -15.93 16.29
CA CYS D 196 -19.52 -16.89 17.40
C CYS D 196 -19.44 -16.18 18.75
N MET E 1 -6.94 -31.85 14.99
CA MET E 1 -5.50 -31.60 14.68
C MET E 1 -4.80 -31.01 15.91
N SER E 2 -4.69 -31.81 16.97
CA SER E 2 -4.06 -31.40 18.23
C SER E 2 -3.43 -32.56 18.98
N CYS E 3 -2.23 -32.31 19.54
CA CYS E 3 -1.63 -33.19 20.54
C CYS E 3 -2.04 -32.69 21.93
N LYS E 4 -2.32 -33.64 22.82
CA LYS E 4 -2.81 -33.30 24.16
C LYS E 4 -1.75 -33.59 25.22
N PRO E 5 -1.24 -32.53 25.87
CA PRO E 5 -0.23 -32.70 26.91
C PRO E 5 -0.80 -33.19 28.23
N ASN E 6 0.00 -33.95 28.96
CA ASN E 6 -0.38 -34.44 30.27
C ASN E 6 0.15 -33.52 31.37
N ILE E 7 -0.76 -33.07 32.24
CA ILE E 7 -0.40 -32.15 33.31
C ILE E 7 -0.74 -32.71 34.68
N LEU E 8 0.28 -32.82 35.51
CA LEU E 8 0.11 -33.23 36.90
C LEU E 8 0.01 -32.00 37.80
N VAL E 9 -1.07 -31.92 38.55
CA VAL E 9 -1.22 -30.89 39.57
C VAL E 9 -0.90 -31.51 40.93
N LEU E 10 0.32 -31.25 41.40
CA LEU E 10 0.85 -31.86 42.62
C LEU E 10 0.88 -30.86 43.77
N PHE E 11 0.36 -31.28 44.93
CA PHE E 11 0.32 -30.40 46.09
C PHE E 11 0.40 -31.10 47.44
N TYR E 12 0.94 -30.40 48.44
CA TYR E 12 0.75 -30.73 49.84
C TYR E 12 -0.31 -29.79 50.39
N GLY E 13 -1.12 -30.28 51.33
CA GLY E 13 -2.06 -29.42 52.04
C GLY E 13 -3.51 -29.87 52.06
N TYR E 14 -4.30 -29.16 52.87
CA TYR E 14 -5.65 -29.57 53.22
C TYR E 14 -6.62 -28.38 53.27
N GLY E 15 -6.09 -27.18 53.10
CA GLY E 15 -6.89 -25.95 53.20
C GLY E 15 -7.26 -25.36 51.86
N SER E 16 -6.94 -24.08 51.67
CA SER E 16 -7.22 -23.37 50.44
C SER E 16 -6.37 -23.85 49.26
N ILE E 17 -5.21 -24.43 49.56
CA ILE E 17 -4.31 -24.98 48.54
C ILE E 17 -5.00 -26.02 47.65
N VAL E 18 -5.96 -26.74 48.20
CA VAL E 18 -6.74 -27.73 47.47
C VAL E 18 -7.63 -27.05 46.44
N GLU E 19 -8.32 -25.98 46.88
CA GLU E 19 -9.20 -25.20 46.01
C GLU E 19 -8.41 -24.59 44.84
N LEU E 20 -7.21 -24.08 45.15
CA LEU E 20 -6.30 -23.56 44.12
C LEU E 20 -5.85 -24.62 43.12
N ALA E 21 -5.62 -25.84 43.61
CA ALA E 21 -5.20 -26.96 42.77
C ALA E 21 -6.30 -27.38 41.80
N LYS E 22 -7.55 -27.34 42.28
CA LYS E 22 -8.73 -27.64 41.47
C LYS E 22 -8.93 -26.58 40.38
N GLU E 23 -8.69 -25.32 40.74
CA GLU E 23 -8.84 -24.19 39.81
C GLU E 23 -7.76 -24.17 38.73
N ILE E 24 -6.54 -24.60 39.07
CA ILE E 24 -5.46 -24.69 38.08
C ILE E 24 -5.77 -25.78 37.05
N GLY E 25 -6.19 -26.95 37.55
CA GLY E 25 -6.57 -28.07 36.71
C GLY E 25 -7.68 -27.75 35.73
N LYS E 26 -8.70 -27.02 36.20
CA LYS E 26 -9.81 -26.59 35.35
C LYS E 26 -9.33 -25.66 34.25
N GLY E 27 -8.43 -24.74 34.60
CA GLY E 27 -7.81 -23.84 33.64
C GLY E 27 -6.99 -24.56 32.58
N ALA E 28 -6.28 -25.61 32.99
CA ALA E 28 -5.47 -26.42 32.08
C ALA E 28 -6.35 -27.26 31.17
N GLU E 29 -7.51 -27.69 31.68
CA GLU E 29 -8.48 -28.45 30.90
C GLU E 29 -9.13 -27.60 29.81
N GLU E 30 -9.44 -26.35 30.14
CA GLU E 30 -9.99 -25.38 29.19
C GLU E 30 -9.01 -25.08 28.07
N ALA E 31 -7.72 -25.21 28.37
CA ALA E 31 -6.65 -25.06 27.38
C ALA E 31 -6.41 -26.35 26.59
N GLY E 32 -7.07 -27.43 27.01
CA GLY E 32 -7.03 -28.70 26.30
C GLY E 32 -5.90 -29.61 26.74
N ALA E 33 -5.99 -30.10 27.97
CA ALA E 33 -4.97 -30.99 28.53
C ALA E 33 -5.60 -32.09 29.37
N GLU E 34 -4.96 -33.26 29.39
CA GLU E 34 -5.35 -34.32 30.31
C GLU E 34 -4.75 -34.02 31.68
N VAL E 35 -5.62 -33.76 32.64
CA VAL E 35 -5.17 -33.33 33.97
C VAL E 35 -5.39 -34.41 35.02
N LYS E 36 -4.39 -34.60 35.88
CA LYS E 36 -4.50 -35.43 37.07
C LYS E 36 -4.03 -34.65 38.28
N ILE E 37 -4.94 -34.44 39.24
CA ILE E 37 -4.62 -33.72 40.47
C ILE E 37 -4.35 -34.72 41.59
N ARG E 38 -3.13 -34.70 42.12
CA ARG E 38 -2.69 -35.65 43.14
C ARG E 38 -2.01 -34.95 44.31
N ARG E 39 -1.99 -35.60 45.46
CA ARG E 39 -1.36 -35.06 46.67
C ARG E 39 -0.23 -35.96 47.18
N VAL E 40 0.57 -35.43 48.10
CA VAL E 40 1.68 -36.19 48.69
C VAL E 40 1.28 -36.79 50.04
N ARG E 41 2.02 -37.82 50.47
CA ARG E 41 1.79 -38.44 51.77
C ARG E 41 2.18 -37.50 52.91
N GLU E 42 1.41 -37.55 54.01
CA GLU E 42 1.70 -36.75 55.19
C GLU E 42 2.98 -37.22 55.87
N THR E 43 3.79 -36.26 56.30
CA THR E 43 5.16 -36.53 56.72
C THR E 43 5.41 -36.25 58.21
N LEU E 44 4.56 -35.39 58.80
CA LEU E 44 4.69 -34.98 60.19
C LEU E 44 4.51 -36.16 61.17
N PRO E 45 5.06 -36.04 62.40
CA PRO E 45 4.72 -36.99 63.45
C PRO E 45 3.22 -36.95 63.78
N PRO E 46 2.64 -38.11 64.18
CA PRO E 46 1.19 -38.25 64.43
C PRO E 46 0.59 -37.24 65.40
N GLU E 47 1.38 -36.78 66.37
CA GLU E 47 0.91 -35.80 67.37
C GLU E 47 0.65 -34.40 66.81
N PHE E 48 1.23 -34.11 65.65
CA PHE E 48 1.01 -32.83 64.97
C PHE E 48 -0.07 -32.92 63.90
N GLN E 49 -0.56 -34.15 63.66
CA GLN E 49 -1.61 -34.39 62.68
C GLN E 49 -3.01 -34.32 63.32
N SER E 50 -3.12 -33.52 64.38
CA SER E 50 -4.34 -33.46 65.18
C SER E 50 -5.45 -32.64 64.51
N ARG E 51 -5.18 -31.34 64.27
CA ARG E 51 -6.17 -30.45 63.67
C ARG E 51 -6.33 -30.64 62.17
N ILE E 52 -5.39 -31.38 61.56
CA ILE E 52 -5.42 -31.70 60.13
C ILE E 52 -6.68 -32.50 59.75
N PRO E 53 -7.49 -31.96 58.81
CA PRO E 53 -8.64 -32.68 58.29
C PRO E 53 -8.31 -33.50 57.03
N PHE E 54 -8.09 -34.81 57.20
CA PHE E 54 -7.80 -35.71 56.09
C PHE E 54 -9.02 -36.00 55.24
N ASP E 55 -10.20 -35.70 55.81
CA ASP E 55 -11.48 -35.92 55.14
C ASP E 55 -11.69 -35.02 53.91
N LYS E 56 -11.11 -33.82 53.97
CA LYS E 56 -11.23 -32.84 52.88
C LYS E 56 -10.50 -33.26 51.61
N VAL E 57 -9.54 -34.18 51.74
CA VAL E 57 -8.74 -34.62 50.61
C VAL E 57 -8.93 -36.11 50.26
N LYS E 58 -10.07 -36.67 50.67
CA LYS E 58 -10.38 -38.07 50.37
C LYS E 58 -10.66 -38.31 48.89
N ASP E 59 -11.11 -37.28 48.19
CA ASP E 59 -11.39 -37.34 46.76
C ASP E 59 -10.11 -37.25 45.94
N ILE E 60 -9.04 -36.77 46.56
CA ILE E 60 -7.75 -36.61 45.89
C ILE E 60 -6.80 -37.75 46.30
N PRO E 61 -6.47 -38.64 45.35
CA PRO E 61 -5.57 -39.77 45.61
C PRO E 61 -4.12 -39.32 45.74
N GLU E 62 -3.33 -40.04 46.53
CA GLU E 62 -1.91 -39.69 46.69
C GLU E 62 -1.12 -39.95 45.41
N VAL E 63 -0.08 -39.15 45.20
CA VAL E 63 0.73 -39.20 44.00
C VAL E 63 1.67 -40.42 44.01
N THR E 64 1.92 -40.95 42.82
CA THR E 64 2.93 -41.99 42.62
C THR E 64 4.09 -41.42 41.82
N LEU E 65 5.23 -42.10 41.87
CA LEU E 65 6.42 -41.69 41.13
C LEU E 65 6.21 -41.73 39.61
N ASP E 66 5.37 -42.65 39.16
CA ASP E 66 5.08 -42.81 37.74
C ASP E 66 4.24 -41.66 37.19
N ASP E 67 3.54 -40.95 38.07
CA ASP E 67 2.80 -39.74 37.69
C ASP E 67 3.74 -38.64 37.18
N MET E 68 4.99 -38.70 37.60
CA MET E 68 6.02 -37.75 37.15
C MET E 68 6.50 -38.07 35.74
N ARG E 69 6.49 -39.36 35.38
CA ARG E 69 6.87 -39.78 34.04
C ARG E 69 5.71 -39.62 33.06
N TRP E 70 4.49 -39.74 33.57
CA TRP E 70 3.28 -39.56 32.78
C TRP E 70 3.14 -38.12 32.31
N ALA E 71 3.47 -37.18 33.18
CA ALA E 71 3.27 -35.76 32.93
C ALA E 71 4.24 -35.15 31.91
N ASP E 72 3.69 -34.28 31.06
CA ASP E 72 4.48 -33.47 30.14
C ASP E 72 4.68 -32.07 30.73
N GLY E 73 3.77 -31.67 31.62
CA GLY E 73 3.85 -30.40 32.32
C GLY E 73 3.57 -30.56 33.80
N PHE E 74 4.03 -29.61 34.61
CA PHE E 74 3.89 -29.71 36.06
C PHE E 74 3.36 -28.44 36.73
N ALA E 75 2.54 -28.64 37.76
CA ALA E 75 2.11 -27.56 38.63
C ALA E 75 2.31 -28.03 40.08
N ILE E 76 3.43 -27.63 40.67
CA ILE E 76 3.81 -28.04 42.01
C ILE E 76 3.45 -26.95 43.02
N GLY E 77 2.65 -27.32 44.02
CA GLY E 77 2.17 -26.37 45.03
C GLY E 77 2.26 -26.86 46.46
N SER E 78 2.12 -25.93 47.39
CA SER E 78 2.23 -26.20 48.83
C SER E 78 1.97 -24.92 49.61
N PRO E 79 1.28 -25.03 50.76
CA PRO E 79 1.18 -23.84 51.61
C PRO E 79 2.55 -23.52 52.17
N THR E 80 2.85 -22.23 52.34
CA THR E 80 4.17 -21.81 52.79
C THR E 80 4.47 -22.30 54.20
N ARG E 81 5.65 -22.86 54.39
CA ARG E 81 6.17 -23.18 55.70
C ARG E 81 7.41 -22.35 55.96
N TYR E 82 7.18 -21.09 56.35
CA TYR E 82 8.24 -20.13 56.68
C TYR E 82 9.18 -19.85 55.50
N GLY E 83 8.59 -19.60 54.33
CA GLY E 83 9.35 -19.23 53.13
C GLY E 83 9.76 -20.40 52.25
N ASN E 84 9.51 -21.62 52.75
CA ASN E 84 9.82 -22.84 52.01
C ASN E 84 8.57 -23.70 51.86
N MET E 85 8.64 -24.70 51.00
CA MET E 85 7.59 -25.71 50.88
C MET E 85 7.50 -26.52 52.18
N ALA E 86 6.45 -27.32 52.31
CA ALA E 86 6.29 -28.18 53.47
C ALA E 86 7.16 -29.43 53.36
N GLY E 87 7.46 -30.04 54.51
CA GLY E 87 8.22 -31.29 54.55
C GLY E 87 7.62 -32.40 53.69
N GLY E 88 6.29 -32.45 53.65
CA GLY E 88 5.57 -33.47 52.87
C GLY E 88 5.95 -33.48 51.41
N LEU E 89 5.90 -32.31 50.79
CA LEU E 89 6.31 -32.14 49.40
C LEU E 89 7.83 -32.30 49.24
N LYS E 90 8.58 -31.81 50.23
CA LYS E 90 10.04 -31.89 50.20
C LYS E 90 10.53 -33.34 50.25
N THR E 91 9.85 -34.16 51.04
CA THR E 91 10.19 -35.58 51.14
C THR E 91 9.95 -36.30 49.81
N PHE E 92 8.76 -36.10 49.23
CA PHE E 92 8.46 -36.70 47.94
C PHE E 92 9.48 -36.30 46.87
N LEU E 93 9.85 -35.02 46.83
CA LEU E 93 10.81 -34.55 45.85
C LEU E 93 12.19 -35.18 46.03
N ASP E 94 12.53 -35.54 47.27
CA ASP E 94 13.76 -36.27 47.56
C ASP E 94 13.73 -37.70 47.02
N THR E 95 12.53 -38.28 46.94
CA THR E 95 12.35 -39.65 46.45
C THR E 95 12.51 -39.76 44.94
N THR E 96 12.36 -38.63 44.24
CA THR E 96 12.46 -38.59 42.78
C THR E 96 13.93 -38.66 42.32
N ALA E 97 14.79 -39.19 43.18
CA ALA E 97 16.21 -39.34 42.90
C ALA E 97 16.49 -40.32 41.75
N ILE E 98 15.68 -41.37 41.64
CA ILE E 98 15.79 -42.32 40.53
C ILE E 98 15.42 -41.68 39.20
N LEU E 99 14.53 -40.69 39.25
CA LEU E 99 14.12 -39.93 38.07
C LEU E 99 15.18 -38.91 37.67
N TRP E 100 15.99 -38.48 38.63
CA TRP E 100 17.08 -37.54 38.40
C TRP E 100 18.21 -38.21 37.61
N LYS E 101 18.54 -39.45 37.99
CA LYS E 101 19.59 -40.23 37.34
C LYS E 101 19.28 -40.49 35.87
N ASP E 102 18.00 -40.68 35.56
CA ASP E 102 17.56 -41.02 34.20
C ASP E 102 17.29 -39.80 33.31
N ASN E 103 17.39 -38.61 33.89
CA ASN E 103 17.10 -37.34 33.20
C ASN E 103 15.74 -37.33 32.48
N VAL E 104 14.73 -37.90 33.12
CA VAL E 104 13.40 -38.03 32.50
C VAL E 104 12.57 -36.75 32.55
N LEU E 105 12.77 -35.96 33.61
CA LEU E 105 12.05 -34.71 33.79
C LEU E 105 12.76 -33.54 33.09
N TYR E 106 13.90 -33.84 32.46
CA TYR E 106 14.71 -32.83 31.79
C TYR E 106 13.96 -32.12 30.68
N GLY E 107 13.95 -30.79 30.75
CA GLY E 107 13.33 -29.96 29.73
C GLY E 107 11.82 -29.81 29.85
N LYS E 108 11.23 -30.48 30.84
CA LYS E 108 9.78 -30.40 31.07
C LYS E 108 9.43 -29.08 31.76
N PRO E 109 8.29 -28.46 31.39
CA PRO E 109 7.83 -27.23 32.03
C PRO E 109 7.29 -27.44 33.44
N VAL E 110 7.52 -26.45 34.31
CA VAL E 110 6.97 -26.47 35.67
C VAL E 110 6.56 -25.06 36.13
N THR E 111 5.38 -24.98 36.75
CA THR E 111 4.86 -23.74 37.33
C THR E 111 4.63 -23.97 38.83
N PHE E 112 4.75 -22.91 39.63
CA PHE E 112 4.65 -23.04 41.09
C PHE E 112 3.53 -22.20 41.69
N PHE E 113 2.90 -22.72 42.74
CA PHE E 113 1.84 -22.00 43.46
C PHE E 113 1.85 -22.28 44.96
N THR E 114 1.50 -21.28 45.75
CA THR E 114 1.51 -21.37 47.21
C THR E 114 0.38 -20.55 47.84
N GLU E 115 0.39 -20.45 49.18
CA GLU E 115 -0.56 -19.60 49.90
C GLU E 115 -0.05 -19.32 51.31
N ALA E 116 -0.39 -18.14 51.82
CA ALA E 116 0.04 -17.69 53.15
C ALA E 116 -1.11 -16.96 53.86
N SER E 117 -1.08 -16.98 55.18
CA SER E 117 -2.14 -16.35 55.99
C SER E 117 -2.02 -14.83 56.03
N THR E 118 -0.79 -14.32 56.13
CA THR E 118 -0.53 -12.88 56.11
C THR E 118 -0.24 -12.39 54.68
N VAL E 119 -0.28 -11.06 54.50
CA VAL E 119 -0.16 -10.44 53.18
C VAL E 119 1.24 -10.58 52.54
N HIS E 120 2.29 -10.53 53.35
CA HIS E 120 3.64 -10.68 52.83
C HIS E 120 4.43 -11.77 53.54
N GLY E 121 3.77 -12.90 53.81
CA GLY E 121 4.37 -14.00 54.57
C GLY E 121 4.73 -15.26 53.78
N GLY E 122 5.26 -15.07 52.58
CA GLY E 122 5.71 -16.19 51.74
C GLY E 122 4.93 -16.41 50.46
N HIS E 123 4.31 -15.35 49.94
CA HIS E 123 3.59 -15.41 48.68
C HIS E 123 4.53 -15.38 47.47
N GLU E 124 5.73 -14.84 47.69
CA GLU E 124 6.74 -14.70 46.64
C GLU E 124 7.95 -15.61 46.89
N THR E 125 8.52 -15.53 48.09
CA THR E 125 9.75 -16.26 48.42
C THR E 125 9.61 -17.78 48.30
N THR E 126 8.45 -18.30 48.68
CA THR E 126 8.16 -19.74 48.67
C THR E 126 8.28 -20.29 47.25
N ILE E 127 7.76 -19.53 46.28
CA ILE E 127 7.87 -19.90 44.87
C ILE E 127 9.32 -19.84 44.38
N LEU E 128 10.06 -18.84 44.85
CA LEU E 128 11.47 -18.66 44.46
C LEU E 128 12.37 -19.77 45.00
N THR E 129 12.09 -20.23 46.22
CA THR E 129 12.85 -21.31 46.84
C THR E 129 12.45 -22.67 46.26
N MET E 130 11.19 -22.78 45.84
CA MET E 130 10.71 -23.98 45.16
C MET E 130 11.40 -24.18 43.82
N SER E 131 11.84 -23.08 43.19
CA SER E 131 12.38 -23.11 41.83
C SER E 131 13.73 -23.84 41.71
N THR E 132 14.50 -23.87 42.79
CA THR E 132 15.82 -24.50 42.80
C THR E 132 15.76 -25.93 42.26
N TYR E 133 14.70 -26.65 42.62
CA TYR E 133 14.46 -28.03 42.18
C TYR E 133 14.52 -28.16 40.66
N ALA E 134 13.89 -27.21 39.96
CA ALA E 134 13.82 -27.24 38.49
C ALA E 134 15.19 -27.08 37.83
N TYR E 135 16.08 -26.33 38.47
CA TYR E 135 17.43 -26.14 37.96
C TYR E 135 18.21 -27.46 37.95
N HIS E 136 18.09 -28.21 39.05
CA HIS E 136 18.82 -29.46 39.22
C HIS E 136 18.31 -30.59 38.32
N PHE E 137 17.02 -30.51 37.95
CA PHE E 137 16.40 -31.51 37.10
C PHE E 137 16.36 -31.09 35.63
N GLY E 138 16.81 -29.86 35.36
CA GLY E 138 16.81 -29.30 34.01
C GLY E 138 15.43 -28.90 33.52
N MET E 139 14.50 -28.71 34.44
CA MET E 139 13.12 -28.36 34.12
C MET E 139 13.00 -26.87 33.87
N ILE E 140 12.23 -26.49 32.85
CA ILE E 140 12.02 -25.07 32.54
C ILE E 140 10.90 -24.47 33.38
N ILE E 141 11.19 -23.32 34.01
CA ILE E 141 10.27 -22.72 34.97
C ILE E 141 9.34 -21.74 34.25
N VAL E 142 8.05 -21.89 34.52
CA VAL E 142 7.03 -21.06 33.87
C VAL E 142 6.33 -20.16 34.89
N PRO E 143 6.66 -18.87 34.89
CA PRO E 143 5.93 -17.89 35.68
C PRO E 143 4.69 -17.41 34.94
N ILE E 144 3.79 -16.73 35.65
CA ILE E 144 2.57 -16.22 35.01
C ILE E 144 2.66 -14.72 34.69
N GLY E 145 3.59 -14.04 35.33
CA GLY E 145 3.86 -12.62 35.09
C GLY E 145 2.64 -11.76 35.35
N TYR E 146 2.34 -10.87 34.41
CA TYR E 146 1.15 -10.04 34.47
C TYR E 146 0.35 -10.19 33.17
N GLY E 147 0.12 -11.44 32.78
CA GLY E 147 -0.55 -11.77 31.53
C GLY E 147 -2.00 -11.34 31.46
N ILE E 148 -2.73 -11.52 32.55
CA ILE E 148 -4.12 -11.09 32.62
C ILE E 148 -4.30 -9.82 33.47
N PRO E 149 -5.28 -8.96 33.10
CA PRO E 149 -5.55 -7.71 33.83
C PRO E 149 -5.83 -7.89 35.32
N GLU E 150 -6.29 -9.07 35.71
CA GLU E 150 -6.59 -9.39 37.10
C GLU E 150 -5.35 -9.37 38.01
N LEU E 151 -4.20 -9.70 37.42
CA LEU E 151 -2.91 -9.72 38.15
C LEU E 151 -2.43 -8.31 38.52
N PHE E 152 -3.00 -7.29 37.88
CA PHE E 152 -2.76 -5.90 38.25
C PHE E 152 -3.69 -5.46 39.37
N GLN E 153 -4.91 -5.98 39.35
CA GLN E 153 -6.00 -5.49 40.21
C GLN E 153 -6.01 -6.13 41.60
N THR E 154 -5.64 -7.40 41.66
CA THR E 154 -5.71 -8.18 42.90
C THR E 154 -5.06 -7.50 44.10
N THR E 155 -5.74 -7.55 45.24
CA THR E 155 -5.23 -7.01 46.49
C THR E 155 -5.20 -8.11 47.55
N THR E 156 -5.49 -9.34 47.13
CA THR E 156 -5.54 -10.49 48.04
C THR E 156 -4.48 -11.54 47.70
N GLY E 157 -4.79 -12.43 46.76
CA GLY E 157 -3.88 -13.49 46.36
C GLY E 157 -3.57 -13.48 44.88
N GLY E 158 -2.45 -14.08 44.52
CA GLY E 158 -2.01 -14.14 43.13
C GLY E 158 -1.00 -13.07 42.81
N GLY E 159 0.07 -13.47 42.11
CA GLY E 159 1.12 -12.56 41.72
C GLY E 159 1.92 -13.08 40.54
N PRO E 160 2.93 -12.32 40.08
CA PRO E 160 3.77 -12.68 38.95
C PRO E 160 4.50 -14.02 39.14
N TYR E 161 4.75 -14.39 40.38
CA TYR E 161 5.49 -15.61 40.71
C TYR E 161 4.60 -16.85 40.58
N GLY E 162 3.32 -16.70 40.90
CA GLY E 162 2.35 -17.78 40.81
C GLY E 162 1.05 -17.42 41.50
N ALA E 163 0.07 -18.32 41.44
CA ALA E 163 -1.22 -18.11 42.08
C ALA E 163 -1.14 -18.41 43.57
N THR E 164 -1.73 -17.52 44.38
CA THR E 164 -1.76 -17.70 45.83
C THR E 164 -3.13 -17.41 46.42
N HIS E 165 -3.29 -17.68 47.71
CA HIS E 165 -4.47 -17.30 48.47
C HIS E 165 -4.06 -16.50 49.71
N LEU E 166 -4.82 -15.46 50.03
CA LEU E 166 -4.61 -14.68 51.24
C LEU E 166 -5.56 -15.10 52.36
N GLY E 167 -4.99 -15.37 53.54
CA GLY E 167 -5.78 -15.71 54.72
C GLY E 167 -5.74 -17.18 55.10
N SER E 168 -6.36 -17.50 56.24
CA SER E 168 -6.46 -18.87 56.73
C SER E 168 -7.76 -19.55 56.27
N LYS E 169 -8.57 -18.82 55.51
CA LYS E 169 -9.84 -19.31 54.97
C LYS E 169 -9.62 -20.37 53.89
N GLU E 170 -10.68 -21.11 53.56
CA GLU E 170 -10.61 -22.10 52.47
C GLU E 170 -11.18 -21.54 51.17
N GLU E 171 -12.21 -20.71 51.28
CA GLU E 171 -12.89 -20.14 50.12
C GLU E 171 -12.03 -19.09 49.41
N LEU E 172 -11.80 -19.30 48.12
CA LEU E 172 -11.06 -18.34 47.30
C LEU E 172 -12.00 -17.26 46.77
N ASP E 173 -11.47 -16.06 46.55
CA ASP E 173 -12.25 -14.99 45.93
C ASP E 173 -12.15 -15.08 44.40
N GLU E 174 -12.92 -14.24 43.70
CA GLU E 174 -13.03 -14.29 42.24
C GLU E 174 -11.70 -14.00 41.54
N MET E 175 -10.94 -13.04 42.07
CA MET E 175 -9.62 -12.69 41.54
C MET E 175 -8.68 -13.90 41.59
N GLU E 176 -8.67 -14.57 42.74
CA GLU E 176 -7.79 -15.72 42.98
C GLU E 176 -8.11 -16.90 42.06
N ARG E 177 -9.41 -17.15 41.86
CA ARG E 177 -9.87 -18.23 40.99
C ARG E 177 -9.53 -17.99 39.52
N LYS E 178 -9.61 -16.74 39.09
CA LYS E 178 -9.29 -16.34 37.72
C LYS E 178 -7.77 -16.44 37.45
N ILE E 179 -6.96 -16.09 38.46
CA ILE E 179 -5.50 -16.15 38.34
C ILE E 179 -5.00 -17.59 38.30
N ALA E 180 -5.59 -18.44 39.14
CA ALA E 180 -5.24 -19.86 39.20
C ALA E 180 -5.51 -20.57 37.87
N ARG E 181 -6.65 -20.25 37.26
CA ARG E 181 -7.01 -20.80 35.95
C ARG E 181 -6.04 -20.37 34.85
N PHE E 182 -5.53 -19.14 34.97
CA PHE E 182 -4.56 -18.61 34.02
C PHE E 182 -3.20 -19.30 34.18
N GLN E 183 -2.89 -19.73 35.41
CA GLN E 183 -1.67 -20.50 35.67
C GLN E 183 -1.72 -21.85 34.96
N GLY E 184 -2.85 -22.54 35.07
CA GLY E 184 -3.09 -23.81 34.39
C GLY E 184 -3.05 -23.66 32.88
N LYS E 185 -3.63 -22.57 32.39
CA LYS E 185 -3.60 -22.24 30.97
C LYS E 185 -2.15 -22.07 30.50
N ARG E 186 -1.36 -21.34 31.29
CA ARG E 186 0.02 -21.04 30.93
C ARG E 186 0.93 -22.27 30.86
N ILE E 187 0.76 -23.20 31.80
CA ILE E 187 1.56 -24.43 31.83
C ILE E 187 1.22 -25.38 30.67
N THR E 188 -0.04 -25.34 30.22
CA THR E 188 -0.49 -26.16 29.09
C THR E 188 0.19 -25.73 27.78
N GLU E 189 0.19 -24.42 27.55
CA GLU E 189 0.74 -23.84 26.32
C GLU E 189 2.23 -24.15 26.13
N VAL E 190 2.99 -24.04 27.23
CA VAL E 190 4.41 -24.36 27.22
C VAL E 190 4.62 -25.88 27.13
N ALA E 191 3.71 -26.63 27.73
CA ALA E 191 3.77 -28.11 27.75
C ALA E 191 3.68 -28.70 26.35
N LYS E 192 2.67 -28.29 25.59
CA LYS E 192 2.48 -28.79 24.22
C LYS E 192 3.53 -28.23 23.25
N ALA E 193 4.06 -27.05 23.57
CA ALA E 193 5.11 -26.43 22.77
C ALA E 193 6.43 -27.20 22.85
N ILE E 194 6.74 -27.71 24.04
CA ILE E 194 7.94 -28.52 24.24
C ILE E 194 7.72 -29.94 23.69
N LYS E 195 6.56 -30.51 24.01
CA LYS E 195 6.21 -31.89 23.62
C LYS E 195 6.11 -32.07 22.10
N CYS E 196 5.43 -31.13 21.44
CA CYS E 196 5.14 -31.24 20.01
C CYS E 196 5.79 -30.12 19.22
N CYS F 3 13.13 -22.39 9.43
CA CYS F 3 12.80 -21.24 10.32
C CYS F 3 13.62 -21.28 11.62
N LYS F 4 14.24 -20.14 11.95
CA LYS F 4 15.22 -20.08 13.04
C LYS F 4 14.93 -18.98 14.07
N PRO F 5 15.23 -19.25 15.36
CA PRO F 5 15.01 -18.27 16.41
C PRO F 5 16.12 -17.21 16.49
N ASN F 6 15.80 -16.06 17.06
CA ASN F 6 16.76 -15.01 17.33
C ASN F 6 17.25 -15.12 18.77
N ILE F 7 18.56 -15.30 18.94
CA ILE F 7 19.16 -15.44 20.26
C ILE F 7 20.04 -14.23 20.60
N LEU F 8 19.67 -13.53 21.67
CA LEU F 8 20.44 -12.38 22.15
C LEU F 8 21.30 -12.78 23.34
N VAL F 9 22.62 -12.63 23.18
CA VAL F 9 23.54 -12.90 24.28
C VAL F 9 23.96 -11.58 24.91
N LEU F 10 23.38 -11.30 26.08
CA LEU F 10 23.57 -10.04 26.79
C LEU F 10 24.43 -10.23 28.03
N PHE F 11 25.40 -9.34 28.23
CA PHE F 11 26.29 -9.42 29.39
C PHE F 11 26.88 -8.08 29.83
N TYR F 12 27.20 -8.01 31.12
CA TYR F 12 28.13 -7.00 31.65
C TYR F 12 29.45 -7.71 31.92
N GLY F 13 30.54 -6.96 31.86
CA GLY F 13 31.84 -7.48 32.26
C GLY F 13 32.89 -7.34 31.18
N TYR F 14 34.14 -7.62 31.57
CA TYR F 14 35.30 -7.39 30.72
C TYR F 14 36.29 -8.54 30.79
N GLY F 15 36.03 -9.50 31.68
CA GLY F 15 36.92 -10.64 31.90
C GLY F 15 36.43 -11.93 31.26
N SER F 16 36.41 -13.00 32.06
CA SER F 16 36.02 -14.34 31.61
C SER F 16 34.60 -14.41 31.06
N ILE F 17 33.75 -13.48 31.51
CA ILE F 17 32.35 -13.41 31.10
C ILE F 17 32.20 -13.20 29.59
N VAL F 18 33.18 -12.50 29.00
CA VAL F 18 33.18 -12.21 27.56
C VAL F 18 33.33 -13.49 26.76
N GLU F 19 34.30 -14.33 27.15
CA GLU F 19 34.55 -15.59 26.48
C GLU F 19 33.36 -16.55 26.67
N LEU F 20 32.80 -16.56 27.88
CA LEU F 20 31.59 -17.33 28.18
C LEU F 20 30.42 -16.90 27.30
N ALA F 21 30.28 -15.60 27.09
CA ALA F 21 29.23 -15.05 26.24
C ALA F 21 29.44 -15.42 24.77
N LYS F 22 30.71 -15.52 24.36
CA LYS F 22 31.07 -15.92 23.01
C LYS F 22 30.77 -17.40 22.74
N GLU F 23 31.11 -18.25 23.73
CA GLU F 23 30.86 -19.69 23.62
C GLU F 23 29.36 -20.03 23.61
N ILE F 24 28.56 -19.29 24.35
CA ILE F 24 27.10 -19.43 24.33
C ILE F 24 26.56 -19.05 22.95
N GLY F 25 27.11 -17.98 22.37
CA GLY F 25 26.76 -17.54 21.03
C GLY F 25 27.17 -18.54 19.96
N LYS F 26 28.35 -19.13 20.13
CA LYS F 26 28.87 -20.14 19.20
C LYS F 26 28.03 -21.42 19.26
N GLY F 27 27.69 -21.85 20.48
CA GLY F 27 26.87 -23.05 20.69
C GLY F 27 25.46 -22.91 20.17
N ALA F 28 24.94 -21.68 20.20
CA ALA F 28 23.60 -21.39 19.68
C ALA F 28 23.58 -21.39 18.16
N GLU F 29 24.72 -21.01 17.56
CA GLU F 29 24.89 -21.06 16.10
C GLU F 29 24.93 -22.50 15.59
N GLU F 30 25.60 -23.36 16.35
CA GLU F 30 25.68 -24.79 16.03
C GLU F 30 24.30 -25.43 16.05
N ALA F 31 23.45 -24.96 16.94
CA ALA F 31 22.08 -25.42 17.05
C ALA F 31 21.20 -24.86 15.93
N GLY F 32 21.70 -23.82 15.26
CA GLY F 32 21.02 -23.23 14.11
C GLY F 32 20.17 -22.03 14.44
N ALA F 33 20.81 -20.97 14.93
CA ALA F 33 20.11 -19.74 15.32
C ALA F 33 20.85 -18.49 14.88
N GLU F 34 20.11 -17.40 14.75
CA GLU F 34 20.68 -16.10 14.43
C GLU F 34 21.10 -15.41 15.73
N VAL F 35 22.40 -15.26 15.94
CA VAL F 35 22.90 -14.80 17.23
C VAL F 35 23.52 -13.40 17.15
N LYS F 36 23.06 -12.52 18.04
CA LYS F 36 23.68 -11.23 18.27
C LYS F 36 24.26 -11.19 19.69
N ILE F 37 25.51 -10.76 19.80
CA ILE F 37 26.15 -10.59 21.11
C ILE F 37 26.21 -9.10 21.46
N ARG F 38 25.55 -8.73 22.55
CA ARG F 38 25.51 -7.34 22.99
C ARG F 38 26.08 -7.15 24.41
N ARG F 39 26.21 -5.90 24.81
CA ARG F 39 26.88 -5.53 26.05
C ARG F 39 26.18 -4.31 26.65
N VAL F 40 26.12 -4.25 27.99
CA VAL F 40 25.51 -3.12 28.67
C VAL F 40 26.49 -1.96 28.90
N ARG F 41 25.94 -0.75 28.95
CA ARG F 41 26.71 0.46 29.24
C ARG F 41 27.28 0.39 30.66
N GLU F 42 28.54 0.82 30.80
CA GLU F 42 29.18 0.89 32.11
C GLU F 42 28.54 1.98 32.97
N THR F 43 28.31 1.67 34.24
CA THR F 43 27.55 2.55 35.11
C THR F 43 28.32 2.98 36.38
N LEU F 44 29.48 2.35 36.60
CA LEU F 44 30.34 2.73 37.72
C LEU F 44 30.82 4.17 37.59
N PRO F 45 30.97 4.87 38.73
CA PRO F 45 31.46 6.25 38.70
C PRO F 45 32.87 6.36 38.14
N PRO F 46 33.24 7.52 37.57
CA PRO F 46 34.55 7.74 36.94
C PRO F 46 35.77 7.33 37.78
N GLU F 47 35.68 7.48 39.10
CA GLU F 47 36.80 7.13 40.00
C GLU F 47 37.08 5.63 40.09
N PHE F 48 36.08 4.82 39.80
CA PHE F 48 36.22 3.36 39.86
C PHE F 48 36.42 2.71 38.49
N GLN F 49 36.72 3.52 37.49
CA GLN F 49 36.91 3.02 36.12
C GLN F 49 38.39 2.93 35.75
N SER F 50 39.26 3.07 36.75
CA SER F 50 40.71 3.11 36.54
C SER F 50 41.28 1.78 36.04
N ARG F 51 40.82 0.68 36.60
CA ARG F 51 41.35 -0.64 36.26
C ARG F 51 40.60 -1.29 35.09
N ILE F 52 39.39 -0.81 34.81
CA ILE F 52 38.53 -1.38 33.77
C ILE F 52 39.17 -1.32 32.38
N PRO F 53 39.35 -2.49 31.74
CA PRO F 53 39.90 -2.57 30.39
C PRO F 53 38.81 -2.56 29.31
N PHE F 54 38.51 -1.37 28.79
CA PHE F 54 37.48 -1.20 27.77
C PHE F 54 37.87 -1.80 26.42
N ASP F 55 39.18 -1.95 26.20
CA ASP F 55 39.72 -2.38 24.91
C ASP F 55 39.53 -3.87 24.61
N LYS F 56 39.08 -4.62 25.60
CA LYS F 56 38.74 -6.03 25.42
C LYS F 56 37.34 -6.22 24.84
N VAL F 57 36.54 -5.15 24.86
CA VAL F 57 35.14 -5.21 24.44
C VAL F 57 34.81 -4.13 23.38
N LYS F 58 35.78 -3.84 22.52
CA LYS F 58 35.57 -2.87 21.42
C LYS F 58 34.76 -3.47 20.29
N ASP F 59 34.91 -4.78 20.07
CA ASP F 59 34.22 -5.47 18.98
C ASP F 59 32.76 -5.76 19.29
N ILE F 60 32.40 -5.73 20.58
CA ILE F 60 31.03 -5.97 21.02
C ILE F 60 30.26 -4.65 21.16
N PRO F 61 29.26 -4.43 20.29
CA PRO F 61 28.42 -3.23 20.35
C PRO F 61 27.55 -3.20 21.60
N GLU F 62 27.13 -1.99 22.01
CA GLU F 62 26.25 -1.84 23.15
C GLU F 62 24.82 -2.26 22.83
N VAL F 63 24.11 -2.74 23.84
CA VAL F 63 22.74 -3.23 23.67
C VAL F 63 21.76 -2.07 23.57
N THR F 64 20.78 -2.22 22.69
CA THR F 64 19.67 -1.28 22.56
C THR F 64 18.35 -2.00 22.84
N LEU F 65 17.30 -1.24 23.14
CA LEU F 65 15.98 -1.82 23.44
C LEU F 65 15.34 -2.49 22.22
N ASP F 66 15.85 -2.18 21.03
CA ASP F 66 15.41 -2.81 19.79
C ASP F 66 15.92 -4.25 19.65
N ASP F 67 17.06 -4.53 20.27
CA ASP F 67 17.64 -5.88 20.29
C ASP F 67 16.80 -6.84 21.12
N MET F 68 16.18 -6.31 22.18
CA MET F 68 15.28 -7.08 23.03
C MET F 68 14.02 -7.48 22.27
N ARG F 69 13.53 -6.56 21.45
CA ARG F 69 12.36 -6.80 20.59
C ARG F 69 12.68 -7.81 19.50
N TRP F 70 13.89 -7.70 18.96
CA TRP F 70 14.37 -8.58 17.91
C TRP F 70 14.45 -10.04 18.36
N ALA F 71 14.89 -10.25 19.59
CA ALA F 71 15.17 -11.60 20.12
C ALA F 71 13.93 -12.46 20.34
N ASP F 72 14.10 -13.76 20.14
CA ASP F 72 13.10 -14.76 20.47
C ASP F 72 13.50 -15.47 21.77
N GLY F 73 14.80 -15.60 21.98
CA GLY F 73 15.36 -16.18 23.20
C GLY F 73 16.51 -15.36 23.75
N PHE F 74 16.76 -15.49 25.04
CA PHE F 74 17.75 -14.65 25.73
C PHE F 74 18.78 -15.44 26.52
N ALA F 75 20.01 -14.92 26.53
CA ALA F 75 21.06 -15.43 27.40
C ALA F 75 21.69 -14.23 28.10
N ILE F 76 21.26 -14.00 29.34
CA ILE F 76 21.71 -12.87 30.12
C ILE F 76 22.75 -13.32 31.14
N GLY F 77 23.84 -12.56 31.24
CA GLY F 77 24.94 -12.91 32.14
C GLY F 77 25.68 -11.73 32.73
N SER F 78 26.41 -12.00 33.80
CA SER F 78 27.24 -11.01 34.48
C SER F 78 28.08 -11.71 35.53
N PRO F 79 29.34 -11.26 35.72
CA PRO F 79 30.13 -11.79 36.84
C PRO F 79 29.47 -11.39 38.16
N THR F 80 29.64 -12.23 39.19
CA THR F 80 28.96 -12.00 40.46
C THR F 80 29.43 -10.72 41.14
N ARG F 81 28.47 -9.98 41.69
CA ARG F 81 28.75 -8.85 42.55
C ARG F 81 28.01 -9.08 43.87
N TYR F 82 28.62 -9.90 44.72
CA TYR F 82 28.12 -10.26 46.05
C TYR F 82 26.74 -10.93 46.01
N GLY F 83 26.64 -11.95 45.14
CA GLY F 83 25.41 -12.75 45.01
C GLY F 83 24.39 -12.20 44.04
N ASN F 84 24.63 -10.97 43.57
CA ASN F 84 23.76 -10.30 42.61
C ASN F 84 24.49 -10.01 41.29
N MET F 85 23.73 -9.56 40.30
CA MET F 85 24.29 -9.06 39.05
C MET F 85 24.96 -7.71 39.28
N ALA F 86 25.89 -7.34 38.40
CA ALA F 86 26.57 -6.07 38.50
C ALA F 86 25.63 -4.88 38.26
N GLY F 87 25.99 -3.72 38.81
CA GLY F 87 25.21 -2.50 38.66
C GLY F 87 24.89 -2.13 37.21
N GLY F 88 25.83 -2.44 36.31
CA GLY F 88 25.69 -2.14 34.88
C GLY F 88 24.52 -2.84 34.22
N LEU F 89 24.47 -4.16 34.38
CA LEU F 89 23.38 -4.98 33.86
C LEU F 89 22.04 -4.66 34.54
N LYS F 90 22.10 -4.38 35.84
CA LYS F 90 20.91 -4.06 36.61
C LYS F 90 20.28 -2.74 36.17
N THR F 91 21.14 -1.78 35.81
CA THR F 91 20.69 -0.49 35.30
C THR F 91 19.97 -0.64 33.97
N PHE F 92 20.53 -1.45 33.07
CA PHE F 92 19.89 -1.70 31.78
C PHE F 92 18.55 -2.40 31.94
N LEU F 93 18.48 -3.36 32.86
CA LEU F 93 17.24 -4.09 33.11
C LEU F 93 16.14 -3.17 33.65
N ASP F 94 16.55 -2.08 34.30
CA ASP F 94 15.61 -1.08 34.78
C ASP F 94 15.08 -0.20 33.65
N THR F 95 15.89 -0.02 32.60
CA THR F 95 15.47 0.77 31.44
C THR F 95 14.50 0.02 30.54
N THR F 96 14.32 -1.28 30.83
CA THR F 96 13.38 -2.11 30.07
C THR F 96 11.94 -2.02 30.59
N ALA F 97 11.64 -0.97 31.36
CA ALA F 97 10.31 -0.72 31.91
C ALA F 97 9.25 -0.46 30.83
N ILE F 98 9.72 0.02 29.67
CA ILE F 98 8.85 0.24 28.51
C ILE F 98 8.46 -1.08 27.85
N LEU F 99 9.33 -2.08 27.96
CA LEU F 99 9.10 -3.40 27.40
C LEU F 99 8.22 -4.24 28.32
N TRP F 100 8.19 -3.88 29.61
CA TRP F 100 7.36 -4.55 30.60
C TRP F 100 5.89 -4.19 30.40
N LYS F 101 5.62 -2.89 30.28
CA LYS F 101 4.27 -2.38 30.09
C LYS F 101 3.65 -2.88 28.78
N ASP F 102 4.49 -3.04 27.76
CA ASP F 102 4.04 -3.44 26.43
C ASP F 102 4.02 -4.97 26.22
N ASN F 103 4.32 -5.71 27.29
CA ASN F 103 4.36 -7.19 27.28
C ASN F 103 5.13 -7.78 26.09
N VAL F 104 6.29 -7.19 25.81
CA VAL F 104 7.11 -7.57 24.66
C VAL F 104 7.81 -8.91 24.86
N LEU F 105 8.37 -9.11 26.05
CA LEU F 105 9.16 -10.32 26.36
C LEU F 105 8.34 -11.47 26.95
N TYR F 106 7.03 -11.26 27.09
CA TYR F 106 6.16 -12.26 27.72
C TYR F 106 6.16 -13.60 26.97
N GLY F 107 6.58 -14.65 27.66
CA GLY F 107 6.61 -15.99 27.08
C GLY F 107 7.95 -16.42 26.49
N LYS F 108 8.84 -15.45 26.27
CA LYS F 108 10.17 -15.71 25.69
C LYS F 108 11.09 -16.39 26.71
N PRO F 109 11.86 -17.40 26.28
CA PRO F 109 12.75 -18.11 27.19
C PRO F 109 14.01 -17.33 27.53
N VAL F 110 14.55 -17.56 28.72
CA VAL F 110 15.76 -16.90 29.18
C VAL F 110 16.66 -17.86 29.96
N THR F 111 17.97 -17.75 29.74
CA THR F 111 18.95 -18.53 30.49
C THR F 111 20.01 -17.61 31.08
N PHE F 112 20.57 -18.00 32.23
CA PHE F 112 21.50 -17.13 32.96
C PHE F 112 22.87 -17.76 33.13
N PHE F 113 23.90 -16.91 33.08
CA PHE F 113 25.29 -17.34 33.28
C PHE F 113 26.10 -16.31 34.06
N THR F 114 27.11 -16.76 34.79
CA THR F 114 27.88 -15.87 35.65
C THR F 114 29.36 -16.26 35.78
N GLU F 115 30.07 -15.62 36.70
CA GLU F 115 31.49 -15.83 36.91
C GLU F 115 31.86 -15.40 38.32
N ALA F 116 32.71 -16.18 38.99
CA ALA F 116 33.19 -15.86 40.33
C ALA F 116 34.62 -16.35 40.54
N SER F 117 35.39 -15.60 41.33
CA SER F 117 36.80 -15.92 41.55
C SER F 117 37.02 -17.09 42.50
N THR F 118 36.26 -17.11 43.60
CA THR F 118 36.36 -18.17 44.61
C THR F 118 35.39 -19.31 44.33
N VAL F 119 35.63 -20.49 44.92
CA VAL F 119 34.89 -21.72 44.58
C VAL F 119 33.38 -21.70 44.88
N HIS F 120 32.98 -21.10 46.00
CA HIS F 120 31.55 -21.01 46.35
C HIS F 120 31.14 -19.58 46.68
N GLY F 121 31.49 -18.64 45.81
CA GLY F 121 31.23 -17.23 46.05
C GLY F 121 30.41 -16.55 44.98
N GLY F 122 29.31 -17.18 44.57
CA GLY F 122 28.36 -16.56 43.65
C GLY F 122 28.13 -17.30 42.34
N HIS F 123 28.44 -18.59 42.32
CA HIS F 123 28.22 -19.42 41.12
C HIS F 123 26.77 -19.87 40.97
N GLU F 124 26.04 -19.89 42.09
CA GLU F 124 24.66 -20.37 42.12
C GLU F 124 23.67 -19.26 42.44
N THR F 125 23.91 -18.57 43.55
CA THR F 125 22.99 -17.53 44.05
C THR F 125 22.79 -16.38 43.07
N THR F 126 23.84 -16.05 42.31
CA THR F 126 23.78 -14.95 41.33
C THR F 126 22.75 -15.26 40.24
N ILE F 127 22.69 -16.52 39.84
CA ILE F 127 21.72 -16.96 38.84
C ILE F 127 20.30 -16.94 39.42
N LEU F 128 20.16 -17.38 40.66
CA LEU F 128 18.86 -17.41 41.36
C LEU F 128 18.30 -16.01 41.59
N THR F 129 19.16 -15.06 41.92
CA THR F 129 18.75 -13.67 42.12
C THR F 129 18.43 -12.97 40.81
N MET F 130 19.19 -13.31 39.75
CA MET F 130 18.92 -12.79 38.41
C MET F 130 17.55 -13.21 37.92
N SER F 131 17.15 -14.44 38.27
CA SER F 131 15.96 -15.08 37.72
C SER F 131 14.65 -14.37 38.07
N THR F 132 14.68 -13.51 39.08
CA THR F 132 13.48 -12.78 39.52
C THR F 132 12.90 -11.90 38.41
N TYR F 133 13.80 -11.33 37.59
CA TYR F 133 13.42 -10.56 36.40
C TYR F 133 12.44 -11.32 35.51
N ALA F 134 12.68 -12.62 35.35
CA ALA F 134 11.89 -13.47 34.47
C ALA F 134 10.46 -13.71 34.96
N TYR F 135 10.26 -13.66 36.28
CA TYR F 135 8.94 -13.84 36.86
C TYR F 135 8.04 -12.62 36.61
N HIS F 136 8.60 -11.43 36.79
CA HIS F 136 7.85 -10.18 36.63
C HIS F 136 7.46 -9.93 35.17
N PHE F 137 8.28 -10.43 34.25
CA PHE F 137 8.05 -10.24 32.82
C PHE F 137 7.25 -11.38 32.18
N GLY F 138 7.12 -12.49 32.89
CA GLY F 138 6.43 -13.67 32.36
C GLY F 138 7.32 -14.44 31.40
N MET F 139 8.63 -14.37 31.62
CA MET F 139 9.61 -15.08 30.81
C MET F 139 9.92 -16.43 31.43
N ILE F 140 10.01 -17.46 30.60
CA ILE F 140 10.28 -18.81 31.11
C ILE F 140 11.80 -19.06 31.27
N ILE F 141 12.18 -19.59 32.43
CA ILE F 141 13.60 -19.79 32.75
C ILE F 141 14.08 -21.15 32.26
N VAL F 142 15.22 -21.13 31.56
CA VAL F 142 15.86 -22.33 31.05
C VAL F 142 17.17 -22.60 31.79
N PRO F 143 17.18 -23.61 32.67
CA PRO F 143 18.41 -24.07 33.30
C PRO F 143 19.15 -25.09 32.44
N ILE F 144 20.45 -25.21 32.66
CA ILE F 144 21.26 -26.23 31.99
C ILE F 144 20.93 -27.61 32.54
N GLY F 145 20.83 -27.71 33.86
CA GLY F 145 20.63 -28.99 34.55
C GLY F 145 21.84 -29.89 34.41
N TYR F 146 21.60 -31.15 34.08
CA TYR F 146 22.67 -32.10 33.84
C TYR F 146 22.47 -32.79 32.49
N GLY F 147 22.40 -31.97 31.43
CA GLY F 147 22.18 -32.46 30.08
C GLY F 147 23.37 -33.20 29.50
N ILE F 148 24.54 -32.57 29.55
CA ILE F 148 25.78 -33.20 29.08
C ILE F 148 26.62 -33.73 30.25
N PRO F 149 27.34 -34.85 30.03
CA PRO F 149 28.16 -35.52 31.05
C PRO F 149 29.18 -34.61 31.73
N GLU F 150 29.60 -33.54 31.04
CA GLU F 150 30.56 -32.58 31.58
C GLU F 150 30.07 -31.88 32.85
N LEU F 151 28.74 -31.81 33.00
CA LEU F 151 28.12 -31.17 34.16
C LEU F 151 28.26 -31.99 35.45
N PHE F 152 28.32 -33.31 35.30
CA PHE F 152 28.66 -34.21 36.40
C PHE F 152 30.16 -34.15 36.67
N GLN F 153 30.93 -33.95 35.60
CA GLN F 153 32.39 -34.08 35.63
C GLN F 153 33.15 -32.86 36.12
N THR F 154 32.64 -31.66 35.82
CA THR F 154 33.35 -30.41 36.11
C THR F 154 33.66 -30.21 37.60
N THR F 155 34.92 -29.91 37.88
CA THR F 155 35.36 -29.62 39.24
C THR F 155 35.79 -28.15 39.37
N THR F 156 35.56 -27.38 38.31
CA THR F 156 35.99 -25.98 38.27
C THR F 156 34.83 -25.00 38.00
N GLY F 157 34.35 -24.96 36.77
CA GLY F 157 33.30 -24.01 36.39
C GLY F 157 32.10 -24.67 35.77
N GLY F 158 30.94 -24.04 35.91
CA GLY F 158 29.69 -24.54 35.34
C GLY F 158 28.91 -25.42 36.30
N GLY F 159 27.59 -25.43 36.10
CA GLY F 159 26.70 -26.23 36.92
C GLY F 159 25.26 -26.17 36.45
N PRO F 160 24.34 -26.84 37.16
CA PRO F 160 22.93 -26.93 36.78
C PRO F 160 22.22 -25.58 36.65
N TYR F 161 22.63 -24.60 37.46
CA TYR F 161 22.01 -23.27 37.43
C TYR F 161 22.40 -22.47 36.18
N GLY F 162 23.62 -22.68 35.70
CA GLY F 162 24.13 -22.00 34.51
C GLY F 162 25.63 -22.12 34.37
N ALA F 163 26.14 -21.68 33.22
CA ALA F 163 27.57 -21.77 32.92
C ALA F 163 28.37 -20.72 33.67
N THR F 164 29.46 -21.13 34.28
CA THR F 164 30.33 -20.22 35.05
C THR F 164 31.82 -20.46 34.78
N HIS F 165 32.63 -19.52 35.22
CA HIS F 165 34.08 -19.67 35.21
C HIS F 165 34.62 -19.54 36.64
N LEU F 166 35.69 -20.29 36.93
CA LEU F 166 36.37 -20.20 38.22
C LEU F 166 37.75 -19.54 38.08
N GLY F 167 37.96 -18.49 38.86
CA GLY F 167 39.24 -17.79 38.89
C GLY F 167 39.14 -16.33 38.46
N SER F 168 40.09 -15.52 38.93
CA SER F 168 40.13 -14.09 38.59
C SER F 168 40.75 -13.83 37.21
N LYS F 169 41.30 -14.88 36.59
CA LYS F 169 41.91 -14.81 35.25
C LYS F 169 40.87 -14.58 34.13
N GLU F 170 41.26 -14.88 32.90
CA GLU F 170 40.46 -14.56 31.72
C GLU F 170 40.04 -15.79 30.90
N GLU F 171 40.93 -16.77 30.82
CA GLU F 171 40.79 -17.90 29.88
C GLU F 171 39.98 -19.07 30.45
N LEU F 172 39.00 -19.51 29.68
CA LEU F 172 38.19 -20.68 30.02
C LEU F 172 38.98 -21.97 29.82
N ASP F 173 38.60 -23.02 30.56
CA ASP F 173 39.17 -24.35 30.35
C ASP F 173 38.25 -25.23 29.49
N GLU F 174 38.71 -26.44 29.18
CA GLU F 174 38.02 -27.37 28.29
C GLU F 174 36.58 -27.66 28.72
N MET F 175 36.38 -27.91 30.01
CA MET F 175 35.07 -28.22 30.57
C MET F 175 34.09 -27.06 30.43
N GLU F 176 34.55 -25.85 30.74
CA GLU F 176 33.71 -24.64 30.78
C GLU F 176 33.18 -24.23 29.40
N ARG F 177 33.98 -24.46 28.37
CA ARG F 177 33.58 -24.13 26.99
C ARG F 177 32.44 -25.00 26.50
N LYS F 178 32.53 -26.30 26.80
CA LYS F 178 31.51 -27.27 26.41
C LYS F 178 30.16 -26.99 27.08
N ILE F 179 30.21 -26.66 28.36
CA ILE F 179 29.02 -26.35 29.15
C ILE F 179 28.34 -25.07 28.64
N ALA F 180 29.15 -24.04 28.38
CA ALA F 180 28.67 -22.77 27.82
C ALA F 180 28.09 -22.96 26.42
N ARG F 181 28.75 -23.76 25.59
CA ARG F 181 28.25 -24.08 24.25
C ARG F 181 26.94 -24.86 24.30
N PHE F 182 26.79 -25.69 25.33
CA PHE F 182 25.56 -26.44 25.54
C PHE F 182 24.40 -25.55 26.00
N GLN F 183 24.69 -24.57 26.86
CA GLN F 183 23.67 -23.63 27.34
C GLN F 183 23.07 -22.86 26.16
N GLY F 184 23.92 -22.44 25.23
CA GLY F 184 23.50 -21.78 24.00
C GLY F 184 22.66 -22.66 23.10
N LYS F 185 22.96 -23.97 23.10
CA LYS F 185 22.16 -24.95 22.37
C LYS F 185 20.81 -25.15 23.05
N ARG F 186 20.84 -25.24 24.38
CA ARG F 186 19.66 -25.46 25.20
C ARG F 186 18.63 -24.33 25.10
N ILE F 187 19.10 -23.07 25.08
CA ILE F 187 18.21 -21.92 24.94
C ILE F 187 17.60 -21.83 23.55
N THR F 188 18.36 -22.27 22.53
CA THR F 188 17.91 -22.28 21.15
C THR F 188 16.78 -23.30 20.95
N GLU F 189 16.92 -24.47 21.57
CA GLU F 189 15.93 -25.54 21.53
C GLU F 189 14.60 -25.10 22.11
N VAL F 190 14.65 -24.33 23.20
CA VAL F 190 13.44 -23.81 23.83
C VAL F 190 12.89 -22.62 23.04
N ALA F 191 13.78 -21.80 22.50
CA ALA F 191 13.39 -20.61 21.73
C ALA F 191 12.63 -20.92 20.44
N LYS F 192 13.10 -21.93 19.70
CA LYS F 192 12.43 -22.32 18.46
C LYS F 192 11.17 -23.15 18.70
N ALA F 193 11.04 -23.73 19.89
CA ALA F 193 9.85 -24.49 20.26
C ALA F 193 8.67 -23.58 20.60
N ILE F 194 8.97 -22.40 21.16
CA ILE F 194 7.94 -21.43 21.50
C ILE F 194 7.54 -20.59 20.27
N LYS F 195 8.52 -20.27 19.44
CA LYS F 195 8.32 -19.40 18.28
C LYS F 195 7.58 -20.10 17.13
N CYS F 196 8.17 -21.18 16.61
CA CYS F 196 7.64 -21.88 15.45
C CYS F 196 6.47 -22.79 15.81
N CYS F 197 6.64 -23.57 16.87
CA CYS F 197 5.64 -24.54 17.32
C CYS F 197 4.76 -23.96 18.42
N CYS G 3 -23.57 18.03 -40.95
CA CYS G 3 -22.58 17.31 -40.09
C CYS G 3 -21.18 17.28 -40.74
N LYS G 4 -20.17 17.51 -39.92
CA LYS G 4 -18.78 17.58 -40.36
C LYS G 4 -17.94 16.45 -39.76
N PRO G 5 -17.14 15.77 -40.60
CA PRO G 5 -16.19 14.79 -40.07
C PRO G 5 -14.86 15.45 -39.68
N ASN G 6 -14.23 14.92 -38.64
CA ASN G 6 -12.91 15.36 -38.23
C ASN G 6 -11.83 14.61 -38.99
N ILE G 7 -11.09 15.34 -39.83
CA ILE G 7 -10.02 14.74 -40.62
C ILE G 7 -8.66 15.15 -40.07
N LEU G 8 -7.84 14.14 -39.76
CA LEU G 8 -6.47 14.36 -39.33
C LEU G 8 -5.51 14.04 -40.46
N VAL G 9 -4.68 15.01 -40.81
CA VAL G 9 -3.65 14.81 -41.82
C VAL G 9 -2.30 14.66 -41.09
N LEU G 10 -1.88 13.41 -40.92
CA LEU G 10 -0.67 13.09 -40.18
C LEU G 10 0.47 12.74 -41.12
N PHE G 11 1.64 13.34 -40.91
CA PHE G 11 2.80 13.07 -41.75
C PHE G 11 4.14 13.13 -41.03
N TYR G 12 5.14 12.53 -41.65
CA TYR G 12 6.54 12.71 -41.29
C TYR G 12 7.21 13.43 -42.45
N GLY G 13 8.21 14.26 -42.15
CA GLY G 13 9.04 14.84 -43.19
C GLY G 13 9.08 16.36 -43.21
N TYR G 14 9.91 16.90 -44.10
CA TYR G 14 10.16 18.34 -44.17
C TYR G 14 10.02 18.90 -45.57
N GLY G 15 10.28 18.05 -46.58
CA GLY G 15 10.27 18.50 -47.97
C GLY G 15 8.89 18.65 -48.60
N SER G 16 8.72 17.98 -49.73
CA SER G 16 7.49 18.05 -50.54
C SER G 16 6.29 17.37 -49.90
N ILE G 17 6.56 16.45 -48.96
CA ILE G 17 5.52 15.73 -48.23
C ILE G 17 4.59 16.67 -47.45
N VAL G 18 5.11 17.84 -47.08
CA VAL G 18 4.36 18.89 -46.39
C VAL G 18 3.31 19.53 -47.32
N GLU G 19 3.71 19.80 -48.55
CA GLU G 19 2.82 20.39 -49.55
C GLU G 19 1.71 19.41 -49.94
N LEU G 20 2.04 18.13 -49.99
CA LEU G 20 1.07 17.05 -50.22
C LEU G 20 0.02 17.02 -49.11
N ALA G 21 0.48 17.15 -47.88
CA ALA G 21 -0.38 17.15 -46.69
C ALA G 21 -1.36 18.31 -46.69
N LYS G 22 -0.92 19.47 -47.19
CA LYS G 22 -1.75 20.67 -47.26
C LYS G 22 -2.83 20.61 -48.33
N GLU G 23 -2.48 20.10 -49.50
CA GLU G 23 -3.43 19.93 -50.59
C GLU G 23 -4.50 18.89 -50.24
N ILE G 24 -4.08 17.86 -49.50
CA ILE G 24 -5.01 16.86 -48.98
C ILE G 24 -5.97 17.51 -47.98
N GLY G 25 -5.43 18.34 -47.10
CA GLY G 25 -6.23 19.10 -46.14
C GLY G 25 -7.19 20.04 -46.84
N LYS G 26 -6.68 20.74 -47.86
CA LYS G 26 -7.47 21.68 -48.64
C LYS G 26 -8.62 20.97 -49.35
N GLY G 27 -8.33 19.84 -49.96
CA GLY G 27 -9.35 19.02 -50.63
C GLY G 27 -10.39 18.52 -49.65
N ALA G 28 -9.97 18.26 -48.42
CA ALA G 28 -10.86 17.81 -47.37
C ALA G 28 -11.73 18.95 -46.84
N GLU G 29 -11.12 20.13 -46.68
CA GLU G 29 -11.83 21.34 -46.24
C GLU G 29 -12.96 21.71 -47.19
N GLU G 30 -12.65 21.72 -48.49
CA GLU G 30 -13.63 22.07 -49.53
C GLU G 30 -14.69 21.00 -49.71
N ALA G 31 -14.38 19.77 -49.27
CA ALA G 31 -15.35 18.68 -49.25
C ALA G 31 -16.32 18.82 -48.08
N GLY G 32 -15.94 19.62 -47.08
CA GLY G 32 -16.82 19.93 -45.95
C GLY G 32 -16.42 19.28 -44.64
N ALA G 33 -15.15 19.40 -44.28
CA ALA G 33 -14.62 18.76 -43.07
C ALA G 33 -13.83 19.74 -42.23
N GLU G 34 -13.86 19.53 -40.91
CA GLU G 34 -12.96 20.24 -40.01
C GLU G 34 -11.62 19.50 -40.02
N VAL G 35 -10.58 20.20 -40.47
CA VAL G 35 -9.29 19.57 -40.77
C VAL G 35 -8.16 20.05 -39.85
N LYS G 36 -7.33 19.10 -39.43
CA LYS G 36 -6.11 19.40 -38.68
C LYS G 36 -4.93 18.69 -39.31
N ILE G 37 -3.88 19.46 -39.61
CA ILE G 37 -2.65 18.92 -40.18
C ILE G 37 -1.58 18.88 -39.10
N ARG G 38 -1.03 17.69 -38.83
CA ARG G 38 -0.05 17.50 -37.75
C ARG G 38 1.14 16.66 -38.20
N ARG G 39 2.28 16.86 -37.53
CA ARG G 39 3.52 16.14 -37.84
C ARG G 39 4.07 15.37 -36.65
N VAL G 40 4.89 14.36 -36.92
CA VAL G 40 5.47 13.53 -35.85
C VAL G 40 6.83 14.04 -35.39
N ARG G 41 7.15 13.75 -34.13
CA ARG G 41 8.44 14.07 -33.55
C ARG G 41 9.53 13.28 -34.25
N GLU G 42 10.68 13.92 -34.49
CA GLU G 42 11.82 13.25 -35.09
C GLU G 42 12.46 12.27 -34.11
N THR G 43 12.69 11.04 -34.57
CA THR G 43 13.23 9.99 -33.72
C THR G 43 14.67 9.61 -34.09
N LEU G 44 15.17 10.16 -35.20
CA LEU G 44 16.54 9.93 -35.64
C LEU G 44 17.54 10.47 -34.63
N PRO G 45 18.68 9.77 -34.44
CA PRO G 45 19.75 10.26 -33.57
C PRO G 45 20.18 11.67 -33.97
N PRO G 46 20.56 12.50 -32.97
CA PRO G 46 20.95 13.90 -33.23
C PRO G 46 22.00 14.05 -34.33
N GLU G 47 22.93 13.10 -34.41
CA GLU G 47 24.01 13.12 -35.41
C GLU G 47 23.55 12.76 -36.84
N PHE G 48 22.25 12.52 -37.02
CA PHE G 48 21.69 12.26 -38.35
C PHE G 48 20.62 13.28 -38.72
N GLN G 49 20.56 14.38 -37.96
CA GLN G 49 19.58 15.45 -38.19
C GLN G 49 20.23 16.69 -38.80
N SER G 50 19.45 17.40 -39.62
CA SER G 50 19.90 18.63 -40.27
C SER G 50 20.06 19.76 -39.26
N ARG G 51 20.97 20.68 -39.54
CA ARG G 51 21.28 21.77 -38.60
C ARG G 51 20.91 23.16 -39.16
N ILE G 52 20.25 23.17 -40.32
CA ILE G 52 19.99 24.42 -41.04
C ILE G 52 18.71 25.17 -40.57
N PRO G 53 17.50 24.61 -40.83
CA PRO G 53 16.30 25.38 -40.50
C PRO G 53 15.78 25.08 -39.09
N ASP G 59 5.59 25.90 -37.83
CA ASP G 59 4.20 26.31 -38.06
C ASP G 59 3.19 25.17 -37.98
N ILE G 60 3.64 23.95 -38.31
CA ILE G 60 2.80 22.76 -38.16
C ILE G 60 3.07 22.11 -36.79
N PRO G 61 2.08 22.17 -35.89
CA PRO G 61 2.23 21.63 -34.53
C PRO G 61 2.38 20.11 -34.49
N GLU G 62 3.11 19.62 -33.48
CA GLU G 62 3.34 18.18 -33.31
C GLU G 62 2.05 17.45 -32.97
N VAL G 63 1.93 16.23 -33.50
CA VAL G 63 0.75 15.41 -33.26
C VAL G 63 0.71 14.91 -31.80
N THR G 64 -0.46 15.04 -31.18
CA THR G 64 -0.70 14.44 -29.88
C THR G 64 -1.48 13.14 -30.10
N LEU G 65 -1.35 12.22 -29.16
CA LEU G 65 -2.06 10.95 -29.21
C LEU G 65 -3.58 11.14 -29.22
N ASP G 66 -4.02 12.31 -28.74
CA ASP G 66 -5.43 12.65 -28.66
C ASP G 66 -6.05 13.01 -30.01
N ASP G 67 -5.22 13.54 -30.91
CA ASP G 67 -5.67 13.88 -32.26
C ASP G 67 -6.23 12.67 -32.99
N MET G 68 -5.65 11.50 -32.70
CA MET G 68 -6.11 10.22 -33.26
C MET G 68 -7.51 9.88 -32.77
N ARG G 69 -7.75 10.12 -31.47
CA ARG G 69 -9.06 9.93 -30.86
C ARG G 69 -10.06 10.95 -31.40
N TRP G 70 -9.58 12.17 -31.67
CA TRP G 70 -10.40 13.27 -32.16
C TRP G 70 -10.93 13.02 -33.59
N ALA G 71 -10.11 12.37 -34.41
CA ALA G 71 -10.40 12.23 -35.83
C ALA G 71 -11.47 11.20 -36.17
N ASP G 72 -12.30 11.52 -37.16
CA ASP G 72 -13.26 10.59 -37.73
C ASP G 72 -12.71 9.92 -38.99
N GLY G 73 -11.68 10.52 -39.58
CA GLY G 73 -10.97 9.97 -40.73
C GLY G 73 -9.52 10.40 -40.75
N PHE G 74 -8.68 9.63 -41.44
CA PHE G 74 -7.24 9.85 -41.40
C PHE G 74 -6.60 9.96 -42.77
N ALA G 75 -5.57 10.80 -42.86
CA ALA G 75 -4.70 10.86 -44.01
C ALA G 75 -3.26 10.78 -43.50
N ILE G 76 -2.67 9.60 -43.60
CA ILE G 76 -1.35 9.33 -43.03
C ILE G 76 -0.30 9.21 -44.13
N GLY G 77 0.79 9.96 -44.00
CA GLY G 77 1.82 9.99 -45.02
C GLY G 77 3.24 10.05 -44.52
N SER G 78 4.17 9.67 -45.39
CA SER G 78 5.61 9.70 -45.12
C SER G 78 6.38 9.44 -46.41
N PRO G 79 7.47 10.18 -46.65
CA PRO G 79 8.34 9.88 -47.78
C PRO G 79 8.88 8.46 -47.59
N THR G 80 9.04 7.73 -48.70
CA THR G 80 9.46 6.34 -48.60
C THR G 80 10.85 6.21 -47.97
N ARG G 81 10.97 5.26 -47.05
CA ARG G 81 12.25 4.88 -46.50
C ARG G 81 12.44 3.40 -46.76
N TYR G 82 12.81 3.08 -47.99
CA TYR G 82 13.08 1.71 -48.47
C TYR G 82 11.83 0.82 -48.43
N GLY G 83 10.75 1.31 -49.04
CA GLY G 83 9.49 0.58 -49.13
C GLY G 83 8.62 0.67 -47.89
N ASN G 84 9.18 1.23 -46.82
CA ASN G 84 8.47 1.40 -45.55
C ASN G 84 8.35 2.87 -45.18
N MET G 85 7.45 3.17 -44.25
CA MET G 85 7.34 4.50 -43.66
C MET G 85 8.61 4.82 -42.87
N ALA G 86 8.78 6.09 -42.52
CA ALA G 86 9.92 6.53 -41.74
C ALA G 86 9.81 6.12 -40.26
N GLY G 87 10.96 5.95 -39.62
CA GLY G 87 11.04 5.56 -38.22
C GLY G 87 10.31 6.48 -37.27
N GLY G 88 10.31 7.78 -37.61
CA GLY G 88 9.59 8.80 -36.86
C GLY G 88 8.12 8.48 -36.74
N LEU G 89 7.48 8.25 -37.89
CA LEU G 89 6.06 7.91 -37.95
C LEU G 89 5.77 6.55 -37.34
N LYS G 90 6.66 5.58 -37.57
CA LYS G 90 6.50 4.23 -37.05
C LYS G 90 6.57 4.18 -35.51
N THR G 91 7.44 5.00 -34.94
CA THR G 91 7.55 5.10 -33.48
C THR G 91 6.27 5.68 -32.86
N PHE G 92 5.74 6.73 -33.46
CA PHE G 92 4.49 7.34 -32.99
C PHE G 92 3.32 6.36 -33.08
N LEU G 93 3.31 5.55 -34.13
CA LEU G 93 2.23 4.57 -34.32
C LEU G 93 2.34 3.41 -33.34
N ASP G 94 3.52 3.22 -32.76
CA ASP G 94 3.73 2.23 -31.70
C ASP G 94 3.21 2.75 -30.36
N THR G 95 3.09 4.07 -30.22
CA THR G 95 2.56 4.67 -29.00
C THR G 95 1.03 4.61 -28.94
N THR G 96 0.40 4.16 -30.01
CA THR G 96 -1.06 4.10 -30.09
C THR G 96 -1.63 2.79 -29.54
N ALA G 97 -0.82 2.07 -28.77
CA ALA G 97 -1.22 0.80 -28.16
C ALA G 97 -2.48 0.92 -27.30
N ILE G 98 -2.62 2.03 -26.58
CA ILE G 98 -3.78 2.29 -25.74
C ILE G 98 -5.05 2.39 -26.60
N LEU G 99 -4.92 3.06 -27.73
CA LEU G 99 -6.02 3.18 -28.69
C LEU G 99 -6.37 1.83 -29.31
N TRP G 100 -5.37 0.96 -29.41
CA TRP G 100 -5.56 -0.38 -29.97
C TRP G 100 -6.35 -1.27 -29.01
N LYS G 101 -5.92 -1.30 -27.75
CA LYS G 101 -6.52 -2.15 -26.72
C LYS G 101 -8.01 -1.89 -26.51
N ASP G 102 -8.43 -0.65 -26.75
CA ASP G 102 -9.80 -0.21 -26.47
C ASP G 102 -10.66 0.02 -27.70
N ASN G 103 -10.15 -0.36 -28.88
CA ASN G 103 -10.88 -0.23 -30.15
C ASN G 103 -11.38 1.20 -30.43
N VAL G 104 -10.52 2.18 -30.16
CA VAL G 104 -10.85 3.58 -30.36
C VAL G 104 -10.98 3.92 -31.84
N LEU G 105 -10.02 3.46 -32.63
CA LEU G 105 -9.94 3.82 -34.06
C LEU G 105 -10.69 2.85 -34.97
N TYR G 106 -11.42 1.92 -34.36
CA TYR G 106 -12.14 0.89 -35.10
C TYR G 106 -13.22 1.47 -36.02
N GLY G 107 -13.21 1.04 -37.27
CA GLY G 107 -14.21 1.47 -38.25
C GLY G 107 -13.87 2.75 -39.01
N LYS G 108 -12.95 3.53 -38.46
CA LYS G 108 -12.56 4.81 -39.06
C LYS G 108 -11.80 4.61 -40.37
N PRO G 109 -12.12 5.41 -41.40
CA PRO G 109 -11.39 5.36 -42.66
C PRO G 109 -9.99 5.96 -42.59
N VAL G 110 -9.08 5.41 -43.38
CA VAL G 110 -7.72 5.94 -43.51
C VAL G 110 -7.26 5.88 -44.96
N THR G 111 -6.56 6.92 -45.39
CA THR G 111 -5.93 6.95 -46.71
C THR G 111 -4.44 7.24 -46.56
N PHE G 112 -3.64 6.76 -47.49
CA PHE G 112 -2.19 6.86 -47.40
C PHE G 112 -1.56 7.61 -48.58
N PHE G 113 -0.55 8.41 -48.27
CA PHE G 113 0.23 9.11 -49.30
C PHE G 113 1.72 9.04 -49.01
N THR G 114 2.55 9.13 -50.06
CA THR G 114 4.00 8.99 -49.91
C THR G 114 4.79 9.89 -50.89
N GLU G 115 6.12 9.72 -50.91
CA GLU G 115 7.00 10.51 -51.77
C GLU G 115 8.28 9.71 -52.07
N ALA G 116 8.76 9.81 -53.30
CA ALA G 116 10.00 9.11 -53.72
C ALA G 116 10.74 9.88 -54.80
N SER G 117 12.07 9.76 -54.82
CA SER G 117 12.90 10.47 -55.78
C SER G 117 12.96 9.79 -57.16
N THR G 118 13.21 8.49 -57.17
CA THR G 118 13.20 7.71 -58.41
C THR G 118 11.77 7.39 -58.81
N VAL G 119 11.59 6.97 -60.07
CA VAL G 119 10.25 6.76 -60.65
C VAL G 119 9.47 5.58 -60.05
N HIS G 120 10.15 4.48 -59.76
CA HIS G 120 9.52 3.33 -59.12
C HIS G 120 10.24 2.90 -57.84
N GLY G 121 10.60 3.88 -57.01
CA GLY G 121 11.38 3.62 -55.81
C GLY G 121 10.64 3.83 -54.50
N GLY G 122 9.35 3.46 -54.47
CA GLY G 122 8.56 3.53 -53.25
C GLY G 122 7.25 4.27 -53.34
N HIS G 123 6.71 4.42 -54.55
CA HIS G 123 5.43 5.10 -54.74
C HIS G 123 4.25 4.19 -54.45
N GLU G 124 4.48 2.87 -54.56
CA GLU G 124 3.42 1.88 -54.46
C GLU G 124 3.55 1.01 -53.21
N THR G 125 4.71 0.37 -53.05
CA THR G 125 4.95 -0.55 -51.94
C THR G 125 4.86 0.11 -50.57
N THR G 126 5.19 1.40 -50.50
CA THR G 126 5.15 2.16 -49.25
C THR G 126 3.73 2.19 -48.70
N ILE G 127 2.77 2.51 -49.56
CA ILE G 127 1.37 2.54 -49.18
C ILE G 127 0.84 1.14 -48.84
N LEU G 128 1.33 0.12 -49.54
CA LEU G 128 0.93 -1.25 -49.28
C LEU G 128 1.43 -1.75 -47.92
N THR G 129 2.64 -1.35 -47.54
CA THR G 129 3.21 -1.75 -46.25
C THR G 129 2.62 -0.92 -45.10
N MET G 130 2.33 0.34 -45.38
CA MET G 130 1.69 1.22 -44.40
C MET G 130 0.31 0.73 -43.99
N SER G 131 -0.36 0.04 -44.92
CA SER G 131 -1.77 -0.33 -44.77
C SER G 131 -2.04 -1.47 -43.80
N THR G 132 -1.00 -2.22 -43.44
CA THR G 132 -1.13 -3.29 -42.44
C THR G 132 -1.59 -2.77 -41.07
N TYR G 133 -1.23 -1.53 -40.76
CA TYR G 133 -1.67 -0.85 -39.54
C TYR G 133 -3.19 -0.82 -39.42
N ALA G 134 -3.87 -0.64 -40.55
CA ALA G 134 -5.32 -0.54 -40.59
C ALA G 134 -6.02 -1.87 -40.25
N TYR G 135 -5.43 -2.97 -40.70
CA TYR G 135 -5.98 -4.29 -40.45
C TYR G 135 -5.99 -4.66 -38.97
N HIS G 136 -4.89 -4.31 -38.29
CA HIS G 136 -4.75 -4.61 -36.87
C HIS G 136 -5.66 -3.72 -36.03
N PHE G 137 -5.87 -2.48 -36.47
CA PHE G 137 -6.74 -1.54 -35.78
C PHE G 137 -8.20 -1.62 -36.23
N GLY G 138 -8.45 -2.40 -37.30
CA GLY G 138 -9.78 -2.55 -37.86
C GLY G 138 -10.27 -1.31 -38.58
N MET G 139 -9.34 -0.54 -39.11
CA MET G 139 -9.65 0.67 -39.87
C MET G 139 -9.85 0.34 -41.34
N ILE G 140 -10.86 0.93 -41.96
CA ILE G 140 -11.10 0.72 -43.39
C ILE G 140 -10.16 1.56 -44.26
N ILE G 141 -9.50 0.89 -45.21
CA ILE G 141 -8.53 1.53 -46.10
C ILE G 141 -9.22 2.14 -47.31
N VAL G 142 -8.95 3.42 -47.56
CA VAL G 142 -9.54 4.15 -48.68
C VAL G 142 -8.48 4.52 -49.72
N PRO G 143 -8.43 3.78 -50.84
CA PRO G 143 -7.59 4.20 -51.95
C PRO G 143 -8.31 5.25 -52.81
N ILE G 144 -7.59 5.81 -53.79
CA ILE G 144 -8.18 6.79 -54.70
C ILE G 144 -8.47 6.23 -56.09
N GLY G 145 -7.73 5.18 -56.46
CA GLY G 145 -7.94 4.50 -57.74
C GLY G 145 -7.72 5.40 -58.95
N TYR G 146 -8.70 5.39 -59.84
CA TYR G 146 -8.66 6.19 -61.05
C TYR G 146 -9.95 6.98 -61.16
N GLY G 147 -10.25 7.76 -60.12
CA GLY G 147 -11.50 8.49 -60.01
C GLY G 147 -11.54 9.74 -60.87
N ILE G 148 -10.45 10.50 -60.86
CA ILE G 148 -10.35 11.71 -61.67
C ILE G 148 -9.38 11.50 -62.84
N PRO G 149 -9.64 12.14 -64.00
CA PRO G 149 -8.81 11.98 -65.20
C PRO G 149 -7.31 12.14 -64.97
N GLU G 150 -6.95 12.96 -63.98
CA GLU G 150 -5.54 13.25 -63.66
C GLU G 150 -4.75 12.03 -63.20
N LEU G 151 -5.44 10.95 -62.85
CA LEU G 151 -4.78 9.73 -62.38
C LEU G 151 -4.31 8.83 -63.53
N PHE G 152 -4.99 8.92 -64.68
CA PHE G 152 -4.52 8.31 -65.91
C PHE G 152 -3.45 9.18 -66.57
N GLN G 153 -3.56 10.49 -66.35
CA GLN G 153 -2.76 11.48 -67.09
C GLN G 153 -1.38 11.73 -66.50
N THR G 154 -1.22 11.52 -65.19
CA THR G 154 0.04 11.79 -64.51
C THR G 154 1.18 10.92 -65.03
N THR G 155 2.36 11.54 -65.18
CA THR G 155 3.57 10.85 -65.60
C THR G 155 4.68 11.06 -64.59
N THR G 156 4.39 11.91 -63.60
CA THR G 156 5.37 12.30 -62.59
C THR G 156 5.03 11.68 -61.23
N GLY G 157 3.96 12.14 -60.59
CA GLY G 157 3.58 11.67 -59.27
C GLY G 157 2.08 11.46 -59.10
N GLY G 158 1.73 10.44 -58.34
CA GLY G 158 0.32 10.10 -58.10
C GLY G 158 -0.06 8.79 -58.77
N GLY G 159 -0.97 8.06 -58.13
CA GLY G 159 -1.48 6.80 -58.67
C GLY G 159 -2.62 6.26 -57.83
N PRO G 160 -3.12 5.05 -58.18
CA PRO G 160 -4.27 4.44 -57.50
C PRO G 160 -4.06 4.15 -56.00
N TYR G 161 -2.81 3.96 -55.59
CA TYR G 161 -2.50 3.66 -54.19
C TYR G 161 -2.58 4.90 -53.29
N GLY G 162 -2.33 6.07 -53.86
CA GLY G 162 -2.38 7.33 -53.13
C GLY G 162 -1.55 8.42 -53.79
N ALA G 163 -1.76 9.65 -53.35
CA ALA G 163 -1.03 10.80 -53.88
C ALA G 163 0.46 10.73 -53.55
N THR G 164 1.29 11.03 -54.56
CA THR G 164 2.74 11.05 -54.38
C THR G 164 3.37 12.27 -55.05
N HIS G 165 4.67 12.47 -54.80
CA HIS G 165 5.46 13.46 -55.51
C HIS G 165 6.75 12.82 -56.00
N LEU G 166 7.16 13.16 -57.21
CA LEU G 166 8.42 12.68 -57.78
C LEU G 166 9.53 13.71 -57.59
N GLY G 167 10.71 13.24 -57.21
CA GLY G 167 11.89 14.10 -57.04
C GLY G 167 12.24 14.34 -55.58
N LYS G 169 12.63 17.99 -58.82
CA LYS G 169 12.40 19.23 -58.07
C LYS G 169 11.63 18.98 -56.77
N GLU G 170 11.57 19.99 -55.91
CA GLU G 170 10.93 19.89 -54.60
C GLU G 170 9.45 20.34 -54.62
N GLU G 171 9.10 21.17 -55.60
CA GLU G 171 7.75 21.75 -55.69
C GLU G 171 6.77 20.83 -56.44
N LEU G 172 5.55 20.72 -55.92
CA LEU G 172 4.49 19.91 -56.51
C LEU G 172 3.90 20.56 -57.77
N ASP G 173 3.67 19.74 -58.79
CA ASP G 173 3.07 20.21 -60.04
C ASP G 173 1.54 20.04 -60.07
N GLU G 174 0.92 20.54 -61.14
CA GLU G 174 -0.54 20.61 -61.26
C GLU G 174 -1.23 19.26 -61.11
N MET G 175 -0.70 18.25 -61.80
CA MET G 175 -1.23 16.88 -61.72
C MET G 175 -1.24 16.39 -60.27
N GLU G 176 -0.09 16.54 -59.60
CA GLU G 176 0.09 16.09 -58.22
C GLU G 176 -0.81 16.81 -57.22
N ARG G 177 -1.02 18.11 -57.43
CA ARG G 177 -1.88 18.93 -56.57
C ARG G 177 -3.36 18.56 -56.68
N LYS G 178 -3.81 18.29 -57.90
CA LYS G 178 -5.20 17.90 -58.16
C LYS G 178 -5.52 16.51 -57.62
N ILE G 179 -4.54 15.61 -57.67
CA ILE G 179 -4.67 14.26 -57.15
C ILE G 179 -4.73 14.27 -55.61
N ALA G 180 -3.84 15.06 -55.00
CA ALA G 180 -3.81 15.20 -53.54
C ALA G 180 -5.10 15.80 -53.00
N ARG G 181 -5.64 16.80 -53.70
CA ARG G 181 -6.93 17.40 -53.35
C ARG G 181 -8.09 16.41 -53.48
N PHE G 182 -7.97 15.47 -54.42
CA PHE G 182 -8.99 14.45 -54.63
C PHE G 182 -8.97 13.43 -53.50
N GLN G 183 -7.79 13.11 -53.00
CA GLN G 183 -7.61 12.18 -51.89
C GLN G 183 -8.28 12.69 -50.63
N GLY G 184 -8.15 14.01 -50.39
CA GLY G 184 -8.82 14.69 -49.30
C GLY G 184 -10.33 14.64 -49.43
N LYS G 185 -10.81 14.82 -50.66
CA LYS G 185 -12.24 14.72 -50.96
C LYS G 185 -12.73 13.28 -50.68
N ARG G 186 -11.95 12.30 -51.13
CA ARG G 186 -12.32 10.89 -50.97
C ARG G 186 -12.43 10.45 -49.51
N ILE G 187 -11.46 10.86 -48.69
CA ILE G 187 -11.46 10.47 -47.28
C ILE G 187 -12.55 11.17 -46.47
N THR G 188 -12.98 12.35 -46.94
CA THR G 188 -14.04 13.12 -46.29
C THR G 188 -15.42 12.53 -46.57
N GLU G 189 -15.63 12.05 -47.79
CA GLU G 189 -16.88 11.41 -48.19
C GLU G 189 -17.11 10.10 -47.45
N VAL G 190 -16.03 9.32 -47.27
CA VAL G 190 -16.10 8.04 -46.56
C VAL G 190 -16.27 8.27 -45.05
N ALA G 191 -15.53 9.22 -44.50
CA ALA G 191 -15.64 9.57 -43.09
C ALA G 191 -17.03 10.07 -42.69
N LYS G 192 -17.66 10.81 -43.61
CA LYS G 192 -19.02 11.32 -43.39
C LYS G 192 -20.06 10.21 -43.42
N ALA G 193 -19.81 9.20 -44.24
CA ALA G 193 -20.72 8.06 -44.38
C ALA G 193 -20.79 7.22 -43.11
N ILE G 194 -19.64 6.96 -42.50
CA ILE G 194 -19.54 6.13 -41.30
C ILE G 194 -20.02 6.87 -40.05
N LYS G 195 -19.68 8.16 -39.97
CA LYS G 195 -20.05 9.00 -38.83
C LYS G 195 -21.55 9.26 -38.72
N CYS G 196 -22.23 9.35 -39.85
CA CYS G 196 -23.67 9.66 -39.89
C CYS G 196 -24.52 8.43 -40.21
N CYS G 197 -24.76 7.61 -39.18
CA CYS G 197 -25.56 6.40 -39.29
C CYS G 197 -26.63 6.33 -38.20
N CYS H 3 37.83 -20.30 -45.33
CA CYS H 3 37.11 -18.99 -45.36
C CYS H 3 35.78 -19.05 -44.59
N LYS H 4 35.55 -18.00 -43.80
CA LYS H 4 34.43 -17.98 -42.85
C LYS H 4 33.60 -16.69 -42.96
N PRO H 5 32.28 -16.83 -43.19
CA PRO H 5 31.37 -15.69 -43.34
C PRO H 5 30.95 -15.02 -42.03
N ASN H 6 30.70 -13.72 -42.07
CA ASN H 6 30.27 -12.93 -40.92
C ASN H 6 28.76 -12.73 -40.94
N ILE H 7 28.10 -13.08 -39.83
CA ILE H 7 26.65 -12.95 -39.72
C ILE H 7 26.26 -11.95 -38.63
N LEU H 8 25.38 -11.02 -38.98
CA LEU H 8 24.86 -10.06 -38.02
C LEU H 8 23.40 -10.37 -37.71
N VAL H 9 23.15 -10.74 -36.45
CA VAL H 9 21.78 -10.94 -35.99
C VAL H 9 21.31 -9.64 -35.34
N LEU H 10 20.64 -8.81 -36.14
CA LEU H 10 20.17 -7.51 -35.71
C LEU H 10 18.70 -7.61 -35.30
N PHE H 11 18.38 -7.10 -34.12
CA PHE H 11 17.00 -7.14 -33.65
C PHE H 11 16.61 -5.94 -32.78
N TYR H 12 15.31 -5.65 -32.77
CA TYR H 12 14.72 -4.79 -31.75
C TYR H 12 13.97 -5.71 -30.78
N GLY H 13 13.88 -5.32 -29.51
CA GLY H 13 13.02 -6.02 -28.56
C GLY H 13 13.66 -6.44 -27.26
N TYR H 14 12.83 -6.96 -26.35
CA TYR H 14 13.24 -7.27 -24.98
C TYR H 14 12.67 -8.61 -24.49
N GLY H 15 11.77 -9.19 -25.27
CA GLY H 15 11.09 -10.42 -24.87
C GLY H 15 11.61 -11.68 -25.55
N SER H 16 10.69 -12.40 -26.18
CA SER H 16 10.98 -13.67 -26.86
C SER H 16 11.87 -13.51 -28.10
N ILE H 17 11.97 -12.28 -28.62
CA ILE H 17 12.78 -11.99 -29.79
C ILE H 17 14.28 -12.10 -29.49
N VAL H 18 14.63 -11.86 -28.23
CA VAL H 18 16.02 -11.97 -27.75
C VAL H 18 16.50 -13.42 -27.83
N GLU H 19 15.61 -14.34 -27.46
CA GLU H 19 15.92 -15.76 -27.46
C GLU H 19 15.83 -16.38 -28.85
N LEU H 20 15.06 -15.74 -29.73
CA LEU H 20 15.04 -16.11 -31.15
C LEU H 20 16.35 -15.72 -31.81
N ALA H 21 16.81 -14.50 -31.52
CA ALA H 21 18.07 -13.97 -32.01
C ALA H 21 19.25 -14.88 -31.65
N LYS H 22 19.31 -15.27 -30.36
CA LYS H 22 20.38 -16.12 -29.84
C LYS H 22 20.41 -17.51 -30.48
N GLU H 23 19.23 -18.07 -30.74
CA GLU H 23 19.12 -19.38 -31.40
C GLU H 23 19.52 -19.32 -32.88
N ILE H 24 19.15 -18.23 -33.55
CA ILE H 24 19.59 -17.98 -34.93
C ILE H 24 21.12 -17.87 -34.98
N GLY H 25 21.68 -17.14 -34.02
CA GLY H 25 23.12 -17.02 -33.89
C GLY H 25 23.78 -18.35 -33.61
N LYS H 26 23.14 -19.16 -32.76
CA LYS H 26 23.62 -20.49 -32.39
C LYS H 26 23.65 -21.42 -33.60
N GLY H 27 22.60 -21.37 -34.41
CA GLY H 27 22.53 -22.15 -35.64
C GLY H 27 23.53 -21.72 -36.69
N ALA H 28 23.82 -20.42 -36.72
CA ALA H 28 24.81 -19.85 -37.62
C ALA H 28 26.23 -20.25 -37.20
N GLU H 29 26.48 -20.28 -35.89
CA GLU H 29 27.77 -20.72 -35.34
C GLU H 29 28.06 -22.18 -35.70
N GLU H 30 27.03 -23.02 -35.61
CA GLU H 30 27.12 -24.44 -35.97
C GLU H 30 27.40 -24.64 -37.45
N ALA H 31 26.78 -23.81 -38.29
CA ALA H 31 27.00 -23.84 -39.73
C ALA H 31 28.40 -23.34 -40.10
N GLY H 32 29.07 -22.70 -39.14
CA GLY H 32 30.45 -22.27 -39.29
C GLY H 32 30.60 -20.80 -39.64
N ALA H 33 29.96 -19.94 -38.87
CA ALA H 33 30.04 -18.50 -39.08
C ALA H 33 30.51 -17.74 -37.85
N GLU H 34 31.04 -16.54 -38.08
CA GLU H 34 31.35 -15.60 -37.01
C GLU H 34 30.11 -14.76 -36.76
N VAL H 35 29.57 -14.83 -35.55
CA VAL H 35 28.29 -14.20 -35.23
C VAL H 35 28.44 -12.99 -34.31
N LYS H 36 27.69 -11.94 -34.63
CA LYS H 36 27.53 -10.78 -33.75
C LYS H 36 26.05 -10.48 -33.57
N ILE H 37 25.58 -10.59 -32.34
CA ILE H 37 24.21 -10.24 -32.00
C ILE H 37 24.19 -8.82 -31.45
N ARG H 38 23.48 -7.94 -32.15
CA ARG H 38 23.38 -6.53 -31.78
C ARG H 38 21.92 -6.11 -31.66
N ARG H 39 21.68 -5.02 -30.93
CA ARG H 39 20.34 -4.46 -30.76
C ARG H 39 20.29 -2.98 -31.13
N VAL H 40 19.09 -2.44 -31.33
CA VAL H 40 18.93 -1.05 -31.75
C VAL H 40 18.51 -0.14 -30.59
N ARG H 41 18.78 1.16 -30.74
CA ARG H 41 18.35 2.17 -29.77
C ARG H 41 16.84 2.24 -29.64
N GLU H 42 16.37 2.52 -28.43
CA GLU H 42 14.94 2.70 -28.20
C GLU H 42 14.52 4.12 -28.60
N THR H 43 13.44 4.22 -29.37
CA THR H 43 12.99 5.52 -29.88
C THR H 43 11.67 5.98 -29.26
N LEU H 44 10.98 5.06 -28.59
CA LEU H 44 9.75 5.40 -27.87
C LEU H 44 10.01 6.47 -26.82
N PRO H 45 9.12 7.49 -26.75
CA PRO H 45 9.20 8.51 -25.69
C PRO H 45 9.23 7.88 -24.28
N PRO H 46 10.01 8.47 -23.35
CA PRO H 46 10.25 7.89 -22.01
C PRO H 46 8.98 7.50 -21.24
N GLU H 47 7.84 8.06 -21.63
CA GLU H 47 6.55 7.72 -21.02
C GLU H 47 6.12 6.29 -21.33
N PHE H 48 6.60 5.76 -22.46
CA PHE H 48 6.23 4.43 -22.93
C PHE H 48 7.37 3.42 -22.74
N GLN H 49 8.34 3.77 -21.92
CA GLN H 49 9.49 2.90 -21.64
C GLN H 49 9.45 2.33 -20.22
N SER H 50 8.37 2.60 -19.49
CA SER H 50 8.23 2.23 -18.08
C SER H 50 8.19 0.72 -17.84
N ARG H 51 7.61 -0.01 -18.79
CA ARG H 51 7.39 -1.45 -18.62
C ARG H 51 8.44 -2.28 -19.38
N ILE H 52 9.56 -1.65 -19.71
CA ILE H 52 10.63 -2.29 -20.47
C ILE H 52 11.74 -2.80 -19.54
N PRO H 53 12.04 -4.12 -19.61
CA PRO H 53 13.16 -4.69 -18.86
C PRO H 53 14.46 -4.63 -19.65
N PHE H 54 15.26 -3.59 -19.38
CA PHE H 54 16.55 -3.40 -20.05
C PHE H 54 17.61 -4.40 -19.61
N ASP H 55 17.35 -5.11 -18.51
CA ASP H 55 18.27 -6.11 -17.97
C ASP H 55 18.29 -7.43 -18.76
N LYS H 56 17.30 -7.62 -19.63
CA LYS H 56 17.24 -8.80 -20.49
C LYS H 56 18.22 -8.67 -21.67
N VAL H 57 18.55 -7.43 -22.01
CA VAL H 57 19.47 -7.13 -23.12
C VAL H 57 20.68 -6.28 -22.69
N LYS H 58 20.92 -6.19 -21.39
CA LYS H 58 22.01 -5.38 -20.83
C LYS H 58 23.40 -5.85 -21.33
N ASP H 59 23.48 -7.11 -21.75
CA ASP H 59 24.72 -7.71 -22.21
C ASP H 59 24.89 -7.66 -23.73
N ILE H 60 23.79 -7.45 -24.44
CA ILE H 60 23.82 -7.34 -25.91
C ILE H 60 24.07 -5.88 -26.32
N PRO H 61 25.21 -5.63 -27.00
CA PRO H 61 25.62 -4.27 -27.40
C PRO H 61 24.70 -3.65 -28.45
N GLU H 62 24.77 -2.32 -28.56
CA GLU H 62 24.02 -1.60 -29.58
C GLU H 62 24.75 -1.67 -30.92
N VAL H 63 23.96 -1.76 -31.99
CA VAL H 63 24.47 -1.90 -33.33
C VAL H 63 25.09 -0.60 -33.85
N THR H 64 26.16 -0.73 -34.63
CA THR H 64 26.81 0.40 -35.29
C THR H 64 26.76 0.17 -36.79
N LEU H 65 27.01 1.24 -37.56
CA LEU H 65 27.06 1.14 -39.03
C LEU H 65 28.28 0.33 -39.51
N ASP H 66 29.28 0.18 -38.65
CA ASP H 66 30.44 -0.67 -38.92
C ASP H 66 30.04 -2.14 -38.98
N ASP H 67 29.11 -2.53 -38.10
CA ASP H 67 28.59 -3.89 -38.05
C ASP H 67 27.84 -4.25 -39.33
N MET H 68 27.29 -3.24 -39.99
CA MET H 68 26.60 -3.40 -41.27
C MET H 68 27.62 -3.65 -42.39
N ARG H 69 28.76 -2.96 -42.32
CA ARG H 69 29.84 -3.17 -43.28
C ARG H 69 30.57 -4.47 -43.00
N TRP H 70 30.65 -4.85 -41.72
CA TRP H 70 31.33 -6.06 -41.27
C TRP H 70 30.62 -7.34 -41.74
N ALA H 71 29.29 -7.29 -41.77
CA ALA H 71 28.48 -8.47 -42.06
C ALA H 71 28.57 -8.93 -43.51
N ASP H 72 28.59 -10.24 -43.70
CA ASP H 72 28.48 -10.87 -45.02
C ASP H 72 27.06 -11.38 -45.23
N GLY H 73 26.33 -11.54 -44.13
CA GLY H 73 24.93 -11.95 -44.16
C GLY H 73 24.18 -11.29 -43.01
N PHE H 74 22.87 -11.15 -43.18
CA PHE H 74 22.05 -10.44 -42.21
C PHE H 74 20.88 -11.28 -41.71
N ALA H 75 20.60 -11.17 -40.41
CA ALA H 75 19.40 -11.71 -39.81
C ALA H 75 18.70 -10.60 -39.06
N ILE H 76 17.81 -9.89 -39.74
CA ILE H 76 17.13 -8.73 -39.18
C ILE H 76 15.78 -9.16 -38.58
N GLY H 77 15.54 -8.77 -37.33
CA GLY H 77 14.33 -9.18 -36.64
C GLY H 77 13.73 -8.13 -35.72
N SER H 78 12.41 -8.23 -35.53
CA SER H 78 11.66 -7.33 -34.65
C SER H 78 10.29 -7.94 -34.36
N PRO H 79 9.81 -7.82 -33.11
CA PRO H 79 8.45 -8.22 -32.81
C PRO H 79 7.49 -7.32 -33.58
N THR H 80 6.42 -7.89 -34.12
CA THR H 80 5.50 -7.13 -34.97
C THR H 80 4.84 -5.96 -34.26
N ARG H 81 4.73 -4.84 -34.97
CA ARG H 81 3.96 -3.70 -34.50
C ARG H 81 2.92 -3.35 -35.56
N TYR H 82 1.81 -4.08 -35.50
CA TYR H 82 0.68 -3.95 -36.44
C TYR H 82 1.07 -4.20 -37.90
N GLY H 83 1.78 -5.31 -38.12
CA GLY H 83 2.15 -5.76 -39.47
C GLY H 83 3.43 -5.15 -40.00
N ASN H 84 3.99 -4.22 -39.25
CA ASN H 84 5.28 -3.60 -39.57
C ASN H 84 6.30 -3.85 -38.47
N MET H 85 7.57 -3.64 -38.78
CA MET H 85 8.62 -3.65 -37.77
C MET H 85 8.41 -2.52 -36.76
N ALA H 86 9.04 -2.65 -35.60
CA ALA H 86 8.91 -1.65 -34.54
C ALA H 86 9.67 -0.37 -34.90
N GLY H 87 9.12 0.76 -34.46
CA GLY H 87 9.70 2.08 -34.71
C GLY H 87 11.18 2.21 -34.43
N GLY H 88 11.66 1.45 -33.44
CA GLY H 88 13.06 1.44 -33.05
C GLY H 88 13.99 0.89 -34.12
N LEU H 89 13.63 -0.25 -34.70
CA LEU H 89 14.41 -0.84 -35.78
C LEU H 89 14.26 -0.03 -37.07
N LYS H 90 13.06 0.49 -37.31
CA LYS H 90 12.79 1.32 -38.48
C LYS H 90 13.62 2.60 -38.49
N THR H 91 13.79 3.20 -37.31
CA THR H 91 14.58 4.43 -37.19
C THR H 91 16.05 4.18 -37.52
N PHE H 92 16.60 3.08 -37.00
CA PHE H 92 17.99 2.73 -37.28
C PHE H 92 18.23 2.47 -38.76
N LEU H 93 17.30 1.77 -39.40
CA LEU H 93 17.43 1.45 -40.82
C LEU H 93 17.40 2.71 -41.69
N ASP H 94 16.80 3.79 -41.17
CA ASP H 94 16.81 5.08 -41.85
C ASP H 94 18.20 5.72 -41.82
N THR H 95 18.98 5.40 -40.79
CA THR H 95 20.34 5.93 -40.65
C THR H 95 21.34 5.24 -41.59
N THR H 96 20.89 4.20 -42.28
CA THR H 96 21.75 3.49 -43.22
C THR H 96 21.79 4.13 -44.61
N ALA H 97 21.25 5.36 -44.71
CA ALA H 97 21.23 6.11 -45.96
C ALA H 97 22.62 6.34 -46.54
N ILE H 98 23.59 6.62 -45.67
CA ILE H 98 24.99 6.81 -46.08
C ILE H 98 25.58 5.54 -46.70
N LEU H 99 25.09 4.39 -46.27
CA LEU H 99 25.52 3.09 -46.81
C LEU H 99 24.80 2.80 -48.13
N TRP H 100 23.59 3.32 -48.26
CA TRP H 100 22.78 3.13 -49.47
C TRP H 100 23.45 3.70 -50.70
N LYS H 101 23.96 4.92 -50.57
CA LYS H 101 24.52 5.67 -51.70
C LYS H 101 25.79 5.04 -52.28
N ASP H 102 26.52 4.30 -51.45
CA ASP H 102 27.76 3.65 -51.88
C ASP H 102 27.57 2.17 -52.19
N ASN H 103 26.33 1.69 -52.15
CA ASN H 103 25.98 0.28 -52.39
C ASN H 103 26.76 -0.71 -51.52
N VAL H 104 26.94 -0.36 -50.25
CA VAL H 104 27.78 -1.11 -49.33
C VAL H 104 27.23 -2.52 -49.07
N LEU H 105 25.92 -2.62 -48.90
CA LEU H 105 25.24 -3.88 -48.59
C LEU H 105 24.79 -4.66 -49.83
N TYR H 106 25.08 -4.12 -51.01
CA TYR H 106 24.65 -4.73 -52.27
C TYR H 106 25.14 -6.16 -52.44
N GLY H 107 24.22 -7.06 -52.82
CA GLY H 107 24.54 -8.46 -53.05
C GLY H 107 24.47 -9.33 -51.81
N LYS H 108 24.49 -8.71 -50.63
CA LYS H 108 24.51 -9.45 -49.37
C LYS H 108 23.13 -10.02 -49.03
N PRO H 109 23.07 -11.27 -48.55
CA PRO H 109 21.81 -11.91 -48.19
C PRO H 109 21.21 -11.39 -46.89
N VAL H 110 19.89 -11.52 -46.77
CA VAL H 110 19.18 -11.12 -45.56
C VAL H 110 17.99 -12.04 -45.28
N THR H 111 17.88 -12.49 -44.04
CA THR H 111 16.74 -13.27 -43.59
C THR H 111 16.01 -12.51 -42.48
N PHE H 112 14.70 -12.72 -42.38
CA PHE H 112 13.86 -11.97 -41.44
C PHE H 112 13.18 -12.87 -40.43
N PHE H 113 12.88 -12.30 -39.25
CA PHE H 113 12.18 -13.03 -38.19
C PHE H 113 11.39 -12.10 -37.27
N THR H 114 10.25 -12.57 -36.80
CA THR H 114 9.34 -11.77 -35.98
C THR H 114 8.66 -12.60 -34.88
N GLU H 115 7.61 -12.04 -34.28
CA GLU H 115 6.79 -12.74 -33.28
C GLU H 115 5.53 -11.93 -32.95
N ALA H 116 4.47 -12.63 -32.56
CA ALA H 116 3.19 -11.99 -32.23
C ALA H 116 2.44 -12.74 -31.14
N SER H 117 1.59 -12.01 -30.40
CA SER H 117 0.80 -12.60 -29.31
C SER H 117 -0.32 -13.50 -29.81
N THR H 118 -1.03 -13.05 -30.83
CA THR H 118 -2.11 -13.83 -31.44
C THR H 118 -1.57 -14.74 -32.55
N VAL H 119 -2.37 -15.74 -32.92
CA VAL H 119 -1.96 -16.77 -33.90
C VAL H 119 -1.75 -16.24 -35.32
N HIS H 120 -2.61 -15.35 -35.77
CA HIS H 120 -2.49 -14.77 -37.12
C HIS H 120 -2.37 -13.24 -37.08
N GLY H 121 -1.61 -12.74 -36.11
CA GLY H 121 -1.47 -11.30 -35.89
C GLY H 121 -0.13 -10.71 -36.27
N GLY H 122 0.44 -11.18 -37.37
CA GLY H 122 1.67 -10.60 -37.90
C GLY H 122 2.88 -11.52 -38.00
N HIS H 123 2.62 -12.83 -38.04
CA HIS H 123 3.70 -13.82 -38.19
C HIS H 123 4.22 -13.90 -39.62
N GLU H 124 3.42 -13.41 -40.57
CA GLU H 124 3.75 -13.51 -41.99
C GLU H 124 3.96 -12.13 -42.62
N THR H 125 3.00 -11.24 -42.42
CA THR H 125 2.98 -9.91 -43.04
C THR H 125 4.13 -9.01 -42.62
N THR H 126 4.59 -9.15 -41.38
CA THR H 126 5.69 -8.35 -40.86
C THR H 126 6.98 -8.62 -41.63
N ILE H 127 7.20 -9.89 -41.97
CA ILE H 127 8.36 -10.31 -42.74
C ILE H 127 8.30 -9.78 -44.18
N LEU H 128 7.09 -9.76 -44.74
CA LEU H 128 6.89 -9.29 -46.11
C LEU H 128 7.03 -7.76 -46.19
N THR H 129 6.57 -7.05 -45.17
CA THR H 129 6.73 -5.60 -45.12
C THR H 129 8.18 -5.23 -44.83
N MET H 130 8.85 -6.03 -44.01
CA MET H 130 10.28 -5.83 -43.71
C MET H 130 11.16 -6.05 -44.94
N SER H 131 10.71 -6.92 -45.83
CA SER H 131 11.50 -7.34 -46.99
C SER H 131 11.74 -6.25 -48.02
N THR H 132 10.93 -5.18 -47.98
CA THR H 132 11.04 -4.10 -48.94
C THR H 132 12.39 -3.39 -48.85
N TYR H 133 12.92 -3.31 -47.63
CA TYR H 133 14.25 -2.75 -47.38
C TYR H 133 15.31 -3.43 -48.24
N ALA H 134 15.18 -4.74 -48.43
CA ALA H 134 16.15 -5.54 -49.17
C ALA H 134 16.19 -5.20 -50.67
N TYR H 135 15.05 -4.81 -51.22
CA TYR H 135 14.95 -4.48 -52.64
C TYR H 135 15.70 -3.20 -52.99
N HIS H 136 15.63 -2.21 -52.10
CA HIS H 136 16.25 -0.91 -52.32
C HIS H 136 17.77 -0.93 -52.18
N PHE H 137 18.27 -1.89 -51.40
CA PHE H 137 19.70 -2.03 -51.16
C PHE H 137 20.34 -3.07 -52.07
N GLY H 138 19.51 -3.76 -52.85
CA GLY H 138 19.97 -4.86 -53.70
C GLY H 138 20.41 -6.06 -52.87
N MET H 139 19.72 -6.28 -51.75
CA MET H 139 20.00 -7.39 -50.85
C MET H 139 19.13 -8.59 -51.22
N ILE H 140 19.76 -9.76 -51.30
CA ILE H 140 19.03 -10.98 -51.66
C ILE H 140 18.30 -11.59 -50.45
N ILE H 141 17.00 -11.82 -50.60
CA ILE H 141 16.15 -12.27 -49.49
C ILE H 141 16.19 -13.80 -49.36
N VAL H 142 16.49 -14.27 -48.15
CA VAL H 142 16.55 -15.70 -47.89
C VAL H 142 15.42 -16.15 -46.96
N PRO H 143 14.36 -16.72 -47.54
CA PRO H 143 13.33 -17.40 -46.74
C PRO H 143 13.83 -18.76 -46.29
N ILE H 144 13.19 -19.33 -45.27
CA ILE H 144 13.52 -20.67 -44.81
C ILE H 144 12.60 -21.75 -45.40
N GLY H 145 11.42 -21.32 -45.85
CA GLY H 145 10.48 -22.20 -46.53
C GLY H 145 9.99 -23.37 -45.71
N TYR H 146 10.28 -24.57 -46.20
CA TYR H 146 9.90 -25.80 -45.52
C TYR H 146 11.05 -26.80 -45.54
N GLY H 147 12.23 -26.31 -45.15
CA GLY H 147 13.47 -27.09 -45.15
C GLY H 147 13.42 -28.24 -44.18
N ILE H 148 13.30 -27.93 -42.90
CA ILE H 148 13.24 -28.97 -41.87
C ILE H 148 11.81 -29.47 -41.61
N PRO H 149 11.66 -30.73 -41.15
CA PRO H 149 10.35 -31.32 -40.81
C PRO H 149 9.55 -30.49 -39.80
N GLU H 150 10.25 -29.77 -38.92
CA GLU H 150 9.62 -28.93 -37.90
C GLU H 150 8.77 -27.80 -38.49
N LEU H 151 9.15 -27.34 -39.69
CA LEU H 151 8.40 -26.29 -40.39
C LEU H 151 7.03 -26.74 -40.90
N PHE H 152 6.89 -28.03 -41.16
CA PHE H 152 5.59 -28.62 -41.50
C PHE H 152 4.74 -28.91 -40.25
N GLN H 153 5.42 -29.24 -39.15
CA GLN H 153 4.77 -29.82 -37.97
C GLN H 153 4.24 -28.82 -36.93
N THR H 154 4.86 -27.64 -36.85
CA THR H 154 4.49 -26.63 -35.85
C THR H 154 3.04 -26.19 -35.92
N THR H 155 2.42 -26.09 -34.75
CA THR H 155 1.09 -25.51 -34.62
C THR H 155 1.19 -24.18 -33.87
N THR H 156 2.42 -23.79 -33.57
CA THR H 156 2.69 -22.65 -32.69
C THR H 156 3.41 -21.50 -33.38
N GLY H 157 4.75 -21.55 -33.44
CA GLY H 157 5.54 -20.47 -34.04
C GLY H 157 6.45 -20.96 -35.15
N GLY H 158 6.76 -20.06 -36.09
CA GLY H 158 7.64 -20.38 -37.22
C GLY H 158 6.86 -20.70 -38.49
N GLY H 159 7.48 -20.42 -39.64
CA GLY H 159 6.84 -20.64 -40.94
C GLY H 159 7.78 -20.35 -42.10
N PRO H 160 7.26 -20.45 -43.34
CA PRO H 160 8.11 -20.29 -44.53
C PRO H 160 8.75 -18.91 -44.68
N TYR H 161 8.09 -17.88 -44.17
CA TYR H 161 8.58 -16.51 -44.26
C TYR H 161 9.75 -16.25 -43.32
N GLY H 162 9.78 -16.96 -42.19
CA GLY H 162 10.84 -16.84 -41.20
C GLY H 162 10.43 -17.38 -39.86
N ALA H 163 11.37 -17.49 -38.93
CA ALA H 163 11.12 -18.01 -37.60
C ALA H 163 10.34 -17.00 -36.75
N THR H 164 9.34 -17.49 -36.01
CA THR H 164 8.55 -16.65 -35.12
C THR H 164 8.27 -17.32 -33.78
N HIS H 165 7.76 -16.53 -32.83
CA HIS H 165 7.24 -17.06 -31.57
C HIS H 165 5.79 -16.64 -31.39
N LEU H 166 4.98 -17.55 -30.87
CA LEU H 166 3.57 -17.28 -30.57
C LEU H 166 3.35 -17.11 -29.06
N GLY H 167 2.86 -15.93 -28.67
CA GLY H 167 2.51 -15.66 -27.27
C GLY H 167 3.15 -14.42 -26.65
N SER H 168 2.79 -14.15 -25.40
CA SER H 168 3.31 -13.00 -24.65
C SER H 168 4.51 -13.36 -23.76
N LYS H 169 4.69 -14.66 -23.50
CA LYS H 169 5.80 -15.16 -22.69
C LYS H 169 7.13 -15.07 -23.42
N GLU H 170 8.23 -15.31 -22.70
CA GLU H 170 9.57 -15.23 -23.27
C GLU H 170 10.06 -16.56 -23.86
N GLU H 171 9.99 -17.62 -23.07
CA GLU H 171 10.60 -18.90 -23.42
C GLU H 171 10.03 -19.52 -24.68
N LEU H 172 10.94 -19.99 -25.54
CA LEU H 172 10.59 -20.66 -26.79
C LEU H 172 10.44 -22.16 -26.55
N ASP H 173 9.55 -22.79 -27.31
CA ASP H 173 9.40 -24.25 -27.27
C ASP H 173 10.39 -24.93 -28.22
N GLU H 174 10.52 -26.25 -28.06
CA GLU H 174 11.44 -27.06 -28.86
C GLU H 174 11.33 -26.74 -30.36
N MET H 175 10.09 -26.74 -30.86
CA MET H 175 9.80 -26.53 -32.28
C MET H 175 10.28 -25.17 -32.78
N GLU H 176 10.03 -24.12 -32.01
CA GLU H 176 10.48 -22.77 -32.35
C GLU H 176 12.01 -22.66 -32.34
N ARG H 177 12.64 -23.33 -31.37
CA ARG H 177 14.09 -23.31 -31.23
C ARG H 177 14.82 -24.01 -32.38
N LYS H 178 14.24 -25.11 -32.87
CA LYS H 178 14.81 -25.85 -33.98
C LYS H 178 14.69 -25.10 -35.30
N ILE H 179 13.58 -24.38 -35.47
CA ILE H 179 13.33 -23.56 -36.65
C ILE H 179 14.28 -22.36 -36.68
N ALA H 180 14.42 -21.69 -35.54
CA ALA H 180 15.33 -20.54 -35.41
C ALA H 180 16.76 -20.95 -35.75
N ARG H 181 17.23 -22.05 -35.17
CA ARG H 181 18.56 -22.59 -35.46
C ARG H 181 18.76 -22.89 -36.95
N PHE H 182 17.68 -23.32 -37.60
CA PHE H 182 17.71 -23.60 -39.03
C PHE H 182 17.84 -22.32 -39.86
N GLN H 183 17.18 -21.25 -39.41
CA GLN H 183 17.26 -19.95 -40.08
C GLN H 183 18.69 -19.41 -40.11
N GLY H 184 19.41 -19.59 -39.01
CA GLY H 184 20.82 -19.22 -38.94
C GLY H 184 21.68 -20.03 -39.90
N LYS H 185 21.34 -21.31 -40.03
CA LYS H 185 22.02 -22.21 -40.95
C LYS H 185 21.82 -21.76 -42.39
N ARG H 186 20.57 -21.48 -42.75
CA ARG H 186 20.23 -21.04 -44.11
C ARG H 186 20.94 -19.76 -44.53
N ILE H 187 20.99 -18.77 -43.64
CA ILE H 187 21.64 -17.49 -43.94
C ILE H 187 23.16 -17.61 -44.07
N THR H 188 23.76 -18.51 -43.29
CA THR H 188 25.20 -18.75 -43.33
C THR H 188 25.61 -19.41 -44.64
N GLU H 189 24.80 -20.37 -45.08
CA GLU H 189 25.05 -21.09 -46.34
C GLU H 189 25.02 -20.14 -47.54
N VAL H 190 24.02 -19.27 -47.59
CA VAL H 190 23.88 -18.29 -48.68
C VAL H 190 24.99 -17.23 -48.60
N ALA H 191 25.29 -16.78 -47.38
CA ALA H 191 26.36 -15.80 -47.15
C ALA H 191 27.73 -16.32 -47.60
N LYS H 192 27.96 -17.61 -47.34
CA LYS H 192 29.18 -18.30 -47.76
C LYS H 192 29.21 -18.47 -49.29
N ALA H 193 28.04 -18.73 -49.87
CA ALA H 193 27.93 -18.94 -51.31
C ALA H 193 28.28 -17.68 -52.11
N ILE H 194 27.88 -16.52 -51.59
CA ILE H 194 28.12 -15.24 -52.26
C ILE H 194 29.56 -14.74 -52.02
N LYS H 195 30.04 -14.87 -50.79
CA LYS H 195 31.37 -14.38 -50.42
C LYS H 195 32.51 -15.22 -51.04
N CYS H 196 32.47 -16.53 -50.81
CA CYS H 196 33.58 -17.41 -51.19
C CYS H 196 33.65 -17.73 -52.68
N CYS H 197 32.57 -17.45 -53.40
CA CYS H 197 32.49 -17.74 -54.84
C CYS H 197 31.88 -16.57 -55.60
#